data_5BYW
#
_entry.id   5BYW
#
_cell.length_a   222.325
_cell.length_b   222.325
_cell.length_c   207.895
_cell.angle_alpha   90.00
_cell.angle_beta   90.00
_cell.angle_gamma   120.00
#
_symmetry.space_group_name_H-M   'P 62 2 2'
#
loop_
_entity.id
_entity.type
_entity.pdbx_description
1 polymer 'Endoglucanase H'
2 water water
#
_entity_poly.entity_id   1
_entity_poly.type   'polypeptide(L)'
_entity_poly.pdbx_seq_one_letter_code
;MGSSHHHHHHSSGLVPRGSHMASMTGGQQMGRIEGREFSSPEALAAYREAIGAGSSNPTPTPTWTSTPPSSSPKAVDPFE
MVRKMGMGTNLGNTLEAPYEGSWSKSAMEYYFDDFKAAGYKNVRIPVRWDNHTMRTYPYTIDKAFLDRVEQVVDWSLSRG
FVTIINSHHDDWIKEDYNGNIERFEKIWEQIAERFKNKSENLLFEIMNEPFGNITDEQIDDMNSRILKIIRKTNPTRIVI
IGGGYWNSYNTLVNIKIPDDPYLIGTAHYYDPFEFTHQGAEWVEGSEKWLGRKWGTQEDMDTVVRVFDFVKSWSDRNNIP
VYFGEFAVMAYADRTSRVKWYDFISDAALERGFACSVWDNGVFGSLDNDMAIYNRDTRTFDTEILNALFNPGTYPSYSPK
PSPTPRPTKPPVTP
;
_entity_poly.pdbx_strand_id   A,B,C,D,E
#
# COMPACT_ATOMS: atom_id res chain seq x y z
N ALA A 75 -28.77 9.03 -17.34
CA ALA A 75 -28.82 7.52 -17.33
C ALA A 75 -28.71 6.94 -18.74
N VAL A 76 -27.57 6.29 -19.00
CA VAL A 76 -27.00 6.06 -20.31
C VAL A 76 -26.36 4.69 -20.31
N ASP A 77 -26.56 3.94 -21.39
CA ASP A 77 -25.94 2.61 -21.57
C ASP A 77 -24.40 2.77 -21.72
N PRO A 78 -23.60 2.01 -20.92
CA PRO A 78 -22.14 2.03 -21.03
C PRO A 78 -21.59 1.94 -22.46
N PHE A 79 -22.21 1.09 -23.28
CA PHE A 79 -21.76 0.87 -24.65
C PHE A 79 -21.97 2.07 -25.59
N GLU A 80 -22.94 2.93 -25.31
CA GLU A 80 -23.08 4.22 -26.00
C GLU A 80 -22.01 5.20 -25.52
N MET A 81 -21.77 5.19 -24.22
CA MET A 81 -20.76 6.07 -23.60
C MET A 81 -19.37 5.77 -24.16
N VAL A 82 -19.07 4.50 -24.35
CA VAL A 82 -17.79 4.11 -24.92
C VAL A 82 -17.64 4.62 -26.37
N ARG A 83 -18.73 4.53 -27.16
CA ARG A 83 -18.87 5.23 -28.48
C ARG A 83 -18.54 6.72 -28.44
N LYS A 84 -19.30 7.45 -27.63
CA LYS A 84 -19.14 8.89 -27.46
C LYS A 84 -17.71 9.24 -27.03
N MET A 85 -17.11 8.39 -26.19
CA MET A 85 -15.76 8.61 -25.68
C MET A 85 -14.71 8.65 -26.80
N GLY A 86 -14.88 7.76 -27.77
CA GLY A 86 -13.96 7.61 -28.88
C GLY A 86 -12.52 7.68 -28.44
N MET A 87 -11.77 8.57 -29.10
CA MET A 87 -10.36 8.73 -28.83
C MET A 87 -10.16 10.03 -28.05
N GLY A 88 -9.26 9.97 -27.06
CA GLY A 88 -9.10 11.05 -26.11
C GLY A 88 -7.71 11.13 -25.52
N THR A 89 -7.61 11.90 -24.44
CA THR A 89 -6.32 12.23 -23.82
C THR A 89 -6.38 12.23 -22.30
N ASN A 90 -5.25 11.92 -21.70
CA ASN A 90 -4.99 12.21 -20.29
C ASN A 90 -4.47 13.63 -20.11
N LEU A 91 -4.84 14.24 -18.99
CA LEU A 91 -4.21 15.44 -18.43
C LEU A 91 -3.08 15.02 -17.50
N GLY A 92 -2.00 14.53 -18.10
CA GLY A 92 -0.91 13.93 -17.34
C GLY A 92 -0.15 14.78 -16.35
N ASN A 93 0.50 14.11 -15.38
CA ASN A 93 1.38 14.76 -14.40
C ASN A 93 0.89 16.10 -13.89
N THR A 94 -0.41 16.21 -13.67
CA THR A 94 -0.97 17.48 -13.31
C THR A 94 -1.50 17.41 -11.91
N LEU A 95 -2.71 16.90 -11.75
CA LEU A 95 -3.35 16.85 -10.45
C LEU A 95 -2.97 15.59 -9.66
N GLU A 96 -2.32 14.62 -10.29
CA GLU A 96 -1.88 13.42 -9.58
C GLU A 96 -0.49 13.58 -9.00
N ALA A 97 0.10 14.74 -9.20
CA ALA A 97 1.37 15.04 -8.55
C ALA A 97 1.05 15.37 -7.10
N PRO A 98 2.07 15.33 -6.21
CA PRO A 98 1.82 15.57 -4.77
C PRO A 98 0.97 16.80 -4.57
N TYR A 99 1.39 17.90 -5.19
CA TYR A 99 0.64 19.16 -5.26
C TYR A 99 0.61 19.55 -6.72
N GLU A 100 -0.50 20.11 -7.16
CA GLU A 100 -0.57 20.55 -8.55
C GLU A 100 0.53 21.56 -8.88
N GLY A 101 1.23 21.31 -9.98
CA GLY A 101 2.30 22.20 -10.47
C GLY A 101 3.70 21.75 -10.08
N SER A 102 3.79 20.85 -9.09
CA SER A 102 5.09 20.31 -8.71
C SER A 102 5.70 19.54 -9.87
N TRP A 103 4.89 19.01 -10.80
CA TRP A 103 5.42 18.27 -11.96
C TRP A 103 5.27 19.04 -13.27
N SER A 104 4.35 18.64 -14.14
CA SER A 104 4.01 19.43 -15.30
C SER A 104 3.05 20.55 -14.88
N LYS A 105 2.86 21.52 -15.77
CA LYS A 105 2.15 22.75 -15.45
C LYS A 105 0.70 22.55 -15.03
N SER A 106 0.27 23.29 -14.02
CA SER A 106 -1.10 23.24 -13.52
C SER A 106 -2.20 23.37 -14.58
N ALA A 107 -3.40 22.99 -14.21
CA ALA A 107 -4.48 22.90 -15.15
C ALA A 107 -4.89 24.32 -15.53
N MET A 108 -5.14 24.49 -16.82
CA MET A 108 -5.52 25.76 -17.40
C MET A 108 -6.65 25.51 -18.35
N GLU A 109 -7.59 26.44 -18.35
CA GLU A 109 -8.77 26.37 -19.17
C GLU A 109 -8.48 26.19 -20.69
N TYR A 110 -7.36 26.77 -21.16
CA TYR A 110 -7.02 26.77 -22.58
C TYR A 110 -6.58 25.40 -23.11
N TYR A 111 -6.07 24.56 -22.22
CA TYR A 111 -5.75 23.17 -22.58
C TYR A 111 -6.96 22.47 -23.20
N PHE A 112 -8.14 22.77 -22.66
CA PHE A 112 -9.34 22.10 -23.09
C PHE A 112 -9.77 22.59 -24.46
N ASP A 113 -9.64 23.89 -24.71
CA ASP A 113 -9.87 24.46 -26.06
C ASP A 113 -8.97 23.77 -27.07
N ASP A 114 -7.71 23.63 -26.69
CA ASP A 114 -6.77 22.98 -27.57
C ASP A 114 -7.05 21.52 -27.82
N PHE A 115 -7.37 20.79 -26.75
CA PHE A 115 -7.73 19.38 -26.88
C PHE A 115 -8.94 19.22 -27.77
N LYS A 116 -9.92 20.11 -27.61
CA LYS A 116 -11.12 20.07 -28.45
C LYS A 116 -10.76 20.28 -29.91
N ALA A 117 -9.98 21.32 -30.18
CA ALA A 117 -9.55 21.66 -31.53
C ALA A 117 -8.74 20.54 -32.14
N ALA A 118 -7.95 19.84 -31.31
CA ALA A 118 -7.23 18.64 -31.76
C ALA A 118 -8.16 17.44 -32.13
N GLY A 119 -9.41 17.47 -31.69
CA GLY A 119 -10.38 16.40 -31.98
C GLY A 119 -10.56 15.33 -30.90
N TYR A 120 -9.88 15.45 -29.75
CA TYR A 120 -10.12 14.55 -28.60
C TYR A 120 -11.56 14.68 -28.14
N LYS A 121 -12.19 13.56 -27.82
CA LYS A 121 -13.58 13.51 -27.37
C LYS A 121 -13.70 13.18 -25.89
N ASN A 122 -12.58 12.88 -25.24
CA ASN A 122 -12.61 12.70 -23.80
C ASN A 122 -11.33 13.21 -23.14
N VAL A 123 -11.49 13.64 -21.87
CA VAL A 123 -10.34 13.94 -21.02
C VAL A 123 -10.40 13.20 -19.69
N ARG A 124 -9.42 12.31 -19.52
CA ARG A 124 -9.13 11.68 -18.25
C ARG A 124 -8.23 12.59 -17.42
N ILE A 125 -8.68 12.86 -16.19
CA ILE A 125 -8.02 13.75 -15.24
C ILE A 125 -7.54 12.98 -13.99
N PRO A 126 -6.30 12.53 -13.98
CA PRO A 126 -5.68 11.95 -12.78
C PRO A 126 -5.74 12.87 -11.59
N VAL A 127 -6.15 12.35 -10.43
CA VAL A 127 -6.18 13.11 -9.19
C VAL A 127 -5.62 12.31 -8.01
N ARG A 128 -4.57 12.86 -7.37
CA ARG A 128 -3.98 12.31 -6.15
C ARG A 128 -4.61 13.08 -5.00
N TRP A 129 -5.44 12.38 -4.23
CA TRP A 129 -6.15 13.02 -3.13
C TRP A 129 -5.36 13.07 -1.82
N ASP A 130 -4.18 12.45 -1.78
CA ASP A 130 -3.49 12.14 -0.52
C ASP A 130 -3.22 13.40 0.28
N ASN A 131 -2.43 14.31 -0.28
CA ASN A 131 -2.00 15.53 0.42
C ASN A 131 -3.10 16.56 0.67
N HIS A 132 -4.26 16.39 0.03
CA HIS A 132 -5.43 17.26 0.24
C HIS A 132 -6.47 16.61 1.14
N THR A 133 -6.15 15.42 1.65
CA THR A 133 -7.05 14.73 2.53
C THR A 133 -6.42 14.48 3.90
N MET A 134 -7.22 14.72 4.93
CA MET A 134 -6.84 14.46 6.31
C MET A 134 -6.34 13.04 6.47
N ARG A 135 -5.36 12.87 7.35
CA ARG A 135 -4.91 11.53 7.69
C ARG A 135 -5.44 10.99 9.03
N THR A 136 -6.44 11.66 9.58
CA THR A 136 -7.14 11.18 10.75
C THR A 136 -8.61 11.41 10.54
N TYR A 137 -9.42 10.71 11.35
CA TYR A 137 -10.86 10.77 11.27
C TYR A 137 -11.30 12.24 11.36
N PRO A 138 -12.29 12.70 10.57
CA PRO A 138 -13.12 11.95 9.60
C PRO A 138 -12.59 11.87 8.14
N TYR A 139 -11.29 12.01 7.97
CA TYR A 139 -10.67 11.88 6.64
C TYR A 139 -11.22 12.86 5.60
N THR A 140 -11.50 14.06 6.03
CA THR A 140 -12.09 15.07 5.16
C THR A 140 -11.09 15.49 4.07
N ILE A 141 -11.65 15.84 2.92
CA ILE A 141 -10.91 16.43 1.83
C ILE A 141 -11.05 17.94 1.96
N ASP A 142 -9.92 18.66 1.88
CA ASP A 142 -9.89 20.14 1.85
C ASP A 142 -10.92 20.66 0.83
N LYS A 143 -11.91 21.42 1.30
CA LYS A 143 -12.93 22.04 0.44
C LYS A 143 -12.29 22.71 -0.79
N ALA A 144 -11.25 23.50 -0.54
CA ALA A 144 -10.49 24.19 -1.57
C ALA A 144 -10.07 23.25 -2.69
N PHE A 145 -9.57 22.07 -2.33
CA PHE A 145 -9.11 21.12 -3.33
C PHE A 145 -10.24 20.52 -4.14
N LEU A 146 -11.40 20.30 -3.52
CA LEU A 146 -12.53 19.81 -4.29
C LEU A 146 -12.98 20.88 -5.27
N ASP A 147 -12.99 22.15 -4.79
CA ASP A 147 -13.36 23.32 -5.61
C ASP A 147 -12.47 23.33 -6.87
N ARG A 148 -11.17 23.31 -6.63
CA ARG A 148 -10.19 23.26 -7.71
C ARG A 148 -10.52 22.14 -8.73
N VAL A 149 -10.77 20.94 -8.24
CA VAL A 149 -11.08 19.81 -9.13
C VAL A 149 -12.43 20.02 -9.84
N GLU A 150 -13.43 20.54 -9.13
CA GLU A 150 -14.74 20.85 -9.73
C GLU A 150 -14.61 21.85 -10.86
N GLN A 151 -13.76 22.85 -10.65
CA GLN A 151 -13.49 23.86 -11.65
C GLN A 151 -12.88 23.23 -12.92
N VAL A 152 -11.87 22.39 -12.74
CA VAL A 152 -11.25 21.75 -13.91
C VAL A 152 -12.23 20.79 -14.63
N VAL A 153 -12.98 20.02 -13.85
CA VAL A 153 -13.99 19.13 -14.40
C VAL A 153 -15.02 19.92 -15.19
N ASP A 154 -15.52 20.99 -14.59
CA ASP A 154 -16.45 21.89 -15.26
C ASP A 154 -15.93 22.42 -16.62
N TRP A 155 -14.67 22.81 -16.69
CA TRP A 155 -14.08 23.18 -17.97
C TRP A 155 -14.26 22.07 -18.99
N SER A 156 -13.99 20.84 -18.57
CA SER A 156 -14.10 19.69 -19.45
C SER A 156 -15.55 19.47 -19.91
N LEU A 157 -16.46 19.37 -18.96
CA LEU A 157 -17.87 19.14 -19.29
C LEU A 157 -18.46 20.26 -20.16
N SER A 158 -18.08 21.51 -19.90
CA SER A 158 -18.50 22.66 -20.72
C SER A 158 -18.24 22.50 -22.20
N ARG A 159 -17.06 21.97 -22.55
CA ARG A 159 -16.72 21.73 -23.95
C ARG A 159 -17.35 20.46 -24.57
N GLY A 160 -18.14 19.69 -23.81
CA GLY A 160 -18.72 18.44 -24.30
C GLY A 160 -17.82 17.21 -24.28
N PHE A 161 -16.75 17.26 -23.49
CA PHE A 161 -15.90 16.09 -23.26
C PHE A 161 -16.54 15.09 -22.32
N VAL A 162 -16.37 13.80 -22.63
CA VAL A 162 -16.50 12.78 -21.60
C VAL A 162 -15.30 12.97 -20.66
N THR A 163 -15.59 13.18 -19.39
CA THR A 163 -14.60 13.60 -18.42
C THR A 163 -14.48 12.53 -17.35
N ILE A 164 -13.25 12.20 -17.00
CA ILE A 164 -13.03 11.13 -16.03
C ILE A 164 -12.10 11.60 -14.93
N ILE A 165 -12.57 11.44 -13.72
CA ILE A 165 -11.77 11.68 -12.54
C ILE A 165 -11.55 10.34 -11.87
N ASN A 166 -10.45 10.26 -11.13
CA ASN A 166 -10.10 9.05 -10.44
C ASN A 166 -9.35 9.35 -9.16
N SER A 167 -8.71 8.32 -8.60
CA SER A 167 -7.64 8.41 -7.62
C SER A 167 -6.42 7.76 -8.24
N HIS A 168 -5.37 8.56 -8.34
CA HIS A 168 -4.16 8.21 -9.02
C HIS A 168 -2.93 8.52 -8.18
N HIS A 169 -2.05 7.56 -8.04
CA HIS A 169 -0.84 7.74 -7.26
C HIS A 169 -1.10 7.80 -5.78
N ASP A 170 -2.27 7.36 -5.40
CA ASP A 170 -2.70 7.26 -4.02
C ASP A 170 -2.25 5.84 -3.63
N ASP A 171 -0.93 5.67 -3.54
CA ASP A 171 -0.32 4.37 -3.33
C ASP A 171 -0.42 3.86 -1.90
N TRP A 172 -0.69 4.75 -0.95
CA TRP A 172 -0.92 4.38 0.45
C TRP A 172 -1.95 3.23 0.65
N ILE A 173 -3.04 3.26 -0.12
CA ILE A 173 -4.09 2.23 -0.08
C ILE A 173 -3.66 0.90 -0.72
N LYS A 174 -2.76 0.96 -1.69
CA LYS A 174 -2.19 -0.24 -2.29
C LYS A 174 -1.17 -0.96 -1.39
N GLU A 175 -0.45 -0.18 -0.58
CA GLU A 175 0.63 -0.68 0.29
C GLU A 175 0.12 -1.26 1.63
N ASP A 176 -1.06 -0.84 2.05
CA ASP A 176 -1.64 -1.37 3.27
C ASP A 176 -3.15 -1.23 3.13
N TYR A 177 -3.73 -2.19 2.40
CA TYR A 177 -5.16 -2.14 2.14
C TYR A 177 -5.93 -2.20 3.43
N ASN A 178 -5.52 -3.13 4.30
CA ASN A 178 -6.23 -3.32 5.56
C ASN A 178 -6.31 -2.07 6.45
N GLY A 179 -5.17 -1.47 6.73
CA GLY A 179 -5.10 -0.25 7.56
C GLY A 179 -5.85 0.96 7.03
N ASN A 180 -5.84 1.11 5.70
CA ASN A 180 -6.24 2.36 5.06
C ASN A 180 -7.60 2.38 4.39
N ILE A 181 -8.22 1.22 4.19
CA ILE A 181 -9.50 1.13 3.50
C ILE A 181 -10.57 2.06 4.09
N GLU A 182 -10.54 2.33 5.39
CA GLU A 182 -11.51 3.27 5.96
C GLU A 182 -11.39 4.62 5.26
N ARG A 183 -10.15 5.09 5.11
CA ARG A 183 -9.87 6.40 4.55
C ARG A 183 -10.24 6.51 3.06
N PHE A 184 -9.81 5.53 2.28
CA PHE A 184 -10.21 5.42 0.88
C PHE A 184 -11.76 5.44 0.74
N GLU A 185 -12.47 4.68 1.56
CA GLU A 185 -13.92 4.73 1.54
C GLU A 185 -14.44 6.16 1.75
N LYS A 186 -13.83 6.87 2.70
CA LYS A 186 -14.24 8.24 3.02
C LYS A 186 -13.99 9.24 1.87
N ILE A 187 -12.80 9.15 1.26
CA ILE A 187 -12.46 9.94 0.05
C ILE A 187 -13.62 9.81 -0.93
N TRP A 188 -13.90 8.57 -1.32
CA TRP A 188 -14.86 8.29 -2.39
C TRP A 188 -16.28 8.61 -1.98
N GLU A 189 -16.57 8.59 -0.69
CA GLU A 189 -17.86 9.06 -0.24
C GLU A 189 -18.00 10.54 -0.60
N GLN A 190 -16.94 11.30 -0.37
CA GLN A 190 -16.97 12.76 -0.51
C GLN A 190 -16.93 13.19 -1.99
N ILE A 191 -16.08 12.54 -2.77
CA ILE A 191 -16.06 12.72 -4.21
C ILE A 191 -17.44 12.48 -4.78
N ALA A 192 -17.97 11.30 -4.50
CA ALA A 192 -19.34 10.96 -4.88
C ALA A 192 -20.35 12.05 -4.51
N GLU A 193 -20.22 12.63 -3.32
CA GLU A 193 -21.13 13.70 -2.87
C GLU A 193 -20.96 14.99 -3.70
N ARG A 194 -19.74 15.50 -3.77
CA ARG A 194 -19.51 16.77 -4.45
C ARG A 194 -19.98 16.75 -5.90
N PHE A 195 -19.75 15.63 -6.59
CA PHE A 195 -20.05 15.52 -8.00
C PHE A 195 -21.34 14.78 -8.29
N LYS A 196 -22.18 14.59 -7.28
CA LYS A 196 -23.41 13.82 -7.43
C LYS A 196 -24.33 14.36 -8.55
N ASN A 197 -24.33 15.69 -8.71
CA ASN A 197 -25.21 16.38 -9.66
C ASN A 197 -24.64 16.64 -11.03
N LYS A 198 -23.41 16.24 -11.27
CA LYS A 198 -22.85 16.45 -12.58
C LYS A 198 -23.51 15.64 -13.67
N SER A 199 -23.22 16.06 -14.89
CA SER A 199 -23.70 15.41 -16.09
C SER A 199 -23.22 13.96 -16.13
N GLU A 200 -23.98 13.12 -16.81
CA GLU A 200 -23.61 11.74 -17.00
C GLU A 200 -22.26 11.55 -17.72
N ASN A 201 -21.76 12.59 -18.39
CA ASN A 201 -20.46 12.49 -19.03
C ASN A 201 -19.28 12.61 -18.08
N LEU A 202 -19.56 12.95 -16.82
CA LEU A 202 -18.57 12.75 -15.77
C LEU A 202 -18.60 11.27 -15.31
N LEU A 203 -17.45 10.61 -15.39
CA LEU A 203 -17.30 9.22 -15.06
C LEU A 203 -16.36 9.11 -13.86
N PHE A 204 -16.71 8.26 -12.89
CA PHE A 204 -15.79 7.92 -11.80
C PHE A 204 -14.95 6.68 -12.12
N GLU A 205 -13.65 6.77 -11.91
CA GLU A 205 -12.74 5.63 -12.03
C GLU A 205 -12.11 5.39 -10.65
N ILE A 206 -12.27 4.19 -10.13
CA ILE A 206 -12.04 3.94 -8.71
C ILE A 206 -10.60 4.02 -8.29
N MET A 207 -9.74 3.37 -9.04
CA MET A 207 -8.34 3.25 -8.62
C MET A 207 -7.46 2.98 -9.81
N ASN A 208 -6.56 3.94 -10.05
CA ASN A 208 -5.54 3.80 -11.06
C ASN A 208 -4.46 2.84 -10.61
N GLU A 209 -4.21 1.88 -11.48
CA GLU A 209 -3.05 1.00 -11.41
C GLU A 209 -2.73 0.45 -10.00
N PRO A 210 -3.57 -0.50 -9.50
CA PRO A 210 -3.19 -1.31 -8.33
C PRO A 210 -1.90 -2.09 -8.64
N PHE A 211 -1.00 -2.12 -7.67
CA PHE A 211 0.26 -2.84 -7.83
C PHE A 211 0.73 -3.13 -6.41
N GLY A 212 1.70 -4.03 -6.30
CA GLY A 212 2.34 -4.33 -5.01
C GLY A 212 1.56 -5.22 -4.02
N ASN A 213 1.44 -4.71 -2.80
CA ASN A 213 0.99 -5.49 -1.66
C ASN A 213 -0.44 -5.93 -1.75
N ILE A 214 -1.29 -5.04 -2.25
CA ILE A 214 -2.71 -5.35 -2.43
C ILE A 214 -2.91 -6.61 -3.29
N THR A 215 -3.86 -7.46 -2.86
CA THR A 215 -4.14 -8.78 -3.50
C THR A 215 -5.32 -8.68 -4.46
N ASP A 216 -5.41 -9.62 -5.41
CA ASP A 216 -6.57 -9.67 -6.32
C ASP A 216 -7.90 -9.67 -5.57
N GLU A 217 -7.94 -10.47 -4.52
CA GLU A 217 -9.10 -10.55 -3.64
C GLU A 217 -9.45 -9.16 -3.13
N GLN A 218 -8.44 -8.50 -2.58
CA GLN A 218 -8.62 -7.13 -2.10
C GLN A 218 -9.03 -6.13 -3.17
N ILE A 219 -8.43 -6.22 -4.36
CA ILE A 219 -8.92 -5.43 -5.49
C ILE A 219 -10.42 -5.67 -5.82
N ASP A 220 -10.84 -6.94 -5.91
CA ASP A 220 -12.26 -7.26 -6.11
C ASP A 220 -13.14 -6.70 -4.99
N ASP A 221 -12.61 -6.75 -3.77
CA ASP A 221 -13.37 -6.34 -2.59
C ASP A 221 -13.57 -4.86 -2.62
N MET A 222 -12.48 -4.16 -2.92
CA MET A 222 -12.48 -2.71 -3.11
C MET A 222 -13.53 -2.26 -4.14
N ASN A 223 -13.44 -2.80 -5.36
CA ASN A 223 -14.34 -2.37 -6.45
C ASN A 223 -15.80 -2.47 -6.01
N SER A 224 -16.14 -3.59 -5.37
CA SER A 224 -17.51 -3.83 -4.87
C SER A 224 -17.90 -2.82 -3.75
N ARG A 225 -17.04 -2.75 -2.75
CA ARG A 225 -17.13 -1.79 -1.64
C ARG A 225 -17.37 -0.31 -2.02
N ILE A 226 -16.47 0.19 -2.86
CA ILE A 226 -16.43 1.61 -3.20
C ILE A 226 -17.61 1.91 -4.11
N LEU A 227 -17.83 1.04 -5.11
CA LEU A 227 -19.02 1.12 -5.98
C LEU A 227 -20.31 1.27 -5.20
N LYS A 228 -20.44 0.55 -4.11
CA LYS A 228 -21.64 0.61 -3.28
C LYS A 228 -21.82 2.01 -2.68
N ILE A 229 -20.71 2.58 -2.21
CA ILE A 229 -20.67 3.92 -1.60
C ILE A 229 -21.02 5.01 -2.58
N ILE A 230 -20.46 4.90 -3.77
CA ILE A 230 -20.83 5.76 -4.91
C ILE A 230 -22.33 5.70 -5.24
N ARG A 231 -22.90 4.50 -5.32
CA ARG A 231 -24.32 4.32 -5.70
C ARG A 231 -25.35 4.90 -4.69
N LYS A 232 -24.94 5.12 -3.45
CA LYS A 232 -25.81 5.80 -2.50
C LYS A 232 -26.25 7.16 -3.03
N THR A 233 -25.29 7.93 -3.57
CA THR A 233 -25.57 9.28 -4.10
C THR A 233 -25.54 9.40 -5.64
N ASN A 234 -24.98 8.42 -6.33
CA ASN A 234 -24.90 8.43 -7.78
C ASN A 234 -25.48 7.11 -8.27
N PRO A 235 -26.81 7.00 -8.27
CA PRO A 235 -27.48 5.75 -8.62
C PRO A 235 -27.09 5.16 -9.97
N THR A 236 -26.81 6.01 -10.97
CA THR A 236 -26.63 5.55 -12.37
C THR A 236 -25.37 5.99 -13.12
N ARG A 237 -24.52 6.79 -12.47
CA ARG A 237 -23.28 7.26 -13.10
C ARG A 237 -22.32 6.11 -13.35
N ILE A 238 -21.69 6.12 -14.51
CA ILE A 238 -20.86 5.03 -14.93
C ILE A 238 -19.55 5.03 -14.15
N VAL A 239 -19.22 3.86 -13.62
CA VAL A 239 -18.01 3.67 -12.85
C VAL A 239 -17.06 2.75 -13.63
N ILE A 240 -15.78 3.08 -13.57
CA ILE A 240 -14.76 2.38 -14.33
C ILE A 240 -13.92 1.62 -13.33
N ILE A 241 -13.69 0.35 -13.65
CA ILE A 241 -12.98 -0.59 -12.77
C ILE A 241 -11.95 -1.38 -13.55
N GLY A 242 -10.85 -1.74 -12.89
CA GLY A 242 -9.85 -2.63 -13.49
C GLY A 242 -9.29 -3.60 -12.47
N GLY A 243 -8.21 -4.30 -12.83
CA GLY A 243 -7.53 -5.06 -11.84
C GLY A 243 -6.07 -4.74 -11.56
N GLY A 244 -5.37 -5.69 -10.95
CA GLY A 244 -3.98 -5.53 -10.52
C GLY A 244 -2.97 -5.52 -11.64
N TYR A 245 -1.71 -5.62 -11.25
CA TYR A 245 -0.57 -5.44 -12.15
C TYR A 245 -0.70 -4.23 -13.11
N TRP A 246 -0.91 -3.05 -12.53
CA TRP A 246 -0.93 -1.76 -13.26
C TRP A 246 -2.06 -1.72 -14.26
N ASN A 247 -3.23 -2.18 -13.83
CA ASN A 247 -4.41 -2.30 -14.67
C ASN A 247 -4.03 -3.01 -15.99
N SER A 248 -3.24 -4.08 -15.88
CA SER A 248 -2.99 -4.97 -17.01
C SER A 248 -4.31 -5.53 -17.58
N TYR A 249 -4.27 -5.95 -18.84
CA TYR A 249 -5.42 -6.56 -19.50
C TYR A 249 -5.60 -7.99 -19.00
N ASN A 250 -4.49 -8.59 -18.54
CA ASN A 250 -4.49 -9.98 -18.08
C ASN A 250 -5.26 -10.13 -16.81
N THR A 251 -5.29 -9.03 -16.11
CA THR A 251 -5.90 -8.91 -14.86
C THR A 251 -7.37 -8.50 -15.02
N LEU A 252 -7.64 -7.55 -15.92
CA LEU A 252 -9.00 -7.08 -16.26
C LEU A 252 -9.97 -8.23 -16.56
N VAL A 253 -9.40 -9.20 -17.26
CA VAL A 253 -10.12 -10.32 -17.82
C VAL A 253 -10.57 -11.28 -16.71
N ASN A 254 -9.92 -11.16 -15.54
CA ASN A 254 -10.17 -12.02 -14.39
C ASN A 254 -10.81 -11.35 -13.19
N ILE A 255 -11.18 -10.08 -13.27
CA ILE A 255 -11.78 -9.39 -12.11
C ILE A 255 -13.16 -9.94 -11.87
N LYS A 256 -13.67 -9.68 -10.68
CA LYS A 256 -15.03 -10.03 -10.34
C LYS A 256 -15.82 -8.79 -10.61
N ILE A 257 -16.74 -8.89 -11.55
CA ILE A 257 -17.53 -7.75 -11.99
C ILE A 257 -18.70 -7.61 -11.03
N PRO A 258 -18.83 -6.49 -10.31
CA PRO A 258 -20.02 -6.39 -9.48
C PRO A 258 -21.29 -6.47 -10.32
N ASP A 259 -22.39 -6.91 -9.70
CA ASP A 259 -23.69 -7.05 -10.38
C ASP A 259 -24.31 -5.64 -10.50
N ASP A 260 -23.79 -4.87 -11.46
CA ASP A 260 -24.19 -3.47 -11.70
C ASP A 260 -24.21 -3.23 -13.21
N PRO A 261 -25.27 -2.57 -13.74
CA PRO A 261 -25.37 -2.38 -15.20
C PRO A 261 -24.67 -1.11 -15.77
N TYR A 262 -24.08 -0.27 -14.91
CA TYR A 262 -23.43 0.99 -15.35
C TYR A 262 -21.95 0.97 -15.09
N LEU A 263 -21.26 0.07 -15.77
CA LEU A 263 -19.85 -0.18 -15.55
C LEU A 263 -19.10 -0.33 -16.84
N ILE A 264 -17.82 0.04 -16.79
CA ILE A 264 -16.83 -0.13 -17.85
C ILE A 264 -15.54 -0.68 -17.23
N GLY A 265 -14.90 -1.60 -17.93
CA GLY A 265 -13.61 -2.13 -17.53
C GLY A 265 -12.44 -1.48 -18.25
N THR A 266 -11.31 -1.34 -17.54
CA THR A 266 -10.15 -0.68 -18.10
C THR A 266 -8.84 -1.43 -17.92
N ALA A 267 -7.99 -1.28 -18.93
CA ALA A 267 -6.63 -1.69 -18.88
C ALA A 267 -5.75 -0.55 -19.39
N HIS A 268 -4.46 -0.63 -19.09
CA HIS A 268 -3.45 0.27 -19.63
C HIS A 268 -2.56 -0.57 -20.52
N TYR A 269 -2.35 -0.14 -21.75
CA TYR A 269 -1.54 -0.93 -22.68
C TYR A 269 -0.19 -0.24 -22.90
N TYR A 270 0.85 -0.88 -22.39
CA TYR A 270 2.20 -0.40 -22.58
C TYR A 270 3.08 -1.53 -23.10
N ASP A 271 2.48 -2.57 -23.68
CA ASP A 271 3.30 -3.69 -24.20
C ASP A 271 3.93 -3.37 -25.56
N PRO A 272 5.15 -3.85 -25.84
CA PRO A 272 6.06 -4.43 -24.83
C PRO A 272 6.55 -3.33 -23.90
N PHE A 273 6.54 -3.58 -22.60
CA PHE A 273 6.95 -2.58 -21.62
C PHE A 273 8.38 -2.05 -21.86
N GLU A 274 9.30 -2.95 -22.19
CA GLU A 274 10.70 -2.53 -22.40
C GLU A 274 10.85 -1.60 -23.61
N PHE A 275 10.00 -1.76 -24.61
CA PHE A 275 9.96 -0.83 -25.71
C PHE A 275 9.37 0.52 -25.31
N THR A 276 8.19 0.49 -24.71
CA THR A 276 7.46 1.71 -24.41
C THR A 276 8.11 2.53 -23.30
N HIS A 277 8.91 1.90 -22.48
CA HIS A 277 9.49 2.57 -21.35
C HIS A 277 10.99 2.72 -21.39
N GLN A 278 11.61 2.35 -22.49
CA GLN A 278 13.07 2.49 -22.67
C GLN A 278 13.54 3.87 -22.22
N GLY A 279 14.60 3.87 -21.41
CA GLY A 279 15.12 5.08 -20.79
C GLY A 279 14.25 5.90 -19.88
N ALA A 280 13.08 5.40 -19.51
CA ALA A 280 12.25 6.12 -18.55
C ALA A 280 13.03 6.16 -17.26
N GLU A 281 13.32 7.35 -16.78
CA GLU A 281 14.23 7.50 -15.64
C GLU A 281 13.69 6.96 -14.30
N TRP A 282 12.37 6.88 -14.17
CA TRP A 282 11.74 6.37 -12.97
C TRP A 282 11.56 4.84 -12.97
N VAL A 283 12.17 4.14 -13.93
CA VAL A 283 12.02 2.71 -14.08
C VAL A 283 13.41 2.12 -13.96
N GLU A 284 13.72 1.57 -12.80
CA GLU A 284 15.03 0.98 -12.58
C GLU A 284 15.40 0.03 -13.74
N GLY A 285 16.58 0.20 -14.34
CA GLY A 285 17.04 -0.63 -15.46
C GLY A 285 16.75 -0.15 -16.88
N SER A 286 15.91 0.91 -17.05
CA SER A 286 15.48 1.47 -18.38
C SER A 286 16.57 1.65 -19.41
N GLU A 287 17.69 2.21 -18.97
CA GLU A 287 18.82 2.44 -19.84
C GLU A 287 19.07 1.29 -20.79
N LYS A 288 18.95 0.06 -20.30
CA LYS A 288 19.37 -1.12 -21.04
C LYS A 288 18.46 -1.46 -22.22
N TRP A 289 17.28 -0.83 -22.31
CA TRP A 289 16.34 -1.11 -23.40
C TRP A 289 16.51 -0.10 -24.55
N LEU A 290 17.28 0.97 -24.32
CA LEU A 290 17.49 2.02 -25.32
C LEU A 290 17.88 1.44 -26.65
N GLY A 291 17.29 1.93 -27.73
CA GLY A 291 17.46 1.35 -29.08
C GLY A 291 16.47 0.31 -29.55
N ARG A 292 15.60 -0.17 -28.66
CA ARG A 292 14.60 -1.19 -29.02
C ARG A 292 13.68 -0.58 -30.05
N LYS A 293 13.47 -1.33 -31.12
CA LYS A 293 12.52 -0.95 -32.16
C LYS A 293 11.20 -1.71 -31.96
N TRP A 294 10.21 -1.32 -32.72
CA TRP A 294 8.90 -1.98 -32.75
C TRP A 294 8.29 -1.81 -34.13
N GLY A 295 7.65 -2.85 -34.61
CA GLY A 295 7.05 -2.80 -35.93
C GLY A 295 6.96 -4.07 -36.75
N THR A 296 7.56 -5.18 -36.31
CA THR A 296 7.58 -6.44 -37.07
C THR A 296 6.18 -7.00 -37.27
N GLN A 297 6.08 -8.06 -38.07
CA GLN A 297 4.83 -8.78 -38.26
C GLN A 297 4.39 -9.34 -36.91
N GLU A 298 5.29 -10.05 -36.22
CA GLU A 298 4.94 -10.66 -34.91
C GLU A 298 4.50 -9.63 -33.86
N ASP A 299 5.19 -8.49 -33.81
CA ASP A 299 4.80 -7.38 -32.93
C ASP A 299 3.34 -7.05 -33.14
N MET A 300 2.98 -6.89 -34.41
CA MET A 300 1.60 -6.55 -34.77
C MET A 300 0.61 -7.66 -34.47
N ASP A 301 0.93 -8.89 -34.86
CA ASP A 301 0.09 -10.04 -34.51
C ASP A 301 -0.21 -10.11 -33.01
N THR A 302 0.79 -9.87 -32.16
CA THR A 302 0.61 -9.94 -30.72
C THR A 302 -0.48 -8.98 -30.23
N VAL A 303 -0.45 -7.75 -30.73
CA VAL A 303 -1.43 -6.74 -30.34
C VAL A 303 -2.85 -7.19 -30.71
N VAL A 304 -3.01 -7.73 -31.92
CA VAL A 304 -4.30 -8.25 -32.39
C VAL A 304 -4.80 -9.42 -31.52
N ARG A 305 -3.93 -10.40 -31.28
CA ARG A 305 -4.27 -11.57 -30.45
C ARG A 305 -4.75 -11.11 -29.06
N VAL A 306 -4.02 -10.19 -28.44
CA VAL A 306 -4.39 -9.63 -27.13
C VAL A 306 -5.66 -8.79 -27.15
N PHE A 307 -5.90 -8.06 -28.23
CA PHE A 307 -7.09 -7.21 -28.29
C PHE A 307 -8.35 -8.06 -28.55
N ASP A 308 -8.24 -9.08 -29.41
CA ASP A 308 -9.28 -10.11 -29.60
C ASP A 308 -9.76 -10.71 -28.24
N PHE A 309 -8.76 -11.12 -27.47
CA PHE A 309 -8.90 -11.71 -26.14
C PHE A 309 -9.66 -10.77 -25.22
N VAL A 310 -9.32 -9.49 -25.28
CA VAL A 310 -10.02 -8.49 -24.48
C VAL A 310 -11.44 -8.26 -25.01
N LYS A 311 -11.57 -8.09 -26.32
CA LYS A 311 -12.90 -8.01 -26.96
C LYS A 311 -13.82 -9.21 -26.59
N SER A 312 -13.28 -10.43 -26.61
CA SER A 312 -14.08 -11.59 -26.18
C SER A 312 -14.62 -11.43 -24.74
N TRP A 313 -13.76 -10.99 -23.82
CA TRP A 313 -14.14 -10.74 -22.42
C TRP A 313 -15.24 -9.71 -22.37
N SER A 314 -15.07 -8.63 -23.14
CA SER A 314 -16.11 -7.59 -23.28
C SER A 314 -17.43 -8.19 -23.75
N ASP A 315 -17.40 -8.99 -24.81
CA ASP A 315 -18.61 -9.60 -25.35
C ASP A 315 -19.26 -10.56 -24.32
N ARG A 316 -18.48 -11.52 -23.82
CA ARG A 316 -18.95 -12.54 -22.82
C ARG A 316 -19.65 -11.90 -21.63
N ASN A 317 -18.97 -10.93 -21.01
CA ASN A 317 -19.45 -10.26 -19.80
C ASN A 317 -20.36 -9.05 -20.03
N ASN A 318 -20.65 -8.78 -21.31
CA ASN A 318 -21.44 -7.62 -21.68
C ASN A 318 -21.00 -6.32 -20.96
N ILE A 319 -19.70 -6.03 -21.07
CA ILE A 319 -19.14 -4.83 -20.44
C ILE A 319 -18.16 -4.19 -21.43
N PRO A 320 -18.31 -2.88 -21.66
CA PRO A 320 -17.38 -2.19 -22.55
C PRO A 320 -15.97 -2.10 -21.97
N VAL A 321 -15.00 -1.92 -22.87
CA VAL A 321 -13.59 -1.83 -22.52
C VAL A 321 -13.06 -0.43 -22.79
N TYR A 322 -12.22 0.04 -21.88
CA TYR A 322 -11.62 1.38 -21.96
C TYR A 322 -10.12 1.28 -21.80
N PHE A 323 -9.36 1.76 -22.78
CA PHE A 323 -7.92 1.85 -22.59
C PHE A 323 -7.58 3.23 -22.12
N GLY A 324 -7.49 3.36 -20.80
CA GLY A 324 -7.25 4.63 -20.14
C GLY A 324 -5.88 5.24 -20.33
N GLU A 325 -4.88 4.45 -20.67
CA GLU A 325 -3.54 4.96 -20.95
C GLU A 325 -2.84 4.14 -22.01
N PHE A 326 -2.12 4.81 -22.88
CA PHE A 326 -1.09 4.15 -23.72
C PHE A 326 -0.15 5.23 -24.25
N ALA A 327 1.12 4.86 -24.39
CA ALA A 327 2.16 5.83 -24.78
C ALA A 327 3.50 5.17 -24.96
N VAL A 328 4.45 5.96 -25.45
CA VAL A 328 5.78 5.49 -25.74
C VAL A 328 6.71 6.63 -25.37
N MET A 329 7.82 6.29 -24.72
CA MET A 329 8.87 7.27 -24.43
C MET A 329 9.41 7.88 -25.72
N ALA A 330 9.64 9.19 -25.73
CA ALA A 330 10.27 9.85 -26.92
C ALA A 330 11.71 9.38 -27.20
N TYR A 331 12.37 8.76 -26.22
CA TYR A 331 13.59 8.00 -26.49
C TYR A 331 13.46 6.99 -27.61
N ALA A 332 12.27 6.44 -27.81
CA ALA A 332 12.08 5.40 -28.83
C ALA A 332 12.37 5.89 -30.25
N ASP A 333 13.06 5.07 -31.01
CA ASP A 333 13.18 5.28 -32.45
C ASP A 333 11.87 5.87 -33.03
N ARG A 334 11.99 6.95 -33.78
CA ARG A 334 10.85 7.73 -34.23
C ARG A 334 9.88 6.94 -35.16
N THR A 335 10.39 6.11 -36.06
CA THR A 335 9.51 5.28 -36.91
C THR A 335 8.72 4.30 -36.03
N SER A 336 9.43 3.55 -35.19
CA SER A 336 8.82 2.68 -34.18
C SER A 336 7.80 3.39 -33.32
N ARG A 337 8.18 4.53 -32.75
CA ARG A 337 7.30 5.21 -31.81
C ARG A 337 5.96 5.52 -32.47
N VAL A 338 5.99 6.19 -33.62
CA VAL A 338 4.73 6.67 -34.24
C VAL A 338 3.86 5.51 -34.73
N LYS A 339 4.51 4.52 -35.30
CA LYS A 339 3.85 3.31 -35.75
C LYS A 339 3.03 2.67 -34.60
N TRP A 340 3.65 2.61 -33.41
CA TRP A 340 3.07 1.94 -32.23
C TRP A 340 1.81 2.63 -31.80
N TYR A 341 1.89 3.96 -31.73
CA TYR A 341 0.72 4.78 -31.44
C TYR A 341 -0.35 4.51 -32.50
N ASP A 342 0.03 4.54 -33.78
CA ASP A 342 -0.92 4.30 -34.83
C ASP A 342 -1.64 2.95 -34.69
N PHE A 343 -0.86 1.89 -34.55
CA PHE A 343 -1.42 0.55 -34.61
C PHE A 343 -2.32 0.22 -33.39
N ILE A 344 -1.92 0.68 -32.19
CA ILE A 344 -2.70 0.51 -30.98
C ILE A 344 -4.05 1.23 -31.13
N SER A 345 -4.02 2.48 -31.56
CA SER A 345 -5.27 3.24 -31.74
C SER A 345 -6.21 2.53 -32.72
N ASP A 346 -5.65 2.16 -33.87
CA ASP A 346 -6.44 1.60 -34.94
C ASP A 346 -7.01 0.25 -34.45
N ALA A 347 -6.23 -0.53 -33.68
CA ALA A 347 -6.69 -1.82 -33.17
C ALA A 347 -7.77 -1.72 -32.09
N ALA A 348 -7.60 -0.76 -31.17
CA ALA A 348 -8.57 -0.56 -30.08
C ALA A 348 -9.92 -0.06 -30.62
N LEU A 349 -9.85 0.89 -31.53
CA LEU A 349 -11.04 1.59 -32.06
C LEU A 349 -11.90 0.74 -33.02
N GLU A 350 -11.21 -0.08 -33.81
CA GLU A 350 -11.79 -1.16 -34.62
C GLU A 350 -12.78 -2.00 -33.82
N ARG A 351 -12.48 -2.20 -32.53
CA ARG A 351 -13.26 -3.09 -31.65
C ARG A 351 -14.17 -2.34 -30.70
N GLY A 352 -14.38 -1.06 -30.93
CA GLY A 352 -15.28 -0.32 -30.07
C GLY A 352 -14.70 0.08 -28.71
N PHE A 353 -13.40 -0.08 -28.49
CA PHE A 353 -12.80 0.39 -27.24
C PHE A 353 -12.72 1.92 -27.18
N ALA A 354 -13.02 2.48 -26.02
CA ALA A 354 -12.67 3.85 -25.74
C ALA A 354 -11.18 3.90 -25.46
N CYS A 355 -10.57 5.04 -25.77
CA CYS A 355 -9.16 5.31 -25.51
C CYS A 355 -8.89 6.69 -24.90
N SER A 356 -7.90 6.76 -24.01
CA SER A 356 -7.27 8.02 -23.63
C SER A 356 -5.75 7.84 -23.71
N VAL A 357 -5.11 8.60 -24.61
CA VAL A 357 -3.68 8.55 -24.80
C VAL A 357 -3.03 9.18 -23.59
N TRP A 358 -1.89 8.64 -23.16
CA TRP A 358 -1.14 9.26 -22.09
C TRP A 358 -0.31 10.41 -22.67
N ASP A 359 -0.32 11.52 -21.95
CA ASP A 359 0.40 12.72 -22.33
C ASP A 359 0.80 13.46 -21.06
N ASN A 360 2.11 13.54 -20.81
CA ASN A 360 2.63 14.21 -19.60
C ASN A 360 3.16 15.62 -19.86
N GLY A 361 3.19 16.04 -21.13
CA GLY A 361 3.59 17.41 -21.49
C GLY A 361 5.08 17.74 -21.28
N VAL A 362 5.92 16.71 -21.23
CA VAL A 362 7.32 16.88 -20.93
C VAL A 362 8.11 16.54 -22.17
N PHE A 363 8.94 17.50 -22.65
CA PHE A 363 9.81 17.27 -23.82
C PHE A 363 11.29 17.29 -23.51
N GLY A 364 11.66 17.77 -22.33
CA GLY A 364 13.08 17.75 -21.93
C GLY A 364 13.22 17.58 -20.43
N SER A 365 14.07 16.66 -19.95
CA SER A 365 14.90 15.74 -20.77
C SER A 365 14.03 14.66 -21.45
N LEU A 366 14.61 13.91 -22.40
CA LEU A 366 13.95 12.72 -22.96
C LEU A 366 13.62 11.63 -21.89
N ASP A 367 14.45 11.53 -20.86
CA ASP A 367 14.15 10.92 -19.56
C ASP A 367 12.71 10.75 -19.23
N ASN A 368 11.97 11.83 -19.41
CA ASN A 368 10.64 11.96 -18.87
C ASN A 368 9.64 12.25 -19.95
N ASP A 369 9.97 11.91 -21.20
CA ASP A 369 9.12 12.35 -22.30
C ASP A 369 8.16 11.25 -22.79
N MET A 370 6.89 11.40 -22.43
CA MET A 370 5.76 10.68 -23.08
C MET A 370 4.73 11.74 -23.51
N ALA A 371 5.19 12.68 -24.34
CA ALA A 371 4.45 13.90 -24.56
C ALA A 371 3.91 13.99 -25.97
N ILE A 372 2.83 14.76 -26.06
CA ILE A 372 2.21 15.14 -27.31
C ILE A 372 1.97 16.64 -27.32
N TYR A 373 1.26 17.15 -26.31
CA TYR A 373 0.92 18.57 -26.18
C TYR A 373 1.85 19.38 -25.25
N ASN A 374 2.53 20.36 -25.87
CA ASN A 374 3.29 21.42 -25.19
C ASN A 374 2.38 22.52 -24.67
N ARG A 375 2.35 22.68 -23.35
CA ARG A 375 1.46 23.60 -22.68
C ARG A 375 1.95 25.05 -22.70
N ASP A 376 3.22 25.22 -23.07
CA ASP A 376 3.82 26.53 -23.18
C ASP A 376 3.59 27.10 -24.58
N THR A 377 4.02 26.37 -25.60
CA THR A 377 3.85 26.79 -26.98
C THR A 377 2.48 26.50 -27.50
N ARG A 378 1.72 25.62 -26.84
CA ARG A 378 0.30 25.41 -27.19
C ARG A 378 0.22 24.72 -28.57
N THR A 379 1.06 23.71 -28.78
CA THR A 379 1.15 22.95 -30.03
C THR A 379 1.18 21.46 -29.75
N PHE A 380 1.00 20.65 -30.79
CA PHE A 380 0.93 19.19 -30.66
C PHE A 380 1.94 18.53 -31.58
N ASP A 381 2.47 17.37 -31.18
CA ASP A 381 3.23 16.50 -32.07
C ASP A 381 2.20 15.97 -33.09
N THR A 382 2.04 16.73 -34.16
CA THR A 382 0.99 16.49 -35.14
C THR A 382 1.04 15.09 -35.72
N GLU A 383 2.24 14.60 -35.98
CA GLU A 383 2.42 13.29 -36.60
C GLU A 383 1.71 12.19 -35.77
N ILE A 384 1.89 12.26 -34.45
CA ILE A 384 1.32 11.29 -33.47
C ILE A 384 -0.17 11.51 -33.35
N LEU A 385 -0.55 12.76 -33.13
CA LEU A 385 -1.96 13.15 -33.11
C LEU A 385 -2.76 12.54 -34.27
N ASN A 386 -2.18 12.57 -35.47
CA ASN A 386 -2.83 12.02 -36.66
C ASN A 386 -2.96 10.52 -36.62
N ALA A 387 -2.00 9.84 -36.00
CA ALA A 387 -2.01 8.37 -35.88
C ALA A 387 -3.11 7.83 -34.95
N LEU A 388 -3.44 8.65 -33.96
CA LEU A 388 -4.50 8.38 -33.01
C LEU A 388 -5.86 8.39 -33.67
N PHE A 389 -6.07 9.37 -34.55
CA PHE A 389 -7.38 9.52 -35.20
C PHE A 389 -7.51 8.79 -36.53
N ASN A 390 -6.39 8.51 -37.22
CA ASN A 390 -6.44 7.94 -38.57
C ASN A 390 -5.92 6.53 -38.68
N PRO A 391 -6.52 5.74 -39.60
CA PRO A 391 -5.95 4.46 -39.99
C PRO A 391 -4.59 4.57 -40.70
N GLY A 392 -3.60 3.81 -40.24
CA GLY A 392 -2.34 3.59 -40.96
C GLY A 392 -2.45 2.40 -41.91
N THR A 393 -1.33 1.81 -42.36
CA THR A 393 -1.37 0.79 -43.45
C THR A 393 -0.45 -0.47 -43.32
N VAL B 76 2.77 -42.07 -19.95
CA VAL B 76 1.24 -42.11 -19.92
C VAL B 76 0.54 -40.75 -19.86
N ASP B 77 -0.44 -40.58 -20.76
CA ASP B 77 -1.12 -39.30 -21.00
C ASP B 77 -2.26 -39.09 -19.98
N PRO B 78 -2.37 -37.87 -19.41
CA PRO B 78 -3.42 -37.54 -18.46
C PRO B 78 -4.81 -38.03 -18.84
N PHE B 79 -5.20 -37.84 -20.10
CA PHE B 79 -6.49 -38.34 -20.59
C PHE B 79 -6.65 -39.86 -20.57
N GLU B 80 -5.57 -40.63 -20.76
CA GLU B 80 -5.60 -42.09 -20.55
C GLU B 80 -5.85 -42.38 -19.09
N MET B 81 -5.05 -41.75 -18.22
CA MET B 81 -5.09 -41.99 -16.80
C MET B 81 -6.47 -41.76 -16.27
N VAL B 82 -7.08 -40.65 -16.67
CA VAL B 82 -8.40 -40.27 -16.20
C VAL B 82 -9.47 -41.31 -16.61
N ARG B 83 -9.31 -41.87 -17.81
CA ARG B 83 -10.25 -42.87 -18.35
C ARG B 83 -10.17 -44.12 -17.48
N LYS B 84 -8.93 -44.53 -17.23
CA LYS B 84 -8.57 -45.67 -16.42
C LYS B 84 -8.98 -45.52 -14.95
N MET B 85 -8.88 -44.30 -14.41
CA MET B 85 -9.31 -44.01 -13.04
C MET B 85 -10.82 -44.25 -12.81
N GLY B 86 -11.62 -44.06 -13.87
CA GLY B 86 -13.07 -44.23 -13.82
C GLY B 86 -13.66 -43.80 -12.49
N MET B 87 -14.44 -44.69 -11.86
CA MET B 87 -15.05 -44.47 -10.55
C MET B 87 -14.29 -45.23 -9.49
N GLY B 88 -13.93 -44.52 -8.43
CA GLY B 88 -13.16 -45.10 -7.33
C GLY B 88 -13.68 -44.55 -6.03
N THR B 89 -12.85 -44.69 -4.98
CA THR B 89 -13.23 -44.32 -3.62
C THR B 89 -12.10 -43.70 -2.82
N ASN B 90 -12.47 -42.90 -1.83
CA ASN B 90 -11.52 -42.47 -0.83
C ASN B 90 -11.41 -43.51 0.28
N LEU B 91 -10.24 -43.59 0.90
CA LEU B 91 -10.00 -44.23 2.21
C LEU B 91 -10.12 -43.14 3.32
N GLY B 92 -11.35 -42.69 3.53
CA GLY B 92 -11.59 -41.51 4.36
C GLY B 92 -11.34 -41.72 5.83
N ASN B 93 -11.11 -40.60 6.55
CA ASN B 93 -10.85 -40.60 7.99
C ASN B 93 -9.88 -41.69 8.48
N THR B 94 -8.82 -41.92 7.73
CA THR B 94 -7.87 -42.94 8.07
C THR B 94 -6.50 -42.32 8.36
N LEU B 95 -5.65 -42.24 7.34
CA LEU B 95 -4.30 -41.65 7.47
C LEU B 95 -4.25 -40.08 7.50
N GLU B 96 -5.42 -39.46 7.48
CA GLU B 96 -5.62 -37.99 7.45
C GLU B 96 -6.03 -37.55 8.81
N ALA B 97 -6.38 -38.50 9.67
CA ALA B 97 -6.57 -38.21 11.08
C ALA B 97 -5.23 -37.76 11.71
N PRO B 98 -5.28 -37.12 12.88
CA PRO B 98 -4.03 -36.74 13.53
C PRO B 98 -3.05 -37.90 13.59
N TYR B 99 -3.56 -39.04 14.03
CA TYR B 99 -2.80 -40.28 14.04
C TYR B 99 -3.71 -41.34 13.44
N GLU B 100 -3.15 -42.24 12.64
CA GLU B 100 -3.96 -43.30 12.03
C GLU B 100 -4.81 -44.06 13.06
N GLY B 101 -6.10 -44.21 12.78
CA GLY B 101 -6.98 -44.96 13.69
C GLY B 101 -7.67 -44.14 14.76
N SER B 102 -7.24 -42.89 14.97
CA SER B 102 -7.89 -42.06 15.97
C SER B 102 -9.29 -41.61 15.51
N TRP B 103 -9.62 -41.75 14.20
CA TRP B 103 -10.98 -41.46 13.71
C TRP B 103 -11.65 -42.75 13.27
N SER B 104 -11.55 -43.13 12.00
CA SER B 104 -12.08 -44.40 11.56
C SER B 104 -10.93 -45.42 11.59
N LYS B 105 -11.25 -46.66 11.28
CA LYS B 105 -10.33 -47.77 11.51
C LYS B 105 -9.12 -47.73 10.57
N SER B 106 -7.95 -48.06 11.12
CA SER B 106 -6.70 -48.05 10.40
C SER B 106 -6.76 -48.87 9.12
N ALA B 107 -5.96 -48.48 8.13
CA ALA B 107 -5.83 -49.22 6.89
C ALA B 107 -5.59 -50.72 7.12
N MET B 108 -6.27 -51.54 6.33
CA MET B 108 -6.06 -52.98 6.35
C MET B 108 -6.06 -53.40 4.92
N GLU B 109 -5.27 -54.42 4.64
CA GLU B 109 -5.18 -55.00 3.31
C GLU B 109 -6.56 -55.41 2.76
N TYR B 110 -7.43 -55.94 3.62
CA TYR B 110 -8.69 -56.52 3.15
C TYR B 110 -9.63 -55.46 2.56
N TYR B 111 -9.47 -54.20 2.98
CA TYR B 111 -10.25 -53.10 2.39
C TYR B 111 -10.08 -53.06 0.89
N PHE B 112 -8.87 -53.36 0.43
CA PHE B 112 -8.52 -53.27 -0.98
C PHE B 112 -9.06 -54.43 -1.83
N ASP B 113 -9.00 -55.64 -1.27
CA ASP B 113 -9.76 -56.78 -1.81
C ASP B 113 -11.23 -56.42 -2.00
N ASP B 114 -11.83 -55.83 -0.97
CA ASP B 114 -13.24 -55.52 -1.00
C ASP B 114 -13.63 -54.39 -1.96
N PHE B 115 -12.80 -53.33 -2.02
CA PHE B 115 -13.00 -52.24 -2.97
C PHE B 115 -12.89 -52.79 -4.38
N LYS B 116 -11.96 -53.72 -4.56
CA LYS B 116 -11.77 -54.33 -5.85
C LYS B 116 -13.02 -55.12 -6.27
N ALA B 117 -13.56 -55.89 -5.34
CA ALA B 117 -14.79 -56.64 -5.60
C ALA B 117 -15.99 -55.72 -5.85
N ALA B 118 -15.99 -54.55 -5.23
CA ALA B 118 -17.07 -53.58 -5.44
C ALA B 118 -17.14 -52.97 -6.86
N GLY B 119 -16.02 -52.99 -7.59
CA GLY B 119 -15.92 -52.37 -8.92
C GLY B 119 -15.04 -51.11 -9.01
N TYR B 120 -14.53 -50.66 -7.87
CA TYR B 120 -13.71 -49.47 -7.85
C TYR B 120 -12.44 -49.67 -8.69
N LYS B 121 -12.06 -48.62 -9.43
CA LYS B 121 -10.87 -48.59 -10.27
C LYS B 121 -9.76 -47.73 -9.71
N ASN B 122 -10.08 -46.90 -8.73
CA ASN B 122 -9.06 -46.13 -8.05
C ASN B 122 -9.35 -46.00 -6.57
N VAL B 123 -8.29 -45.71 -5.83
CA VAL B 123 -8.38 -45.40 -4.40
C VAL B 123 -7.55 -44.16 -4.10
N ARG B 124 -8.24 -43.11 -3.66
CA ARG B 124 -7.58 -41.95 -3.13
C ARG B 124 -7.31 -42.15 -1.64
N ILE B 125 -6.07 -41.84 -1.23
CA ILE B 125 -5.56 -42.09 0.10
C ILE B 125 -5.12 -40.77 0.76
N PRO B 126 -6.05 -40.08 1.42
CA PRO B 126 -5.72 -38.90 2.21
C PRO B 126 -4.65 -39.16 3.27
N VAL B 127 -3.66 -38.28 3.37
CA VAL B 127 -2.57 -38.44 4.32
C VAL B 127 -2.24 -37.11 4.98
N ARG B 128 -2.22 -37.07 6.31
CA ARG B 128 -1.84 -35.87 7.05
C ARG B 128 -0.43 -36.10 7.53
N TRP B 129 0.50 -35.38 6.93
CA TRP B 129 1.91 -35.58 7.26
C TRP B 129 2.31 -34.92 8.60
N ASP B 130 1.52 -33.94 9.04
CA ASP B 130 1.90 -33.03 10.13
C ASP B 130 2.55 -33.69 11.35
N ASN B 131 1.85 -34.63 11.96
CA ASN B 131 2.30 -35.22 13.21
C ASN B 131 3.43 -36.20 13.04
N HIS B 132 3.76 -36.58 11.81
CA HIS B 132 4.86 -37.50 11.55
C HIS B 132 6.04 -36.80 10.92
N THR B 133 6.06 -35.47 11.01
CA THR B 133 7.14 -34.69 10.45
C THR B 133 7.67 -33.67 11.46
N MET B 134 8.99 -33.54 11.57
CA MET B 134 9.63 -32.57 12.48
C MET B 134 9.15 -31.13 12.21
N ARG B 135 8.87 -30.40 13.29
CA ARG B 135 8.48 -28.98 13.24
C ARG B 135 9.71 -28.04 13.15
N THR B 136 10.93 -28.58 13.13
CA THR B 136 12.14 -27.78 12.98
C THR B 136 13.02 -28.38 11.87
N TYR B 137 13.89 -27.55 11.29
CA TYR B 137 14.84 -27.97 10.24
C TYR B 137 15.60 -29.24 10.69
N PRO B 138 15.82 -30.24 9.83
CA PRO B 138 15.52 -30.29 8.38
C PRO B 138 14.13 -30.79 7.96
N TYR B 139 13.15 -30.71 8.87
CA TYR B 139 11.76 -31.06 8.57
C TYR B 139 11.53 -32.50 8.05
N THR B 140 12.27 -33.44 8.65
CA THR B 140 12.28 -34.83 8.24
C THR B 140 10.96 -35.54 8.63
N ILE B 141 10.39 -36.26 7.66
CA ILE B 141 9.24 -37.16 7.90
C ILE B 141 9.78 -38.43 8.59
N ASP B 142 9.20 -38.80 9.72
CA ASP B 142 9.48 -40.09 10.36
C ASP B 142 9.48 -41.24 9.32
N LYS B 143 10.57 -41.98 9.30
CA LYS B 143 10.76 -43.11 8.39
C LYS B 143 9.62 -44.14 8.53
N ALA B 144 9.33 -44.49 9.78
CA ALA B 144 8.27 -45.44 10.10
C ALA B 144 6.97 -45.04 9.40
N PHE B 145 6.69 -43.74 9.34
CA PHE B 145 5.45 -43.29 8.74
C PHE B 145 5.43 -43.42 7.23
N LEU B 146 6.52 -43.08 6.57
CA LEU B 146 6.58 -43.32 5.14
C LEU B 146 6.54 -44.83 4.85
N ASP B 147 7.17 -45.62 5.73
CA ASP B 147 7.11 -47.10 5.64
C ASP B 147 5.64 -47.52 5.60
N ARG B 148 4.88 -47.00 6.56
CA ARG B 148 3.46 -47.28 6.69
C ARG B 148 2.61 -46.83 5.48
N VAL B 149 2.89 -45.65 4.95
CA VAL B 149 2.13 -45.17 3.80
C VAL B 149 2.49 -45.99 2.56
N GLU B 150 3.77 -46.29 2.41
CA GLU B 150 4.21 -47.13 1.30
C GLU B 150 3.51 -48.53 1.33
N GLN B 151 3.42 -49.12 2.52
CA GLN B 151 2.73 -50.41 2.69
C GLN B 151 1.30 -50.37 2.11
N VAL B 152 0.58 -49.29 2.42
CA VAL B 152 -0.82 -49.14 2.01
C VAL B 152 -0.93 -48.88 0.50
N VAL B 153 -0.13 -47.92 0.04
CA VAL B 153 0.04 -47.67 -1.39
C VAL B 153 0.32 -48.95 -2.16
N ASP B 154 1.24 -49.77 -1.63
CA ASP B 154 1.61 -51.01 -2.31
C ASP B 154 0.43 -52.00 -2.41
N TRP B 155 -0.41 -52.05 -1.37
CA TRP B 155 -1.61 -52.85 -1.41
C TRP B 155 -2.50 -52.39 -2.54
N SER B 156 -2.65 -51.07 -2.68
CA SER B 156 -3.50 -50.49 -3.72
C SER B 156 -2.95 -50.74 -5.13
N LEU B 157 -1.64 -50.51 -5.30
CA LEU B 157 -1.01 -50.72 -6.63
C LEU B 157 -1.13 -52.17 -7.04
N SER B 158 -0.73 -53.06 -6.13
CA SER B 158 -0.88 -54.51 -6.30
C SER B 158 -2.16 -54.99 -6.93
N ARG B 159 -3.31 -54.44 -6.49
CA ARG B 159 -4.59 -54.88 -7.04
C ARG B 159 -4.94 -54.18 -8.36
N GLY B 160 -4.05 -53.33 -8.86
CA GLY B 160 -4.24 -52.66 -10.14
C GLY B 160 -5.00 -51.36 -10.02
N PHE B 161 -5.14 -50.80 -8.81
CA PHE B 161 -5.81 -49.51 -8.64
C PHE B 161 -4.90 -48.34 -9.03
N VAL B 162 -5.48 -47.36 -9.72
CA VAL B 162 -4.85 -46.06 -9.78
C VAL B 162 -4.94 -45.52 -8.36
N THR B 163 -3.79 -45.18 -7.80
CA THR B 163 -3.72 -44.80 -6.40
C THR B 163 -3.28 -43.35 -6.31
N ILE B 164 -3.97 -42.56 -5.47
CA ILE B 164 -3.62 -41.18 -5.24
C ILE B 164 -3.25 -40.93 -3.77
N ILE B 165 -2.09 -40.35 -3.53
CA ILE B 165 -1.74 -39.84 -2.21
C ILE B 165 -1.68 -38.33 -2.24
N ASN B 166 -1.84 -37.71 -1.08
CA ASN B 166 -1.87 -36.27 -1.01
C ASN B 166 -1.30 -35.71 0.29
N SER B 167 -1.58 -34.42 0.53
CA SER B 167 -1.50 -33.82 1.87
C SER B 167 -2.88 -33.32 2.23
N HIS B 168 -3.47 -33.92 3.27
CA HIS B 168 -4.83 -33.71 3.73
C HIS B 168 -4.90 -33.28 5.17
N HIS B 169 -5.61 -32.21 5.46
CA HIS B 169 -5.71 -31.72 6.81
C HIS B 169 -4.43 -31.15 7.34
N ASP B 170 -3.49 -30.92 6.45
CA ASP B 170 -2.25 -30.24 6.79
C ASP B 170 -2.55 -28.75 6.66
N ASP B 171 -3.27 -28.22 7.62
CA ASP B 171 -3.85 -26.88 7.53
C ASP B 171 -2.89 -25.77 7.92
N TRP B 172 -1.88 -26.09 8.72
CA TRP B 172 -0.78 -25.19 9.04
C TRP B 172 -0.19 -24.41 7.80
N ILE B 173 -0.03 -25.09 6.67
CA ILE B 173 0.43 -24.45 5.46
C ILE B 173 -0.60 -23.45 4.93
N LYS B 174 -1.88 -23.70 5.17
CA LYS B 174 -2.94 -22.79 4.75
C LYS B 174 -3.06 -21.58 5.67
N GLU B 175 -2.70 -21.72 6.94
CA GLU B 175 -2.94 -20.65 7.93
C GLU B 175 -1.83 -19.62 7.92
N ASP B 176 -0.62 -20.04 7.54
CA ASP B 176 0.53 -19.15 7.49
C ASP B 176 1.43 -19.68 6.40
N TYR B 177 1.04 -19.39 5.17
CA TYR B 177 1.82 -19.82 4.00
C TYR B 177 3.25 -19.31 3.98
N ASN B 178 3.45 -18.07 4.41
CA ASN B 178 4.77 -17.47 4.39
C ASN B 178 5.74 -18.19 5.32
N GLY B 179 5.33 -18.32 6.58
CA GLY B 179 6.13 -19.02 7.61
C GLY B 179 6.42 -20.50 7.31
N ASN B 180 5.51 -21.16 6.58
CA ASN B 180 5.47 -22.62 6.53
C ASN B 180 5.86 -23.23 5.21
N ILE B 181 5.92 -22.47 4.14
CA ILE B 181 6.22 -23.07 2.83
C ILE B 181 7.53 -23.88 2.83
N GLU B 182 8.56 -23.49 3.59
CA GLU B 182 9.84 -24.25 3.65
C GLU B 182 9.60 -25.71 4.05
N ARG B 183 8.86 -25.90 5.13
CA ARG B 183 8.49 -27.20 5.66
C ARG B 183 7.67 -28.03 4.67
N PHE B 184 6.62 -27.43 4.14
CA PHE B 184 5.78 -28.04 3.12
C PHE B 184 6.55 -28.46 1.88
N GLU B 185 7.48 -27.62 1.40
CA GLU B 185 8.40 -28.00 0.28
C GLU B 185 9.21 -29.26 0.64
N LYS B 186 9.74 -29.26 1.86
CA LYS B 186 10.54 -30.34 2.35
C LYS B 186 9.75 -31.64 2.45
N ILE B 187 8.49 -31.58 2.91
CA ILE B 187 7.62 -32.77 2.95
C ILE B 187 7.57 -33.37 1.56
N TRP B 188 7.16 -32.54 0.60
CA TRP B 188 6.98 -33.01 -0.77
C TRP B 188 8.24 -33.52 -1.39
N GLU B 189 9.37 -32.94 -1.02
CA GLU B 189 10.65 -33.41 -1.54
C GLU B 189 10.89 -34.87 -1.13
N GLN B 190 10.63 -35.14 0.15
CA GLN B 190 10.80 -36.50 0.72
C GLN B 190 9.79 -37.55 0.21
N ILE B 191 8.54 -37.14 -0.01
CA ILE B 191 7.49 -37.99 -0.55
C ILE B 191 7.87 -38.36 -1.97
N ALA B 192 8.15 -37.34 -2.76
CA ALA B 192 8.62 -37.57 -4.12
C ALA B 192 9.81 -38.55 -4.15
N GLU B 193 10.73 -38.40 -3.21
CA GLU B 193 11.98 -39.19 -3.15
C GLU B 193 11.63 -40.65 -2.85
N ARG B 194 10.83 -40.85 -1.80
CA ARG B 194 10.39 -42.17 -1.39
C ARG B 194 9.68 -42.92 -2.51
N PHE B 195 8.69 -42.27 -3.12
CA PHE B 195 7.83 -42.92 -4.10
C PHE B 195 8.29 -42.76 -5.53
N LYS B 196 9.53 -42.32 -5.75
CA LYS B 196 9.98 -42.02 -7.13
C LYS B 196 9.95 -43.20 -8.07
N ASN B 197 10.18 -44.42 -7.58
CA ASN B 197 10.20 -45.60 -8.46
C ASN B 197 8.90 -46.37 -8.56
N LYS B 198 7.80 -45.87 -7.97
CA LYS B 198 6.53 -46.59 -8.04
C LYS B 198 5.95 -46.52 -9.43
N SER B 199 5.01 -47.39 -9.75
CA SER B 199 4.40 -47.32 -11.07
C SER B 199 3.70 -45.97 -11.31
N GLU B 200 3.66 -45.63 -12.58
CA GLU B 200 2.88 -44.50 -13.12
C GLU B 200 1.41 -44.42 -12.66
N ASN B 201 0.84 -45.51 -12.17
CA ASN B 201 -0.50 -45.50 -11.56
C ASN B 201 -0.60 -44.89 -10.15
N LEU B 202 0.53 -44.54 -9.54
CA LEU B 202 0.52 -43.72 -8.34
C LEU B 202 0.60 -42.26 -8.74
N LEU B 203 -0.30 -41.45 -8.20
CA LEU B 203 -0.43 -40.04 -8.55
C LEU B 203 -0.15 -39.19 -7.32
N PHE B 204 0.45 -38.01 -7.50
CA PHE B 204 0.53 -37.05 -6.39
C PHE B 204 -0.50 -35.93 -6.51
N GLU B 205 -1.21 -35.70 -5.43
CA GLU B 205 -2.11 -34.58 -5.30
C GLU B 205 -1.50 -33.62 -4.26
N ILE B 206 -1.20 -32.40 -4.68
CA ILE B 206 -0.31 -31.50 -3.93
C ILE B 206 -0.91 -31.06 -2.62
N MET B 207 -2.18 -30.65 -2.65
CA MET B 207 -2.83 -30.11 -1.45
C MET B 207 -4.34 -30.20 -1.54
N ASN B 208 -4.91 -30.82 -0.51
CA ASN B 208 -6.32 -31.00 -0.41
C ASN B 208 -6.93 -29.74 0.18
N GLU B 209 -7.94 -29.26 -0.53
CA GLU B 209 -8.82 -28.21 -0.02
C GLU B 209 -8.10 -27.07 0.68
N PRO B 210 -7.48 -26.15 -0.11
CA PRO B 210 -7.07 -24.85 0.38
C PRO B 210 -8.29 -24.09 0.81
N PHE B 211 -8.13 -23.41 1.93
CA PHE B 211 -9.16 -22.55 2.43
C PHE B 211 -8.50 -21.62 3.42
N GLY B 212 -9.21 -20.60 3.82
CA GLY B 212 -8.75 -19.66 4.78
C GLY B 212 -7.73 -18.71 4.21
N ASN B 213 -6.78 -18.35 5.07
CA ASN B 213 -5.89 -17.22 4.91
C ASN B 213 -5.07 -17.20 3.61
N ILE B 214 -4.64 -18.38 3.20
CA ILE B 214 -3.88 -18.51 1.97
C ILE B 214 -4.64 -17.96 0.75
N THR B 215 -3.91 -17.18 -0.07
CA THR B 215 -4.52 -16.45 -1.19
C THR B 215 -4.51 -17.25 -2.47
N ASP B 216 -5.31 -16.84 -3.44
CA ASP B 216 -5.27 -17.43 -4.78
C ASP B 216 -3.87 -17.41 -5.42
N GLU B 217 -3.14 -16.31 -5.20
CA GLU B 217 -1.79 -16.11 -5.74
C GLU B 217 -0.82 -17.08 -5.11
N GLN B 218 -0.96 -17.24 -3.80
CA GLN B 218 -0.15 -18.21 -3.06
C GLN B 218 -0.41 -19.66 -3.44
N ILE B 219 -1.67 -19.97 -3.74
CA ILE B 219 -2.03 -21.30 -4.24
C ILE B 219 -1.35 -21.56 -5.59
N ASP B 220 -1.40 -20.58 -6.48
CA ASP B 220 -0.70 -20.67 -7.77
C ASP B 220 0.80 -20.81 -7.57
N ASP B 221 1.36 -20.00 -6.67
CA ASP B 221 2.79 -20.06 -6.34
C ASP B 221 3.15 -21.43 -5.84
N MET B 222 2.38 -21.92 -4.88
CA MET B 222 2.54 -23.27 -4.32
C MET B 222 2.50 -24.39 -5.35
N ASN B 223 1.45 -24.42 -6.18
CA ASN B 223 1.38 -25.47 -7.22
C ASN B 223 2.59 -25.44 -8.12
N SER B 224 2.96 -24.24 -8.56
CA SER B 224 4.11 -24.08 -9.43
C SER B 224 5.37 -24.60 -8.76
N ARG B 225 5.69 -24.11 -7.55
CA ARG B 225 6.98 -24.57 -6.91
C ARG B 225 7.05 -26.01 -6.39
N ILE B 226 5.95 -26.49 -5.82
CA ILE B 226 5.88 -27.89 -5.39
C ILE B 226 5.97 -28.80 -6.61
N LEU B 227 5.32 -28.42 -7.71
CA LEU B 227 5.43 -29.21 -8.95
C LEU B 227 6.87 -29.37 -9.36
N LYS B 228 7.63 -28.27 -9.26
CA LYS B 228 9.02 -28.22 -9.69
C LYS B 228 9.88 -29.14 -8.86
N ILE B 229 9.59 -29.23 -7.56
CA ILE B 229 10.27 -30.17 -6.68
C ILE B 229 9.91 -31.62 -7.00
N ILE B 230 8.63 -31.90 -7.23
CA ILE B 230 8.23 -33.25 -7.65
C ILE B 230 9.10 -33.64 -8.88
N ARG B 231 9.17 -32.75 -9.86
CA ARG B 231 9.78 -33.07 -11.16
C ARG B 231 11.29 -33.39 -11.12
N LYS B 232 12.01 -32.93 -10.10
CA LYS B 232 13.43 -33.30 -9.97
C LYS B 232 13.65 -34.81 -9.85
N THR B 233 12.75 -35.52 -9.15
CA THR B 233 12.82 -36.99 -8.98
C THR B 233 11.72 -37.81 -9.70
N ASN B 234 10.67 -37.16 -10.20
CA ASN B 234 9.51 -37.81 -10.83
C ASN B 234 9.20 -37.00 -12.10
N PRO B 235 9.99 -37.18 -13.15
CA PRO B 235 9.85 -36.33 -14.33
C PRO B 235 8.52 -36.43 -15.05
N THR B 236 7.87 -37.60 -14.99
CA THR B 236 6.60 -37.82 -15.71
C THR B 236 5.37 -38.25 -14.88
N ARG B 237 5.50 -38.43 -13.57
CA ARG B 237 4.39 -38.82 -12.71
C ARG B 237 3.23 -37.82 -12.76
N ILE B 238 2.02 -38.26 -13.09
CA ILE B 238 0.95 -37.27 -13.14
C ILE B 238 0.69 -36.65 -11.76
N VAL B 239 0.54 -35.31 -11.75
CA VAL B 239 0.34 -34.53 -10.56
C VAL B 239 -0.99 -33.80 -10.64
N ILE B 240 -1.72 -33.81 -9.52
CA ILE B 240 -3.07 -33.33 -9.45
C ILE B 240 -3.05 -32.02 -8.68
N ILE B 241 -3.66 -31.02 -9.28
CA ILE B 241 -3.66 -29.66 -8.75
C ILE B 241 -5.08 -29.16 -8.76
N GLY B 242 -5.38 -28.23 -7.85
CA GLY B 242 -6.70 -27.59 -7.78
C GLY B 242 -6.56 -26.21 -7.18
N GLY B 243 -7.69 -25.59 -6.88
CA GLY B 243 -7.64 -24.28 -6.24
C GLY B 243 -8.32 -24.16 -4.87
N GLY B 244 -8.54 -22.91 -4.47
CA GLY B 244 -9.07 -22.58 -3.16
C GLY B 244 -10.55 -22.81 -3.00
N TYR B 245 -11.10 -22.22 -1.94
CA TYR B 245 -12.46 -22.51 -1.46
C TYR B 245 -12.76 -24.02 -1.51
N TRP B 246 -11.95 -24.76 -0.77
CA TRP B 246 -12.13 -26.20 -0.61
C TRP B 246 -12.15 -26.96 -1.96
N ASN B 247 -11.22 -26.61 -2.84
CA ASN B 247 -11.14 -27.24 -4.16
C ASN B 247 -12.47 -27.13 -4.93
N SER B 248 -13.08 -25.96 -4.78
CA SER B 248 -14.25 -25.60 -5.54
C SER B 248 -13.99 -25.73 -7.02
N TYR B 249 -15.03 -26.06 -7.78
CA TYR B 249 -14.96 -26.09 -9.25
C TYR B 249 -14.75 -24.66 -9.80
N ASN B 250 -15.35 -23.69 -9.12
CA ASN B 250 -15.34 -22.29 -9.55
C ASN B 250 -13.97 -21.68 -9.47
N THR B 251 -13.20 -22.24 -8.57
CA THR B 251 -11.81 -21.92 -8.36
C THR B 251 -10.89 -22.68 -9.33
N LEU B 252 -11.19 -23.96 -9.57
CA LEU B 252 -10.42 -24.76 -10.50
C LEU B 252 -10.29 -24.08 -11.87
N VAL B 253 -11.40 -23.54 -12.36
CA VAL B 253 -11.40 -22.92 -13.69
C VAL B 253 -10.56 -21.62 -13.81
N ASN B 254 -9.98 -21.13 -12.71
CA ASN B 254 -9.20 -19.88 -12.71
C ASN B 254 -7.76 -19.97 -12.28
N ILE B 255 -7.27 -21.17 -12.04
CA ILE B 255 -5.88 -21.34 -11.56
C ILE B 255 -4.91 -21.25 -12.72
N LYS B 256 -3.70 -20.81 -12.42
CA LYS B 256 -2.62 -20.85 -13.39
C LYS B 256 -2.10 -22.26 -13.49
N ILE B 257 -2.33 -22.87 -14.64
CA ILE B 257 -1.89 -24.22 -14.94
C ILE B 257 -0.42 -24.11 -15.27
N PRO B 258 0.50 -24.68 -14.45
CA PRO B 258 1.91 -24.69 -14.90
C PRO B 258 2.10 -25.24 -16.30
N ASP B 259 3.13 -24.77 -16.99
CA ASP B 259 3.50 -25.31 -18.29
C ASP B 259 4.10 -26.73 -18.14
N ASP B 260 3.21 -27.71 -18.03
CA ASP B 260 3.59 -29.10 -17.82
C ASP B 260 2.54 -30.01 -18.44
N PRO B 261 2.97 -31.06 -19.14
CA PRO B 261 2.03 -31.92 -19.86
C PRO B 261 1.45 -33.13 -19.06
N TYR B 262 1.80 -33.24 -17.77
CA TYR B 262 1.35 -34.36 -16.92
C TYR B 262 0.60 -33.86 -15.71
N LEU B 263 -0.55 -33.27 -15.97
CA LEU B 263 -1.38 -32.70 -14.93
C LEU B 263 -2.83 -33.13 -15.05
N ILE B 264 -3.47 -33.25 -13.90
CA ILE B 264 -4.91 -33.36 -13.83
C ILE B 264 -5.35 -32.29 -12.86
N GLY B 265 -6.47 -31.68 -13.20
CA GLY B 265 -7.11 -30.71 -12.36
C GLY B 265 -8.24 -31.35 -11.57
N THR B 266 -8.45 -30.86 -10.35
CA THR B 266 -9.38 -31.47 -9.42
C THR B 266 -10.32 -30.47 -8.79
N ALA B 267 -11.52 -30.96 -8.50
CA ALA B 267 -12.48 -30.26 -7.68
C ALA B 267 -13.23 -31.30 -6.84
N HIS B 268 -13.85 -30.82 -5.77
CA HIS B 268 -14.75 -31.64 -4.99
C HIS B 268 -16.10 -31.04 -5.23
N TYR B 269 -17.09 -31.89 -5.48
CA TYR B 269 -18.45 -31.43 -5.70
C TYR B 269 -19.30 -31.87 -4.50
N TYR B 270 -19.75 -30.89 -3.71
CA TYR B 270 -20.66 -31.08 -2.56
C TYR B 270 -21.86 -30.10 -2.64
N ASP B 271 -22.17 -29.58 -3.83
CA ASP B 271 -23.30 -28.65 -4.00
C ASP B 271 -24.59 -29.44 -4.14
N PRO B 272 -25.71 -28.95 -3.57
CA PRO B 272 -25.77 -27.77 -2.69
C PRO B 272 -25.27 -28.12 -1.29
N PHE B 273 -24.37 -27.29 -0.76
CA PHE B 273 -23.61 -27.63 0.44
C PHE B 273 -24.53 -27.89 1.63
N GLU B 274 -25.54 -27.05 1.73
CA GLU B 274 -26.51 -27.17 2.79
C GLU B 274 -27.30 -28.46 2.66
N PHE B 275 -27.49 -28.95 1.44
CA PHE B 275 -28.10 -30.27 1.27
C PHE B 275 -27.15 -31.40 1.69
N THR B 276 -25.93 -31.37 1.18
CA THR B 276 -25.01 -32.47 1.36
C THR B 276 -24.33 -32.49 2.74
N HIS B 277 -24.41 -31.39 3.45
CA HIS B 277 -23.81 -31.34 4.76
C HIS B 277 -24.80 -31.15 5.89
N GLN B 278 -26.07 -31.30 5.61
CA GLN B 278 -27.07 -31.14 6.64
C GLN B 278 -26.72 -32.05 7.81
N GLY B 279 -26.72 -31.47 9.00
CA GLY B 279 -26.44 -32.21 10.21
C GLY B 279 -25.00 -32.52 10.52
N ALA B 280 -24.05 -32.35 9.60
CA ALA B 280 -22.63 -32.54 9.91
C ALA B 280 -22.28 -31.92 11.26
N GLU B 281 -21.70 -32.73 12.15
CA GLU B 281 -21.32 -32.31 13.49
C GLU B 281 -20.37 -31.13 13.41
N TRP B 282 -19.39 -31.27 12.53
CA TRP B 282 -18.27 -30.38 12.40
C TRP B 282 -18.53 -29.05 11.60
N VAL B 283 -19.77 -28.81 11.16
CA VAL B 283 -20.14 -27.59 10.47
C VAL B 283 -21.10 -26.79 11.35
N GLU B 284 -20.66 -25.61 11.81
CA GLU B 284 -21.54 -24.70 12.58
C GLU B 284 -22.78 -24.40 11.78
N GLY B 285 -23.94 -24.54 12.42
CA GLY B 285 -25.24 -24.23 11.83
C GLY B 285 -25.90 -25.33 11.04
N SER B 286 -25.20 -26.46 10.82
CA SER B 286 -25.69 -27.52 9.95
C SER B 286 -27.07 -28.06 10.35
N GLU B 287 -27.38 -28.01 11.64
CA GLU B 287 -28.66 -28.52 12.15
C GLU B 287 -29.87 -27.81 11.53
N LYS B 288 -29.69 -26.55 11.15
CA LYS B 288 -30.73 -25.76 10.48
C LYS B 288 -31.16 -26.29 9.10
N TRP B 289 -30.35 -27.14 8.48
CA TRP B 289 -30.60 -27.59 7.11
C TRP B 289 -31.26 -28.96 7.05
N LEU B 290 -31.47 -29.61 8.19
CA LEU B 290 -32.08 -30.95 8.19
C LEU B 290 -33.47 -30.99 7.52
N GLY B 291 -33.71 -32.02 6.70
CA GLY B 291 -34.97 -32.18 5.97
C GLY B 291 -34.95 -31.62 4.56
N ARG B 292 -33.77 -31.14 4.15
CA ARG B 292 -33.57 -30.53 2.85
C ARG B 292 -33.51 -31.67 1.86
N LYS B 293 -34.30 -31.56 0.81
CA LYS B 293 -34.37 -32.59 -0.21
C LYS B 293 -33.51 -32.20 -1.40
N TRP B 294 -33.39 -33.16 -2.32
CA TRP B 294 -32.68 -32.93 -3.56
C TRP B 294 -33.27 -33.83 -4.65
N GLY B 295 -33.49 -33.28 -5.84
CA GLY B 295 -33.93 -34.09 -6.98
C GLY B 295 -34.89 -33.49 -8.01
N THR B 296 -35.19 -32.19 -7.88
CA THR B 296 -36.06 -31.52 -8.83
C THR B 296 -35.34 -31.49 -10.17
N GLN B 297 -36.07 -31.21 -11.25
CA GLN B 297 -35.45 -31.05 -12.57
C GLN B 297 -34.49 -29.82 -12.51
N GLU B 298 -34.87 -28.78 -11.79
CA GLU B 298 -33.99 -27.66 -11.48
C GLU B 298 -32.70 -28.07 -10.76
N ASP B 299 -32.81 -29.00 -9.82
CA ASP B 299 -31.65 -29.44 -9.06
C ASP B 299 -30.66 -30.14 -10.03
N MET B 300 -31.18 -30.97 -10.91
CA MET B 300 -30.37 -31.67 -11.90
C MET B 300 -29.77 -30.72 -12.95
N ASP B 301 -30.59 -29.83 -13.50
CA ASP B 301 -30.12 -28.85 -14.46
C ASP B 301 -28.94 -28.08 -13.92
N THR B 302 -29.00 -27.67 -12.66
CA THR B 302 -27.87 -26.97 -12.02
C THR B 302 -26.55 -27.78 -12.10
N VAL B 303 -26.62 -29.07 -11.83
CA VAL B 303 -25.45 -29.92 -11.89
C VAL B 303 -24.90 -29.98 -13.31
N VAL B 304 -25.80 -30.19 -14.27
CA VAL B 304 -25.44 -30.27 -15.68
C VAL B 304 -24.72 -29.01 -16.12
N ARG B 305 -25.33 -27.86 -15.87
CA ARG B 305 -24.71 -26.57 -16.19
C ARG B 305 -23.26 -26.52 -15.71
N VAL B 306 -23.08 -26.66 -14.40
CA VAL B 306 -21.76 -26.62 -13.77
C VAL B 306 -20.80 -27.60 -14.43
N PHE B 307 -21.23 -28.83 -14.57
CA PHE B 307 -20.39 -29.87 -15.15
C PHE B 307 -20.02 -29.62 -16.63
N ASP B 308 -20.94 -29.03 -17.40
CA ASP B 308 -20.65 -28.54 -18.77
C ASP B 308 -19.61 -27.40 -18.78
N PHE B 309 -19.77 -26.46 -17.87
CA PHE B 309 -18.82 -25.35 -17.68
C PHE B 309 -17.43 -25.93 -17.37
N VAL B 310 -17.37 -26.90 -16.46
CA VAL B 310 -16.10 -27.46 -16.07
C VAL B 310 -15.48 -28.22 -17.24
N LYS B 311 -16.34 -28.90 -17.97
CA LYS B 311 -15.97 -29.63 -19.18
C LYS B 311 -15.35 -28.72 -20.28
N SER B 312 -15.99 -27.57 -20.47
CA SER B 312 -15.51 -26.53 -21.34
C SER B 312 -14.09 -26.14 -20.94
N TRP B 313 -13.87 -25.83 -19.66
CA TRP B 313 -12.52 -25.57 -19.15
C TRP B 313 -11.53 -26.69 -19.50
N SER B 314 -11.92 -27.95 -19.30
CA SER B 314 -11.01 -29.09 -19.58
C SER B 314 -10.63 -29.12 -21.06
N ASP B 315 -11.64 -29.00 -21.90
CA ASP B 315 -11.49 -28.88 -23.35
C ASP B 315 -10.60 -27.69 -23.80
N ARG B 316 -10.94 -26.48 -23.35
CA ARG B 316 -10.18 -25.27 -23.71
C ARG B 316 -8.72 -25.33 -23.25
N ASN B 317 -8.40 -26.01 -22.14
CA ASN B 317 -7.01 -26.06 -21.63
C ASN B 317 -6.34 -27.42 -21.81
N ASN B 318 -7.02 -28.33 -22.49
CA ASN B 318 -6.46 -29.66 -22.70
C ASN B 318 -5.88 -30.30 -21.40
N ILE B 319 -6.68 -30.25 -20.34
CA ILE B 319 -6.32 -30.80 -19.06
C ILE B 319 -7.54 -31.57 -18.53
N PRO B 320 -7.36 -32.85 -18.13
CA PRO B 320 -8.48 -33.62 -17.61
C PRO B 320 -8.90 -33.20 -16.20
N VAL B 321 -10.10 -33.64 -15.84
CA VAL B 321 -10.76 -33.34 -14.57
C VAL B 321 -11.01 -34.55 -13.68
N TYR B 322 -10.67 -34.38 -12.40
CA TYR B 322 -10.86 -35.38 -11.37
C TYR B 322 -11.74 -34.80 -10.28
N PHE B 323 -12.94 -35.33 -10.11
CA PHE B 323 -13.74 -35.07 -8.91
C PHE B 323 -13.32 -36.04 -7.83
N GLY B 324 -12.36 -35.60 -7.00
CA GLY B 324 -11.73 -36.48 -6.02
C GLY B 324 -12.51 -36.65 -4.72
N GLU B 325 -13.57 -35.88 -4.54
CA GLU B 325 -14.53 -36.15 -3.48
C GLU B 325 -15.92 -35.77 -3.94
N PHE B 326 -16.88 -36.57 -3.48
CA PHE B 326 -18.29 -36.17 -3.45
C PHE B 326 -19.01 -37.16 -2.55
N ALA B 327 -19.97 -36.66 -1.77
CA ALA B 327 -20.83 -37.49 -0.91
C ALA B 327 -21.94 -36.64 -0.29
N VAL B 328 -22.79 -37.29 0.49
CA VAL B 328 -23.93 -36.68 1.16
C VAL B 328 -24.04 -37.23 2.59
N MET B 329 -24.31 -36.36 3.56
CA MET B 329 -24.62 -36.80 4.93
C MET B 329 -25.79 -37.78 4.95
N ALA B 330 -25.62 -38.87 5.70
CA ALA B 330 -26.70 -39.86 5.81
C ALA B 330 -27.94 -39.31 6.56
N TYR B 331 -27.86 -38.14 7.17
CA TYR B 331 -29.05 -37.46 7.66
C TYR B 331 -30.04 -37.14 6.56
N ALA B 332 -29.54 -36.97 5.37
CA ALA B 332 -30.39 -36.62 4.25
C ALA B 332 -31.41 -37.71 4.02
N ASP B 333 -32.59 -37.23 3.64
CA ASP B 333 -33.68 -38.04 3.13
C ASP B 333 -33.08 -39.05 2.17
N ARG B 334 -33.45 -40.30 2.35
CA ARG B 334 -32.79 -41.42 1.70
C ARG B 334 -32.94 -41.39 0.16
N THR B 335 -34.13 -41.06 -0.34
CA THR B 335 -34.34 -41.03 -1.78
C THR B 335 -33.49 -39.92 -2.35
N SER B 336 -33.50 -38.77 -1.69
CA SER B 336 -32.62 -37.65 -2.04
C SER B 336 -31.13 -38.07 -2.05
N ARG B 337 -30.67 -38.71 -0.96
CA ARG B 337 -29.26 -39.10 -0.83
C ARG B 337 -28.82 -40.03 -1.96
N VAL B 338 -29.61 -41.06 -2.23
CA VAL B 338 -29.25 -42.01 -3.29
C VAL B 338 -29.26 -41.36 -4.68
N LYS B 339 -30.20 -40.46 -4.90
CA LYS B 339 -30.41 -39.85 -6.21
C LYS B 339 -29.23 -38.94 -6.55
N TRP B 340 -28.75 -38.21 -5.54
CA TRP B 340 -27.62 -37.28 -5.69
C TRP B 340 -26.35 -38.02 -6.07
N TYR B 341 -26.06 -39.11 -5.35
CA TYR B 341 -24.95 -39.98 -5.74
C TYR B 341 -25.17 -40.44 -7.16
N ASP B 342 -26.39 -40.88 -7.47
CA ASP B 342 -26.63 -41.42 -8.81
C ASP B 342 -26.39 -40.40 -9.93
N PHE B 343 -26.88 -39.18 -9.72
CA PHE B 343 -26.86 -38.15 -10.75
C PHE B 343 -25.48 -37.54 -10.97
N ILE B 344 -24.82 -37.13 -9.90
CA ILE B 344 -23.43 -36.64 -9.94
C ILE B 344 -22.51 -37.65 -10.65
N SER B 345 -22.60 -38.93 -10.29
CA SER B 345 -21.71 -39.94 -10.88
C SER B 345 -21.99 -40.07 -12.36
N ASP B 346 -23.26 -40.14 -12.72
CA ASP B 346 -23.65 -40.36 -14.10
C ASP B 346 -23.28 -39.09 -14.92
N ALA B 347 -23.54 -37.91 -14.39
CA ALA B 347 -23.22 -36.67 -15.07
C ALA B 347 -21.72 -36.45 -15.25
N ALA B 348 -20.91 -36.91 -14.30
CA ALA B 348 -19.47 -36.68 -14.32
C ALA B 348 -18.79 -37.69 -15.22
N LEU B 349 -19.11 -38.97 -15.03
CA LEU B 349 -18.60 -40.02 -15.93
C LEU B 349 -19.09 -39.82 -17.38
N GLU B 350 -20.26 -39.21 -17.56
CA GLU B 350 -20.78 -38.89 -18.89
C GLU B 350 -19.79 -38.02 -19.67
N ARG B 351 -19.08 -37.14 -18.95
CA ARG B 351 -18.15 -36.18 -19.53
C ARG B 351 -16.69 -36.61 -19.43
N GLY B 352 -16.41 -37.87 -19.08
CA GLY B 352 -15.03 -38.36 -18.96
C GLY B 352 -14.27 -37.95 -17.70
N PHE B 353 -14.92 -37.32 -16.72
CA PHE B 353 -14.21 -37.03 -15.48
C PHE B 353 -13.93 -38.31 -14.70
N ALA B 354 -12.82 -38.29 -13.95
CA ALA B 354 -12.52 -39.31 -12.97
C ALA B 354 -13.15 -38.89 -11.66
N CYS B 355 -13.57 -39.88 -10.90
CA CYS B 355 -14.28 -39.67 -9.68
C CYS B 355 -13.71 -40.58 -8.61
N SER B 356 -13.72 -40.06 -7.39
CA SER B 356 -13.50 -40.83 -6.18
C SER B 356 -14.58 -40.43 -5.18
N VAL B 357 -15.50 -41.38 -4.93
CA VAL B 357 -16.55 -41.13 -3.95
C VAL B 357 -15.87 -40.96 -2.59
N TRP B 358 -16.42 -40.07 -1.78
CA TRP B 358 -15.97 -39.89 -0.42
C TRP B 358 -16.69 -40.88 0.47
N ASP B 359 -15.93 -41.52 1.36
CA ASP B 359 -16.45 -42.56 2.29
C ASP B 359 -15.60 -42.52 3.55
N ASN B 360 -16.23 -42.24 4.68
CA ASN B 360 -15.52 -42.09 5.95
C ASN B 360 -15.71 -43.30 6.89
N GLY B 361 -16.48 -44.29 6.43
CA GLY B 361 -16.70 -45.50 7.22
C GLY B 361 -17.56 -45.36 8.47
N VAL B 362 -18.23 -44.22 8.64
CA VAL B 362 -18.97 -43.92 9.84
C VAL B 362 -20.46 -44.03 9.58
N PHE B 363 -21.12 -44.89 10.36
CA PHE B 363 -22.56 -45.11 10.26
C PHE B 363 -23.34 -44.63 11.50
N GLY B 364 -22.69 -44.54 12.64
CA GLY B 364 -23.34 -43.98 13.80
C GLY B 364 -22.26 -43.26 14.58
N SER B 365 -22.52 -42.04 15.06
CA SER B 365 -23.77 -41.29 14.82
C SER B 365 -24.00 -40.79 13.39
N LEU B 366 -25.25 -40.52 13.11
CA LEU B 366 -25.64 -40.00 11.81
C LEU B 366 -24.96 -38.66 11.45
N ASP B 367 -24.65 -37.85 12.46
CA ASP B 367 -24.08 -36.55 12.26
C ASP B 367 -22.60 -36.61 11.83
N ASN B 368 -22.04 -37.81 11.73
CA ASN B 368 -20.72 -38.02 11.14
C ASN B 368 -20.73 -38.99 9.96
N ASP B 369 -21.92 -39.40 9.51
CA ASP B 369 -22.07 -40.47 8.55
C ASP B 369 -21.94 -39.93 7.11
N MET B 370 -20.87 -40.30 6.42
CA MET B 370 -20.67 -40.09 4.98
C MET B 370 -20.14 -41.38 4.37
N ALA B 371 -20.86 -42.47 4.62
CA ALA B 371 -20.31 -43.79 4.52
C ALA B 371 -21.00 -44.64 3.50
N ILE B 372 -20.20 -45.57 2.99
CA ILE B 372 -20.67 -46.65 2.15
C ILE B 372 -20.15 -48.03 2.66
N TYR B 373 -18.85 -48.12 2.92
CA TYR B 373 -18.23 -49.36 3.31
C TYR B 373 -18.11 -49.47 4.86
N ASN B 374 -18.65 -50.55 5.43
CA ASN B 374 -18.52 -50.87 6.85
C ASN B 374 -17.28 -51.69 7.01
N ARG B 375 -16.31 -51.14 7.75
CA ARG B 375 -15.00 -51.80 7.83
C ARG B 375 -14.99 -52.99 8.80
N ASP B 376 -15.96 -53.04 9.72
CA ASP B 376 -16.11 -54.15 10.65
C ASP B 376 -16.80 -55.37 9.99
N THR B 377 -17.93 -55.11 9.33
CA THR B 377 -18.75 -56.17 8.72
C THR B 377 -18.43 -56.47 7.25
N ARG B 378 -17.55 -55.66 6.62
CA ARG B 378 -17.20 -55.80 5.21
C ARG B 378 -18.40 -55.75 4.27
N THR B 379 -19.29 -54.83 4.57
CA THR B 379 -20.54 -54.58 3.87
C THR B 379 -20.53 -53.20 3.23
N PHE B 380 -21.01 -53.16 1.98
CA PHE B 380 -21.22 -51.90 1.28
C PHE B 380 -22.71 -51.57 1.36
N ASP B 381 -23.03 -50.28 1.41
CA ASP B 381 -24.37 -49.81 1.10
C ASP B 381 -24.55 -50.03 -0.42
N THR B 382 -25.02 -51.22 -0.75
CA THR B 382 -25.29 -51.66 -2.11
C THR B 382 -26.06 -50.70 -2.99
N GLU B 383 -27.11 -50.08 -2.45
CA GLU B 383 -27.96 -49.20 -3.27
C GLU B 383 -27.13 -48.01 -3.80
N ILE B 384 -26.30 -47.44 -2.93
CA ILE B 384 -25.46 -46.30 -3.29
C ILE B 384 -24.37 -46.74 -4.25
N LEU B 385 -23.72 -47.81 -3.87
CA LEU B 385 -22.69 -48.37 -4.69
C LEU B 385 -23.14 -48.49 -6.15
N ASN B 386 -24.30 -49.09 -6.37
CA ASN B 386 -24.79 -49.33 -7.73
C ASN B 386 -25.08 -48.05 -8.46
N ALA B 387 -25.59 -47.05 -7.74
CA ALA B 387 -25.79 -45.71 -8.30
C ALA B 387 -24.49 -45.03 -8.87
N LEU B 388 -23.35 -45.37 -8.27
CA LEU B 388 -22.03 -44.92 -8.70
C LEU B 388 -21.60 -45.53 -10.02
N PHE B 389 -21.97 -46.77 -10.27
CA PHE B 389 -21.57 -47.45 -11.51
C PHE B 389 -22.61 -47.47 -12.62
N ASN B 390 -23.89 -47.39 -12.26
CA ASN B 390 -24.96 -47.59 -13.21
C ASN B 390 -25.70 -46.28 -13.41
N PRO B 391 -26.40 -46.17 -14.57
CA PRO B 391 -27.43 -45.14 -14.78
C PRO B 391 -28.79 -45.46 -14.14
N VAL C 76 -6.39 60.94 -7.04
CA VAL C 76 -5.69 60.30 -5.87
C VAL C 76 -4.17 60.56 -5.78
N ASP C 77 -3.79 61.31 -4.75
CA ASP C 77 -2.41 61.75 -4.45
C ASP C 77 -1.45 60.56 -4.28
N PRO C 78 -0.23 60.61 -4.87
CA PRO C 78 0.85 59.62 -4.70
C PRO C 78 1.32 59.28 -3.29
N PHE C 79 1.33 60.28 -2.40
CA PHE C 79 1.82 60.09 -1.04
C PHE C 79 0.82 59.32 -0.20
N GLU C 80 -0.47 59.52 -0.51
CA GLU C 80 -1.55 58.72 0.05
C GLU C 80 -1.36 57.25 -0.35
N MET C 81 -1.11 57.02 -1.64
CA MET C 81 -0.92 55.67 -2.16
C MET C 81 0.27 55.01 -1.50
N VAL C 82 1.37 55.73 -1.38
CA VAL C 82 2.55 55.18 -0.74
C VAL C 82 2.30 54.76 0.73
N ARG C 83 1.45 55.49 1.42
CA ARG C 83 1.07 55.17 2.79
C ARG C 83 0.18 53.90 2.79
N LYS C 84 -0.89 53.97 2.02
CA LYS C 84 -1.83 52.86 1.81
C LYS C 84 -1.17 51.55 1.32
N MET C 85 -0.14 51.66 0.49
CA MET C 85 0.59 50.48 -0.02
C MET C 85 1.24 49.67 1.11
N GLY C 86 1.69 50.40 2.14
CA GLY C 86 2.34 49.81 3.30
C GLY C 86 3.45 48.85 2.92
N MET C 87 3.47 47.72 3.63
CA MET C 87 4.37 46.60 3.33
C MET C 87 3.57 45.52 2.60
N GLY C 88 4.21 44.89 1.62
CA GLY C 88 3.55 43.91 0.76
C GLY C 88 4.57 43.02 0.10
N THR C 89 4.18 42.37 -0.99
CA THR C 89 5.01 41.31 -1.57
C THR C 89 4.94 41.28 -3.08
N ASN C 90 5.99 40.72 -3.66
CA ASN C 90 5.98 40.22 -5.00
C ASN C 90 5.26 38.88 -5.16
N LEU C 91 4.83 38.62 -6.40
CA LEU C 91 4.40 37.31 -6.87
C LEU C 91 5.51 36.81 -7.76
N GLY C 92 6.64 36.53 -7.11
CA GLY C 92 7.87 36.26 -7.79
C GLY C 92 7.92 35.00 -8.62
N ASN C 93 8.68 35.10 -9.70
CA ASN C 93 8.96 33.98 -10.58
C ASN C 93 7.69 33.32 -11.13
N THR C 94 6.66 34.12 -11.35
CA THR C 94 5.40 33.62 -11.89
C THR C 94 5.18 34.05 -13.35
N LEU C 95 4.57 35.21 -13.57
CA LEU C 95 4.28 35.69 -14.92
C LEU C 95 5.50 36.30 -15.64
N GLU C 96 6.64 36.47 -14.94
CA GLU C 96 7.89 36.94 -15.57
C GLU C 96 8.82 35.86 -16.02
N ALA C 97 8.43 34.63 -15.75
CA ALA C 97 9.11 33.50 -16.31
C ALA C 97 8.79 33.51 -17.84
N PRO C 98 9.61 32.82 -18.64
CA PRO C 98 9.36 32.77 -20.09
C PRO C 98 7.89 32.47 -20.39
N TYR C 99 7.39 31.38 -19.82
CA TYR C 99 5.95 31.11 -19.81
C TYR C 99 5.58 30.92 -18.37
N GLU C 100 4.37 31.33 -18.01
CA GLU C 100 3.89 31.07 -16.66
C GLU C 100 3.95 29.57 -16.32
N GLY C 101 4.48 29.26 -15.14
CA GLY C 101 4.55 27.89 -14.63
C GLY C 101 5.88 27.24 -14.93
N SER C 102 6.70 27.83 -15.77
CA SER C 102 7.95 27.19 -16.12
C SER C 102 9.01 27.47 -15.05
N TRP C 103 8.76 28.41 -14.13
CA TRP C 103 9.68 28.61 -13.00
C TRP C 103 9.00 28.16 -11.73
N SER C 104 8.48 29.07 -10.93
CA SER C 104 7.65 28.69 -9.82
C SER C 104 6.25 28.45 -10.36
N LYS C 105 5.39 27.99 -9.45
CA LYS C 105 4.06 27.55 -9.76
C LYS C 105 3.18 28.71 -10.25
N SER C 106 2.32 28.44 -11.23
CA SER C 106 1.35 29.43 -11.73
C SER C 106 0.46 30.04 -10.65
N ALA C 107 -0.13 31.17 -10.98
CA ALA C 107 -0.91 31.96 -10.04
C ALA C 107 -2.31 31.40 -9.77
N MET C 108 -2.78 31.57 -8.52
CA MET C 108 -4.06 31.01 -8.03
C MET C 108 -4.72 32.01 -7.06
N GLU C 109 -6.06 32.03 -7.01
CA GLU C 109 -6.78 32.92 -6.07
C GLU C 109 -6.31 32.80 -4.65
N TYR C 110 -5.99 31.58 -4.23
CA TYR C 110 -5.75 31.30 -2.82
C TYR C 110 -4.46 31.96 -2.36
N TYR C 111 -3.50 32.13 -3.26
CA TYR C 111 -2.28 32.88 -2.98
C TYR C 111 -2.67 34.22 -2.36
N PHE C 112 -3.63 34.86 -2.99
CA PHE C 112 -4.08 36.19 -2.59
C PHE C 112 -4.92 36.21 -1.32
N ASP C 113 -5.69 35.15 -1.08
CA ASP C 113 -6.31 34.96 0.24
C ASP C 113 -5.22 34.80 1.30
N ASP C 114 -4.15 34.09 0.97
CA ASP C 114 -3.08 33.88 1.95
C ASP C 114 -2.33 35.16 2.23
N PHE C 115 -1.81 35.76 1.17
CA PHE C 115 -1.23 37.10 1.24
C PHE C 115 -2.09 38.05 2.08
N LYS C 116 -3.40 38.04 1.86
CA LYS C 116 -4.27 38.97 2.61
C LYS C 116 -4.30 38.65 4.10
N ALA C 117 -4.53 37.38 4.44
CA ALA C 117 -4.62 36.95 5.84
C ALA C 117 -3.27 37.06 6.56
N ALA C 118 -2.17 36.98 5.82
CA ALA C 118 -0.83 37.20 6.37
C ALA C 118 -0.52 38.66 6.67
N GLY C 119 -1.40 39.57 6.24
CA GLY C 119 -1.30 41.01 6.53
C GLY C 119 -0.79 41.93 5.41
N TYR C 120 -0.16 41.36 4.37
CA TYR C 120 0.29 42.12 3.21
C TYR C 120 -0.79 43.07 2.68
N LYS C 121 -0.36 44.27 2.27
CA LYS C 121 -1.26 45.32 1.77
C LYS C 121 -1.04 45.67 0.31
N ASN C 122 -0.02 45.10 -0.31
CA ASN C 122 0.14 45.20 -1.75
C ASN C 122 0.78 43.97 -2.37
N VAL C 123 0.40 43.69 -3.61
CA VAL C 123 1.07 42.67 -4.39
C VAL C 123 1.62 43.26 -5.68
N ARG C 124 2.89 42.98 -5.95
CA ARG C 124 3.56 43.41 -7.16
C ARG C 124 3.68 42.18 -8.04
N ILE C 125 3.24 42.31 -9.29
CA ILE C 125 3.08 41.21 -10.23
C ILE C 125 3.99 41.39 -11.43
N PRO C 126 5.22 40.82 -11.38
CA PRO C 126 6.10 40.78 -12.52
C PRO C 126 5.44 40.14 -13.73
N VAL C 127 5.72 40.67 -14.92
CA VAL C 127 5.18 40.14 -16.15
C VAL C 127 6.19 40.30 -17.25
N ARG C 128 6.52 39.19 -17.92
CA ARG C 128 7.34 39.19 -19.12
C ARG C 128 6.39 39.08 -20.28
N TRP C 129 6.24 40.18 -21.00
CA TRP C 129 5.33 40.29 -22.14
C TRP C 129 5.91 39.66 -23.39
N ASP C 130 7.25 39.58 -23.44
CA ASP C 130 8.01 39.12 -24.62
C ASP C 130 7.31 38.00 -25.38
N ASN C 131 7.21 36.83 -24.75
CA ASN C 131 6.75 35.60 -25.41
C ASN C 131 5.28 35.60 -25.82
N HIS C 132 4.52 36.58 -25.35
CA HIS C 132 3.12 36.73 -25.66
C HIS C 132 2.79 37.88 -26.57
N THR C 133 3.83 38.43 -27.22
CA THR C 133 3.70 39.60 -28.07
C THR C 133 4.41 39.33 -29.40
N MET C 134 3.81 39.81 -30.48
CA MET C 134 4.39 39.63 -31.81
C MET C 134 5.73 40.35 -31.93
N ARG C 135 6.61 39.78 -32.73
CA ARG C 135 7.89 40.39 -33.08
C ARG C 135 7.83 41.21 -34.36
N THR C 136 6.78 41.05 -35.15
CA THR C 136 6.53 41.88 -36.30
C THR C 136 5.38 42.88 -36.01
N TYR C 137 5.33 43.98 -36.77
CA TYR C 137 4.23 44.95 -36.71
C TYR C 137 2.89 44.18 -36.93
N PRO C 138 1.83 44.51 -36.19
CA PRO C 138 1.72 45.61 -35.22
C PRO C 138 2.11 45.31 -33.75
N TYR C 139 2.96 44.31 -33.50
CA TYR C 139 3.38 44.05 -32.12
C TYR C 139 2.19 43.84 -31.15
N THR C 140 1.16 43.13 -31.61
CA THR C 140 -0.01 42.82 -30.81
C THR C 140 0.35 41.89 -29.65
N ILE C 141 -0.29 42.12 -28.51
CA ILE C 141 -0.25 41.17 -27.38
C ILE C 141 -1.43 40.20 -27.52
N ASP C 142 -1.10 38.90 -27.56
CA ASP C 142 -2.07 37.82 -27.43
C ASP C 142 -3.20 38.14 -26.44
N LYS C 143 -4.43 38.13 -26.95
CA LYS C 143 -5.64 38.42 -26.17
C LYS C 143 -5.72 37.56 -24.90
N ALA C 144 -5.35 36.29 -25.05
CA ALA C 144 -5.37 35.32 -23.95
C ALA C 144 -4.46 35.74 -22.83
N PHE C 145 -3.28 36.24 -23.17
CA PHE C 145 -2.33 36.61 -22.11
C PHE C 145 -2.83 37.82 -21.33
N LEU C 146 -3.43 38.77 -22.03
CA LEU C 146 -4.01 39.91 -21.35
C LEU C 146 -5.19 39.49 -20.49
N ASP C 147 -6.05 38.59 -21.00
CA ASP C 147 -7.13 37.97 -20.21
C ASP C 147 -6.56 37.32 -18.94
N ARG C 148 -5.49 36.55 -19.09
CA ARG C 148 -4.88 35.89 -17.93
C ARG C 148 -4.41 36.92 -16.91
N VAL C 149 -3.54 37.84 -17.35
CA VAL C 149 -3.01 38.88 -16.48
C VAL C 149 -4.14 39.68 -15.82
N GLU C 150 -5.20 39.99 -16.57
CA GLU C 150 -6.37 40.72 -16.04
C GLU C 150 -7.13 39.95 -14.95
N GLN C 151 -7.38 38.67 -15.20
CA GLN C 151 -7.97 37.81 -14.19
C GLN C 151 -7.15 37.84 -12.90
N VAL C 152 -5.83 37.71 -13.01
CA VAL C 152 -4.94 37.73 -11.82
C VAL C 152 -4.96 39.09 -11.11
N VAL C 153 -4.87 40.16 -11.89
CA VAL C 153 -5.01 41.50 -11.34
C VAL C 153 -6.35 41.66 -10.62
N ASP C 154 -7.43 41.23 -11.26
CA ASP C 154 -8.77 41.28 -10.65
C ASP C 154 -8.89 40.48 -9.31
N TRP C 155 -8.18 39.34 -9.19
CA TRP C 155 -8.10 38.65 -7.89
C TRP C 155 -7.57 39.65 -6.87
N SER C 156 -6.37 40.16 -7.12
CA SER C 156 -5.68 41.11 -6.23
C SER C 156 -6.52 42.34 -5.88
N LEU C 157 -7.29 42.85 -6.84
CA LEU C 157 -8.00 44.10 -6.60
C LEU C 157 -9.24 43.89 -5.77
N SER C 158 -10.00 42.84 -6.06
CA SER C 158 -11.23 42.51 -5.32
C SER C 158 -10.97 42.25 -3.83
N ARG C 159 -9.77 41.80 -3.47
CA ARG C 159 -9.39 41.63 -2.06
C ARG C 159 -8.92 42.92 -1.43
N GLY C 160 -9.00 44.04 -2.17
CA GLY C 160 -8.56 45.35 -1.71
C GLY C 160 -7.06 45.60 -1.63
N PHE C 161 -6.23 44.86 -2.37
CA PHE C 161 -4.79 45.14 -2.46
C PHE C 161 -4.51 46.31 -3.38
N VAL C 162 -3.41 47.00 -3.10
CA VAL C 162 -2.77 47.82 -4.10
C VAL C 162 -1.98 46.84 -4.96
N THR C 163 -2.39 46.76 -6.21
CA THR C 163 -1.83 45.83 -7.18
C THR C 163 -0.95 46.61 -8.13
N ILE C 164 0.21 46.04 -8.48
CA ILE C 164 1.19 46.71 -9.33
C ILE C 164 1.66 45.81 -10.44
N ILE C 165 1.38 46.17 -11.69
CA ILE C 165 1.90 45.39 -12.83
C ILE C 165 3.04 46.13 -13.52
N ASN C 166 3.87 45.35 -14.21
CA ASN C 166 5.07 45.89 -14.82
C ASN C 166 5.52 45.16 -16.13
N SER C 167 6.76 45.46 -16.57
CA SER C 167 7.47 44.72 -17.59
C SER C 167 8.77 44.23 -16.94
N HIS C 168 8.84 42.92 -16.82
CA HIS C 168 9.88 42.23 -16.12
C HIS C 168 10.47 41.16 -16.98
N HIS C 169 11.78 41.15 -17.08
CA HIS C 169 12.50 40.18 -17.86
C HIS C 169 12.36 40.40 -19.34
N ASP C 170 11.74 41.52 -19.66
CA ASP C 170 11.69 42.05 -21.03
C ASP C 170 13.00 42.80 -21.24
N ASP C 171 13.99 42.07 -21.73
CA ASP C 171 15.39 42.48 -21.72
C ASP C 171 15.87 42.86 -23.13
N TRP C 172 15.29 42.26 -24.16
CA TRP C 172 15.42 42.70 -25.55
C TRP C 172 15.40 44.25 -25.68
N ILE C 173 14.55 44.92 -24.92
CA ILE C 173 14.53 46.38 -24.95
C ILE C 173 15.78 47.02 -24.32
N LYS C 174 16.32 46.42 -23.27
CA LYS C 174 17.56 46.90 -22.65
C LYS C 174 18.80 46.67 -23.49
N GLU C 175 18.73 45.77 -24.46
CA GLU C 175 19.92 45.34 -25.22
C GLU C 175 20.07 46.02 -26.59
N ASP C 176 18.95 46.49 -27.15
CA ASP C 176 18.90 47.27 -28.39
C ASP C 176 17.68 48.18 -28.22
N TYR C 177 17.84 49.18 -27.34
CA TYR C 177 16.81 50.22 -27.17
C TYR C 177 16.30 50.81 -28.50
N ASN C 178 17.22 51.06 -29.42
CA ASN C 178 16.94 51.75 -30.66
C ASN C 178 16.03 50.93 -31.60
N GLY C 179 16.51 49.73 -31.94
CA GLY C 179 15.72 48.73 -32.68
C GLY C 179 14.36 48.39 -32.10
N ASN C 180 14.23 48.35 -30.76
CA ASN C 180 13.03 47.78 -30.13
C ASN C 180 12.10 48.75 -29.43
N ILE C 181 12.49 50.02 -29.34
CA ILE C 181 11.65 50.96 -28.62
C ILE C 181 10.25 51.00 -29.23
N GLU C 182 10.12 50.82 -30.54
CA GLU C 182 8.77 50.82 -31.14
C GLU C 182 7.88 49.72 -30.53
N ARG C 183 8.38 48.49 -30.53
CA ARG C 183 7.66 47.34 -29.96
C ARG C 183 7.23 47.62 -28.49
N PHE C 184 8.18 48.05 -27.65
CA PHE C 184 7.91 48.41 -26.26
C PHE C 184 6.84 49.49 -26.08
N GLU C 185 6.89 50.51 -26.92
CA GLU C 185 5.84 51.53 -26.96
C GLU C 185 4.48 50.87 -27.24
N LYS C 186 4.41 50.03 -28.27
CA LYS C 186 3.13 49.40 -28.67
C LYS C 186 2.58 48.51 -27.57
N ILE C 187 3.46 47.80 -26.87
CA ILE C 187 3.08 46.98 -25.72
C ILE C 187 2.41 47.80 -24.63
N TRP C 188 3.10 48.84 -24.18
CA TRP C 188 2.55 49.70 -23.12
C TRP C 188 1.28 50.39 -23.53
N GLU C 189 1.12 50.62 -24.83
CA GLU C 189 -0.13 51.18 -25.36
C GLU C 189 -1.30 50.23 -25.11
N GLN C 190 -1.11 48.96 -25.47
CA GLN C 190 -2.13 47.90 -25.29
C GLN C 190 -2.40 47.52 -23.84
N ILE C 191 -1.38 47.60 -22.98
CA ILE C 191 -1.58 47.44 -21.51
C ILE C 191 -2.44 48.57 -21.00
N ALA C 192 -1.98 49.79 -21.25
CA ALA C 192 -2.70 50.98 -20.82
C ALA C 192 -4.15 50.90 -21.28
N GLU C 193 -4.35 50.46 -22.53
CA GLU C 193 -5.69 50.34 -23.11
C GLU C 193 -6.57 49.35 -22.34
N ARG C 194 -6.06 48.13 -22.14
CA ARG C 194 -6.81 47.06 -21.47
C ARG C 194 -7.18 47.38 -20.03
N PHE C 195 -6.25 48.01 -19.31
CA PHE C 195 -6.43 48.25 -17.88
C PHE C 195 -6.90 49.66 -17.57
N LYS C 196 -7.35 50.38 -18.60
CA LYS C 196 -7.66 51.81 -18.47
C LYS C 196 -8.79 52.08 -17.47
N ASN C 197 -9.75 51.18 -17.40
CA ASN C 197 -10.91 51.36 -16.52
C ASN C 197 -10.79 50.71 -15.15
N LYS C 198 -9.65 50.10 -14.85
CA LYS C 198 -9.46 49.55 -13.51
C LYS C 198 -9.31 50.66 -12.48
N SER C 199 -9.51 50.29 -11.23
CA SER C 199 -9.43 51.22 -10.11
C SER C 199 -8.04 51.79 -9.91
N GLU C 200 -7.97 52.92 -9.24
CA GLU C 200 -6.72 53.64 -8.99
C GLU C 200 -5.74 52.86 -8.13
N ASN C 201 -6.21 51.80 -7.51
CA ASN C 201 -5.31 50.86 -6.80
C ASN C 201 -4.44 50.01 -7.72
N LEU C 202 -4.72 50.05 -9.02
CA LEU C 202 -3.82 49.46 -10.00
C LEU C 202 -2.80 50.48 -10.50
N LEU C 203 -1.51 50.14 -10.33
CA LEU C 203 -0.40 50.97 -10.68
C LEU C 203 0.38 50.32 -11.81
N PHE C 204 0.95 51.16 -12.67
CA PHE C 204 1.80 50.72 -13.76
C PHE C 204 3.23 51.07 -13.39
N GLU C 205 4.13 50.11 -13.56
CA GLU C 205 5.54 50.33 -13.39
C GLU C 205 6.17 50.07 -14.74
N ILE C 206 6.74 51.11 -15.34
CA ILE C 206 7.16 51.03 -16.74
C ILE C 206 8.16 49.92 -17.00
N MET C 207 9.19 49.83 -16.17
CA MET C 207 10.31 48.93 -16.47
C MET C 207 11.14 48.56 -15.23
N ASN C 208 11.40 47.25 -15.17
CA ASN C 208 12.07 46.61 -14.10
C ASN C 208 13.53 46.43 -14.46
N GLU C 209 14.37 46.94 -13.56
CA GLU C 209 15.80 46.71 -13.55
C GLU C 209 16.43 46.88 -14.92
N PRO C 210 16.48 48.14 -15.40
CA PRO C 210 17.33 48.45 -16.52
C PRO C 210 18.79 48.15 -16.16
N PHE C 211 19.50 47.57 -17.13
CA PHE C 211 20.92 47.29 -16.99
C PHE C 211 21.45 47.02 -18.39
N GLY C 212 22.76 46.91 -18.49
CA GLY C 212 23.44 46.59 -19.75
C GLY C 212 23.51 47.77 -20.72
N ASN C 213 23.22 47.47 -21.98
CA ASN C 213 23.46 48.38 -23.07
C ASN C 213 22.68 49.69 -23.04
N ILE C 214 21.50 49.68 -22.45
CA ILE C 214 20.70 50.88 -22.37
C ILE C 214 21.49 51.94 -21.59
N THR C 215 21.10 53.19 -21.75
CA THR C 215 21.84 54.39 -21.37
C THR C 215 20.98 55.20 -20.42
N ASP C 216 21.60 55.96 -19.53
CA ASP C 216 20.83 56.75 -18.56
C ASP C 216 19.86 57.67 -19.29
N GLU C 217 20.34 58.27 -20.39
CA GLU C 217 19.53 59.10 -21.31
C GLU C 217 18.33 58.34 -21.85
N GLN C 218 18.60 57.16 -22.41
CA GLN C 218 17.56 56.35 -23.00
C GLN C 218 16.52 55.94 -21.94
N ILE C 219 16.97 55.75 -20.70
CA ILE C 219 16.04 55.42 -19.62
C ILE C 219 15.13 56.61 -19.39
N ASP C 220 15.71 57.80 -19.34
CA ASP C 220 14.93 59.03 -19.11
C ASP C 220 14.02 59.32 -20.28
N ASP C 221 14.48 59.00 -21.49
CA ASP C 221 13.67 59.13 -22.69
C ASP C 221 12.50 58.17 -22.63
N MET C 222 12.80 56.89 -22.43
CA MET C 222 11.82 55.83 -22.25
C MET C 222 10.76 56.17 -21.23
N ASN C 223 11.20 56.60 -20.05
CA ASN C 223 10.23 56.96 -19.01
C ASN C 223 9.24 58.01 -19.49
N SER C 224 9.75 58.98 -20.25
CA SER C 224 8.95 60.08 -20.75
C SER C 224 7.97 59.63 -21.84
N ARG C 225 8.47 58.92 -22.85
CA ARG C 225 7.62 58.53 -24.01
C ARG C 225 6.57 57.51 -23.62
N ILE C 226 6.96 56.60 -22.74
CA ILE C 226 6.02 55.60 -22.24
C ILE C 226 4.97 56.26 -21.36
N LEU C 227 5.40 57.14 -20.45
CA LEU C 227 4.44 57.87 -19.60
C LEU C 227 3.42 58.65 -20.43
N LYS C 228 3.91 59.23 -21.53
CA LYS C 228 3.10 60.02 -22.43
C LYS C 228 2.01 59.12 -23.05
N ILE C 229 2.43 57.94 -23.51
CA ILE C 229 1.52 56.91 -24.05
C ILE C 229 0.48 56.41 -23.05
N ILE C 230 0.93 56.19 -21.81
CA ILE C 230 0.05 55.76 -20.71
C ILE C 230 -1.03 56.78 -20.48
N ARG C 231 -0.61 58.05 -20.48
CA ARG C 231 -1.50 59.15 -20.15
C ARG C 231 -2.64 59.38 -21.16
N LYS C 232 -2.44 58.99 -22.41
CA LYS C 232 -3.48 59.11 -23.43
C LYS C 232 -4.78 58.43 -22.98
N THR C 233 -4.70 57.20 -22.48
CA THR C 233 -5.88 56.47 -21.95
C THR C 233 -6.02 56.49 -20.41
N ASN C 234 -4.94 56.71 -19.69
CA ASN C 234 -4.94 56.70 -18.21
C ASN C 234 -4.46 58.06 -17.62
N PRO C 235 -5.33 59.08 -17.67
CA PRO C 235 -4.93 60.44 -17.30
C PRO C 235 -4.30 60.58 -15.90
N THR C 236 -4.83 59.84 -14.93
CA THR C 236 -4.47 60.04 -13.51
C THR C 236 -3.86 58.81 -12.78
N ARG C 237 -3.96 57.62 -13.37
CA ARG C 237 -3.38 56.41 -12.79
C ARG C 237 -1.91 56.62 -12.50
N ILE C 238 -1.48 56.27 -11.29
CA ILE C 238 -0.09 56.49 -10.88
C ILE C 238 0.88 55.56 -11.61
N VAL C 239 2.06 56.08 -11.95
CA VAL C 239 3.09 55.32 -12.68
C VAL C 239 4.40 55.32 -11.90
N ILE C 240 5.09 54.19 -11.96
CA ILE C 240 6.27 53.95 -11.18
C ILE C 240 7.48 53.90 -12.11
N ILE C 241 8.47 54.71 -11.79
CA ILE C 241 9.65 54.83 -12.64
C ILE C 241 10.87 54.77 -11.76
N GLY C 242 11.97 54.32 -12.36
CA GLY C 242 13.24 54.26 -11.68
C GLY C 242 14.31 54.49 -12.71
N GLY C 243 15.54 54.10 -12.37
CA GLY C 243 16.65 54.19 -13.30
C GLY C 243 17.53 52.95 -13.34
N GLY C 244 18.69 53.08 -13.99
CA GLY C 244 19.55 51.94 -14.35
C GLY C 244 20.30 51.32 -13.20
N TYR C 245 21.25 50.45 -13.53
CA TYR C 245 21.93 49.64 -12.52
C TYR C 245 20.85 48.94 -11.59
N TRP C 246 19.97 48.17 -12.26
CA TRP C 246 18.96 47.30 -11.60
C TRP C 246 18.07 48.03 -10.64
N ASN C 247 17.63 49.21 -11.08
CA ASN C 247 16.86 50.12 -10.26
C ASN C 247 17.59 50.40 -8.94
N SER C 248 18.89 50.70 -9.04
CA SER C 248 19.65 51.19 -7.89
C SER C 248 19.05 52.49 -7.36
N TYR C 249 19.29 52.73 -6.08
CA TYR C 249 18.91 53.98 -5.39
C TYR C 249 19.79 55.15 -5.84
N ASN C 250 21.06 54.87 -6.16
CA ASN C 250 21.98 55.88 -6.66
C ASN C 250 21.43 56.47 -7.93
N THR C 251 21.15 55.55 -8.83
CA THR C 251 20.50 55.80 -10.09
C THR C 251 19.17 56.56 -9.98
N LEU C 252 18.31 56.14 -9.05
CA LEU C 252 16.99 56.76 -8.84
C LEU C 252 17.15 58.23 -8.55
N VAL C 253 18.01 58.49 -7.59
CA VAL C 253 18.44 59.81 -7.17
C VAL C 253 18.68 60.81 -8.36
N ASN C 254 19.21 60.33 -9.50
CA ASN C 254 19.62 61.14 -10.67
C ASN C 254 18.78 61.06 -11.95
N ILE C 255 17.50 60.74 -11.85
CA ILE C 255 16.69 60.55 -13.05
C ILE C 255 15.93 61.82 -13.36
N LYS C 256 15.70 62.06 -14.65
CA LYS C 256 14.84 63.14 -15.07
C LYS C 256 13.44 62.71 -14.74
N ILE C 257 12.78 63.47 -13.87
CA ILE C 257 11.43 63.22 -13.43
C ILE C 257 10.51 64.00 -14.35
N PRO C 258 9.68 63.31 -15.15
CA PRO C 258 8.68 64.04 -15.92
C PRO C 258 7.84 65.01 -15.11
N ASP C 259 7.25 65.99 -15.79
CA ASP C 259 6.46 67.03 -15.13
C ASP C 259 5.04 66.51 -15.03
N ASP C 260 4.86 65.52 -14.14
CA ASP C 260 3.60 64.81 -13.95
C ASP C 260 3.42 64.71 -12.44
N PRO C 261 2.21 64.99 -11.94
CA PRO C 261 1.96 64.91 -10.48
C PRO C 261 1.64 63.50 -9.92
N TYR C 262 1.29 62.55 -10.80
CA TYR C 262 0.86 61.19 -10.41
C TYR C 262 1.96 60.17 -10.64
N LEU C 263 3.11 60.38 -9.99
CA LEU C 263 4.29 59.53 -10.12
C LEU C 263 4.78 59.00 -8.78
N ILE C 264 5.51 57.86 -8.87
CA ILE C 264 6.27 57.26 -7.76
C ILE C 264 7.64 56.79 -8.23
N GLY C 265 8.64 57.01 -7.38
CA GLY C 265 9.99 56.53 -7.62
C GLY C 265 10.21 55.18 -6.94
N THR C 266 11.09 54.36 -7.53
CA THR C 266 11.50 53.07 -6.96
C THR C 266 12.97 52.78 -7.10
N ALA C 267 13.48 52.12 -6.07
CA ALA C 267 14.68 51.35 -6.17
C ALA C 267 14.46 49.97 -5.54
N HIS C 268 15.39 49.07 -5.84
CA HIS C 268 15.42 47.74 -5.26
C HIS C 268 16.65 47.69 -4.38
N TYR C 269 16.46 47.41 -3.09
CA TYR C 269 17.57 47.29 -2.15
C TYR C 269 18.01 45.83 -1.96
N TYR C 270 19.22 45.54 -2.44
CA TYR C 270 19.85 44.23 -2.27
C TYR C 270 21.29 44.43 -1.77
N ASP C 271 21.49 45.35 -0.82
CA ASP C 271 22.87 45.72 -0.37
C ASP C 271 23.18 45.26 1.09
N PRO C 272 24.38 44.72 1.37
CA PRO C 272 25.41 44.48 0.36
C PRO C 272 24.95 43.36 -0.57
N PHE C 273 25.30 43.48 -1.82
CA PHE C 273 24.93 42.48 -2.79
C PHE C 273 25.57 41.15 -2.46
N GLU C 274 26.88 41.18 -2.24
CA GLU C 274 27.69 39.99 -2.02
C GLU C 274 27.17 39.15 -0.81
N PHE C 275 26.52 39.80 0.15
CA PHE C 275 25.76 39.14 1.20
C PHE C 275 24.37 38.66 0.76
N THR C 276 23.47 39.56 0.31
CA THR C 276 22.07 39.20 -0.07
C THR C 276 21.94 38.16 -1.19
N HIS C 277 22.97 37.98 -1.99
CA HIS C 277 22.94 37.08 -3.10
C HIS C 277 23.95 35.96 -3.04
N GLN C 278 24.48 35.67 -1.87
CA GLN C 278 25.50 34.62 -1.72
C GLN C 278 24.97 33.29 -2.28
N GLY C 279 25.82 32.62 -3.04
CA GLY C 279 25.48 31.37 -3.71
C GLY C 279 24.26 31.27 -4.60
N ALA C 280 23.77 32.39 -5.14
CA ALA C 280 22.73 32.34 -6.17
C ALA C 280 23.31 31.70 -7.42
N GLU C 281 22.63 30.69 -7.97
CA GLU C 281 23.21 29.94 -9.09
C GLU C 281 23.37 30.80 -10.33
N TRP C 282 22.46 31.76 -10.48
CA TRP C 282 22.43 32.62 -11.67
C TRP C 282 23.42 33.77 -11.66
N VAL C 283 23.97 34.10 -10.48
CA VAL C 283 25.03 35.09 -10.31
C VAL C 283 26.40 34.42 -10.37
N GLU C 284 27.16 34.72 -11.42
CA GLU C 284 28.49 34.13 -11.65
C GLU C 284 29.39 34.52 -10.47
N GLY C 285 30.12 33.53 -9.95
CA GLY C 285 31.02 33.74 -8.81
C GLY C 285 30.39 33.87 -7.43
N SER C 286 29.08 33.63 -7.31
CA SER C 286 28.35 33.80 -6.04
C SER C 286 28.76 32.87 -4.89
N GLU C 287 29.40 31.74 -5.23
CA GLU C 287 29.85 30.77 -4.21
C GLU C 287 30.88 31.36 -3.25
N LYS C 288 31.80 32.16 -3.78
CA LYS C 288 32.85 32.83 -2.98
C LYS C 288 32.32 33.57 -1.74
N TRP C 289 31.07 34.01 -1.77
CA TRP C 289 30.58 34.87 -0.71
C TRP C 289 29.74 34.13 0.35
N LEU C 290 29.81 32.80 0.41
CA LEU C 290 28.99 32.04 1.37
C LEU C 290 29.49 32.24 2.83
N GLY C 291 28.57 32.27 3.79
CA GLY C 291 28.96 32.50 5.18
C GLY C 291 29.10 33.97 5.56
N ARG C 292 29.35 34.84 4.58
CA ARG C 292 29.21 36.27 4.75
C ARG C 292 28.03 36.54 5.65
N LYS C 293 28.29 37.27 6.72
CA LYS C 293 27.28 37.57 7.74
C LYS C 293 26.84 39.01 7.57
N TRP C 294 25.95 39.49 8.42
CA TRP C 294 25.48 40.87 8.37
C TRP C 294 24.78 41.27 9.67
N GLY C 295 25.05 42.50 10.11
CA GLY C 295 24.50 43.02 11.36
C GLY C 295 25.43 43.86 12.24
N THR C 296 26.72 43.94 11.87
CA THR C 296 27.71 44.80 12.57
C THR C 296 27.20 46.25 12.62
N GLN C 297 27.92 47.08 13.38
CA GLN C 297 27.51 48.47 13.52
C GLN C 297 27.62 49.20 12.18
N GLU C 298 28.76 49.10 11.50
CA GLU C 298 28.89 49.78 10.23
C GLU C 298 27.81 49.27 9.25
N ASP C 299 27.71 47.96 9.03
CA ASP C 299 26.63 47.32 8.22
C ASP C 299 25.25 47.99 8.39
N MET C 300 24.90 48.32 9.63
CA MET C 300 23.65 49.01 9.96
C MET C 300 23.62 50.52 9.76
N ASP C 301 24.70 51.22 10.14
CA ASP C 301 24.78 52.69 9.94
C ASP C 301 24.47 53.00 8.48
N THR C 302 25.20 52.27 7.60
CA THR C 302 25.10 52.35 6.16
C THR C 302 23.65 52.42 5.68
N VAL C 303 22.84 51.46 6.12
CA VAL C 303 21.46 51.41 5.68
C VAL C 303 20.73 52.70 6.08
N VAL C 304 21.06 53.25 7.24
CA VAL C 304 20.40 54.48 7.71
C VAL C 304 20.79 55.72 6.87
N ARG C 305 22.08 55.84 6.54
CA ARG C 305 22.54 56.96 5.72
C ARG C 305 21.89 56.91 4.33
N VAL C 306 22.08 55.78 3.66
CA VAL C 306 21.50 55.54 2.34
C VAL C 306 19.98 55.77 2.31
N PHE C 307 19.26 55.42 3.36
CA PHE C 307 17.81 55.62 3.37
C PHE C 307 17.42 57.06 3.70
N ASP C 308 18.32 57.77 4.40
CA ASP C 308 18.16 59.21 4.67
C ASP C 308 18.42 60.02 3.40
N PHE C 309 19.53 59.72 2.71
CA PHE C 309 19.86 60.25 1.37
C PHE C 309 18.64 60.22 0.46
N VAL C 310 17.97 59.08 0.43
CA VAL C 310 16.80 58.85 -0.40
C VAL C 310 15.56 59.57 0.09
N LYS C 311 15.36 59.63 1.40
CA LYS C 311 14.21 60.37 1.97
C LYS C 311 14.35 61.85 1.61
N SER C 312 15.59 62.34 1.59
CA SER C 312 15.86 63.75 1.29
C SER C 312 15.44 64.01 -0.16
N TRP C 313 16.00 63.22 -1.07
CA TRP C 313 15.65 63.22 -2.50
C TRP C 313 14.13 63.23 -2.67
N SER C 314 13.49 62.28 -2.00
CA SER C 314 12.05 62.18 -2.03
C SER C 314 11.36 63.49 -1.64
N ASP C 315 11.80 64.08 -0.53
CA ASP C 315 11.20 65.33 0.02
C ASP C 315 11.37 66.54 -0.89
N ARG C 316 12.62 66.85 -1.26
CA ARG C 316 12.88 68.04 -2.09
C ARG C 316 12.21 67.97 -3.51
N ASN C 317 12.03 66.77 -4.08
CA ASN C 317 11.35 66.61 -5.37
C ASN C 317 9.85 66.32 -5.29
N ASN C 318 9.30 66.31 -4.07
CA ASN C 318 7.90 65.92 -3.82
C ASN C 318 7.51 64.63 -4.56
N ILE C 319 8.28 63.57 -4.32
CA ILE C 319 8.00 62.30 -4.98
C ILE C 319 8.21 61.09 -4.04
N PRO C 320 7.14 60.29 -3.84
CA PRO C 320 7.24 59.18 -2.90
C PRO C 320 8.15 58.05 -3.39
N VAL C 321 8.79 57.37 -2.44
CA VAL C 321 9.64 56.22 -2.73
C VAL C 321 8.89 54.89 -2.47
N TYR C 322 9.17 53.94 -3.36
CA TYR C 322 8.70 52.54 -3.26
C TYR C 322 9.90 51.61 -3.44
N PHE C 323 10.25 50.87 -2.39
CA PHE C 323 11.24 49.81 -2.53
C PHE C 323 10.50 48.57 -3.01
N GLY C 324 10.49 48.34 -4.31
CA GLY C 324 9.68 47.26 -4.91
C GLY C 324 10.20 45.84 -4.83
N GLU C 325 11.45 45.67 -4.42
CA GLU C 325 12.04 44.35 -4.21
C GLU C 325 13.10 44.50 -3.15
N PHE C 326 13.12 43.57 -2.20
CA PHE C 326 14.25 43.39 -1.28
C PHE C 326 14.21 41.98 -0.66
N ALA C 327 15.35 41.31 -0.60
CA ALA C 327 15.40 39.94 -0.05
C ALA C 327 16.82 39.40 0.06
N VAL C 328 16.95 38.29 0.80
CA VAL C 328 18.23 37.64 1.05
C VAL C 328 18.13 36.19 0.66
N MET C 329 19.18 35.66 0.05
CA MET C 329 19.31 34.24 -0.23
C MET C 329 19.28 33.41 1.03
N ALA C 330 18.50 32.32 1.00
CA ALA C 330 18.38 31.43 2.18
C ALA C 330 19.69 30.72 2.56
N TYR C 331 20.64 30.61 1.62
CA TYR C 331 22.02 30.20 1.90
C TYR C 331 22.76 31.03 2.94
N ALA C 332 22.14 32.11 3.40
CA ALA C 332 22.78 33.02 4.33
C ALA C 332 22.47 32.63 5.75
N ASP C 333 23.48 32.76 6.62
CA ASP C 333 23.35 32.63 8.06
C ASP C 333 21.97 33.07 8.48
N ARG C 334 21.23 32.20 9.14
CA ARG C 334 19.82 32.46 9.46
C ARG C 334 19.61 33.74 10.29
N THR C 335 20.53 34.02 11.21
CA THR C 335 20.40 35.19 12.08
C THR C 335 20.59 36.49 11.27
N SER C 336 21.66 36.55 10.48
CA SER C 336 21.87 37.68 9.59
C SER C 336 20.66 37.88 8.68
N ARG C 337 20.26 36.81 7.98
CA ARG C 337 19.13 36.83 7.05
C ARG C 337 17.90 37.47 7.69
N VAL C 338 17.43 36.96 8.82
CA VAL C 338 16.19 37.51 9.44
C VAL C 338 16.37 38.98 9.92
N LYS C 339 17.58 39.31 10.39
CA LYS C 339 17.90 40.67 10.86
C LYS C 339 17.73 41.69 9.71
N TRP C 340 18.49 41.45 8.63
CA TRP C 340 18.45 42.24 7.38
C TRP C 340 17.04 42.52 6.91
N TYR C 341 16.18 41.50 6.89
CA TYR C 341 14.79 41.74 6.54
C TYR C 341 14.12 42.67 7.56
N ASP C 342 14.41 42.48 8.85
CA ASP C 342 13.69 43.26 9.86
C ASP C 342 14.10 44.71 9.89
N PHE C 343 15.42 44.95 9.73
CA PHE C 343 15.97 46.30 9.78
C PHE C 343 15.64 47.14 8.54
N ILE C 344 15.81 46.57 7.36
CA ILE C 344 15.34 47.19 6.12
C ILE C 344 13.87 47.61 6.25
N SER C 345 13.04 46.70 6.71
CA SER C 345 11.62 46.98 6.85
C SER C 345 11.37 48.13 7.80
N ASP C 346 12.05 48.10 8.93
CA ASP C 346 11.90 49.12 9.99
C ASP C 346 12.29 50.49 9.42
N ALA C 347 13.47 50.52 8.80
CA ALA C 347 14.05 51.72 8.20
C ALA C 347 13.19 52.31 7.09
N ALA C 348 12.81 51.50 6.11
CA ALA C 348 11.93 51.93 5.02
C ALA C 348 10.57 52.49 5.49
N LEU C 349 9.89 51.76 6.37
CA LEU C 349 8.54 52.17 6.80
C LEU C 349 8.53 53.36 7.76
N GLU C 350 9.62 53.55 8.53
CA GLU C 350 9.87 54.77 9.34
C GLU C 350 9.82 56.04 8.46
N ARG C 351 10.52 55.97 7.32
CA ARG C 351 10.63 57.07 6.35
C ARG C 351 9.39 57.20 5.44
N GLY C 352 8.27 56.56 5.79
CA GLY C 352 7.02 56.62 5.01
C GLY C 352 7.04 55.91 3.66
N PHE C 353 8.09 55.15 3.36
CA PHE C 353 8.18 54.43 2.09
C PHE C 353 7.15 53.31 2.00
N ALA C 354 6.90 52.88 0.76
CA ALA C 354 6.15 51.67 0.49
C ALA C 354 7.18 50.61 0.21
N CYS C 355 6.85 49.36 0.57
CA CYS C 355 7.71 48.24 0.27
C CYS C 355 6.97 47.04 -0.29
N SER C 356 7.76 46.22 -0.96
CA SER C 356 7.33 44.96 -1.47
C SER C 356 8.50 43.99 -1.40
N VAL C 357 8.41 43.05 -0.46
CA VAL C 357 9.42 42.00 -0.28
C VAL C 357 9.48 41.10 -1.51
N TRP C 358 10.66 40.65 -1.86
CA TRP C 358 10.80 39.67 -2.92
C TRP C 358 10.62 38.26 -2.35
N ASP C 359 9.79 37.48 -3.06
CA ASP C 359 9.40 36.14 -2.67
C ASP C 359 9.17 35.30 -3.92
N ASN C 360 10.11 34.39 -4.22
CA ASN C 360 10.03 33.55 -5.44
C ASN C 360 9.42 32.14 -5.25
N GLY C 361 8.89 31.87 -4.06
CA GLY C 361 8.31 30.58 -3.73
C GLY C 361 9.22 29.36 -3.74
N VAL C 362 10.54 29.54 -3.90
CA VAL C 362 11.50 28.43 -4.08
C VAL C 362 12.23 28.12 -2.77
N PHE C 363 12.25 26.83 -2.37
CA PHE C 363 13.00 26.37 -1.17
C PHE C 363 14.01 25.25 -1.42
N GLY C 364 14.11 24.72 -2.64
CA GLY C 364 15.12 23.69 -2.91
C GLY C 364 15.51 23.56 -4.38
N SER C 365 16.80 23.57 -4.74
CA SER C 365 17.95 23.79 -3.84
C SER C 365 17.97 25.18 -3.11
N LEU C 366 18.99 25.41 -2.27
CA LEU C 366 19.18 26.73 -1.62
C LEU C 366 19.75 27.75 -2.63
N ASP C 367 20.47 27.23 -3.62
CA ASP C 367 20.73 27.84 -4.93
C ASP C 367 19.77 28.89 -5.43
N ASN C 368 18.47 28.63 -5.29
CA ASN C 368 17.41 29.49 -5.84
C ASN C 368 16.43 29.99 -4.80
N ASP C 369 16.75 29.82 -3.52
CA ASP C 369 15.79 30.15 -2.47
C ASP C 369 15.88 31.64 -2.09
N MET C 370 14.78 32.37 -2.29
CA MET C 370 14.56 33.73 -1.74
C MET C 370 13.13 33.87 -1.26
N ALA C 371 12.67 32.84 -0.54
CA ALA C 371 11.26 32.61 -0.35
C ALA C 371 10.76 32.89 1.04
N ILE C 372 9.43 32.95 1.10
CA ILE C 372 8.67 33.16 2.31
C ILE C 372 7.39 32.31 2.27
N TYR C 373 6.64 32.36 1.16
CA TYR C 373 5.40 31.62 0.99
C TYR C 373 5.66 30.32 0.24
N ASN C 374 5.07 29.23 0.74
CA ASN C 374 5.18 27.91 0.10
C ASN C 374 3.85 27.70 -0.59
N ARG C 375 3.87 27.66 -1.90
CA ARG C 375 2.60 27.65 -2.66
C ARG C 375 1.87 26.29 -2.60
N ASP C 376 2.62 25.24 -2.22
CA ASP C 376 2.12 23.87 -2.03
C ASP C 376 1.49 23.65 -0.63
N THR C 377 2.28 23.94 0.40
CA THR C 377 1.88 23.66 1.78
C THR C 377 1.07 24.82 2.30
N ARG C 378 1.12 25.95 1.61
CA ARG C 378 0.25 27.07 1.88
C ARG C 378 0.65 27.78 3.17
N THR C 379 1.96 27.86 3.44
CA THR C 379 2.50 28.40 4.69
C THR C 379 3.64 29.40 4.51
N PHE C 380 3.79 30.29 5.50
CA PHE C 380 4.75 31.39 5.42
C PHE C 380 5.86 31.16 6.39
N ASP C 381 7.09 31.50 6.00
CA ASP C 381 8.21 31.58 6.97
C ASP C 381 7.88 32.68 7.98
N THR C 382 7.39 32.26 9.15
CA THR C 382 6.79 33.15 10.15
C THR C 382 7.76 34.18 10.74
N GLU C 383 9.01 33.81 10.98
CA GLU C 383 9.97 34.71 11.62
C GLU C 383 10.17 35.99 10.79
N ILE C 384 10.48 35.76 9.52
CA ILE C 384 10.61 36.81 8.54
C ILE C 384 9.33 37.62 8.38
N LEU C 385 8.21 36.94 8.19
CA LEU C 385 6.95 37.64 8.05
C LEU C 385 6.72 38.63 9.20
N ASN C 386 7.08 38.21 10.41
CA ASN C 386 6.95 39.07 11.58
C ASN C 386 7.96 40.24 11.55
N ALA C 387 9.19 39.99 11.11
CA ALA C 387 10.20 41.04 10.89
C ALA C 387 9.69 42.23 10.02
N LEU C 388 9.05 41.86 8.90
CA LEU C 388 8.57 42.81 7.91
C LEU C 388 7.56 43.77 8.53
N PHE C 389 6.63 43.24 9.30
CA PHE C 389 5.54 44.04 9.87
C PHE C 389 5.80 44.71 11.24
N ASN C 390 6.90 44.41 11.92
CA ASN C 390 7.13 44.89 13.29
C ASN C 390 8.53 45.45 13.51
N PRO C 391 8.67 46.36 14.50
CA PRO C 391 9.97 46.95 14.91
C PRO C 391 10.92 45.95 15.63
N GLY C 392 12.12 45.76 15.09
CA GLY C 392 13.13 44.81 15.63
C GLY C 392 13.86 45.26 16.91
N THR C 393 15.20 45.09 16.93
CA THR C 393 16.10 45.47 18.07
C THR C 393 17.58 45.18 17.69
N LYS D 74 31.44 9.75 21.23
CA LYS D 74 32.87 9.53 20.86
C LYS D 74 33.08 9.44 19.35
N ALA D 75 34.24 9.89 18.87
CA ALA D 75 34.51 10.02 17.44
C ALA D 75 35.37 8.87 16.88
N VAL D 76 34.88 8.28 15.79
CA VAL D 76 35.56 7.15 15.16
C VAL D 76 35.86 7.47 13.71
N ASP D 77 37.05 7.07 13.26
CA ASP D 77 37.45 7.21 11.88
C ASP D 77 36.44 6.41 11.05
N PRO D 78 35.84 7.04 10.02
CA PRO D 78 34.96 6.33 9.09
C PRO D 78 35.54 5.03 8.57
N PHE D 79 36.82 5.03 8.20
CA PHE D 79 37.50 3.81 7.71
C PHE D 79 37.66 2.66 8.74
N GLU D 80 37.69 2.99 10.04
CA GLU D 80 37.65 1.98 11.10
C GLU D 80 36.23 1.44 11.27
N MET D 81 35.30 2.38 11.47
CA MET D 81 33.86 2.08 11.58
C MET D 81 33.30 1.18 10.47
N VAL D 82 33.84 1.30 9.26
CA VAL D 82 33.48 0.44 8.12
C VAL D 82 34.02 -0.99 8.30
N ARG D 83 35.23 -1.12 8.83
CA ARG D 83 35.78 -2.44 9.14
C ARG D 83 35.08 -3.10 10.31
N LYS D 84 34.59 -2.31 11.27
CA LYS D 84 33.80 -2.87 12.37
C LYS D 84 32.44 -3.35 11.86
N MET D 85 31.90 -2.63 10.89
CA MET D 85 30.62 -2.99 10.23
C MET D 85 30.63 -4.37 9.56
N GLY D 86 31.78 -4.72 8.97
CA GLY D 86 31.94 -5.95 8.16
C GLY D 86 30.69 -6.37 7.37
N MET D 87 30.24 -7.60 7.62
CA MET D 87 29.00 -8.10 7.06
C MET D 87 27.88 -8.04 8.10
N GLY D 88 26.75 -7.48 7.69
CA GLY D 88 25.55 -7.37 8.53
C GLY D 88 24.32 -7.59 7.69
N THR D 89 23.17 -7.11 8.19
CA THR D 89 21.87 -7.36 7.58
C THR D 89 20.91 -6.19 7.70
N ASN D 90 20.00 -6.09 6.72
CA ASN D 90 18.83 -5.24 6.85
C ASN D 90 17.74 -5.94 7.63
N LEU D 91 16.91 -5.11 8.29
CA LEU D 91 15.63 -5.49 8.85
C LEU D 91 14.51 -5.08 7.86
N GLY D 92 14.47 -5.78 6.75
CA GLY D 92 13.58 -5.44 5.64
C GLY D 92 12.10 -5.45 5.92
N ASN D 93 11.37 -4.74 5.07
CA ASN D 93 9.90 -4.73 5.09
C ASN D 93 9.22 -4.63 6.46
N THR D 94 9.88 -3.93 7.36
CA THR D 94 9.40 -3.82 8.72
C THR D 94 8.93 -2.41 9.04
N LEU D 95 9.83 -1.57 9.54
CA LEU D 95 9.48 -0.22 9.96
C LEU D 95 9.26 0.72 8.75
N GLU D 96 9.95 0.39 7.65
CA GLU D 96 9.77 1.04 6.32
C GLU D 96 8.37 0.88 5.68
N ALA D 97 7.53 0.01 6.21
CA ALA D 97 6.20 -0.20 5.68
C ALA D 97 5.33 0.98 6.06
N PRO D 98 4.16 1.12 5.42
CA PRO D 98 3.35 2.27 5.77
C PRO D 98 3.20 2.35 7.29
N TYR D 99 2.72 1.26 7.88
CA TYR D 99 2.63 1.13 9.32
C TYR D 99 3.34 -0.15 9.62
N GLU D 100 4.03 -0.18 10.76
CA GLU D 100 4.83 -1.32 11.13
C GLU D 100 4.01 -2.61 11.08
N GLY D 101 4.54 -3.62 10.38
CA GLY D 101 3.87 -4.92 10.33
C GLY D 101 2.75 -5.09 9.30
N SER D 102 2.46 -4.08 8.50
CA SER D 102 1.58 -4.31 7.38
C SER D 102 2.29 -5.09 6.29
N TRP D 103 3.61 -5.21 6.33
CA TRP D 103 4.34 -6.08 5.39
C TRP D 103 4.87 -7.32 6.13
N SER D 104 6.19 -7.42 6.35
CA SER D 104 6.76 -8.44 7.21
C SER D 104 6.49 -8.09 8.66
N LYS D 105 6.68 -9.09 9.52
CA LYS D 105 6.28 -9.03 10.92
C LYS D 105 7.05 -7.94 11.68
N SER D 106 6.36 -7.29 12.63
CA SER D 106 6.98 -6.22 13.42
C SER D 106 8.23 -6.70 14.10
N ALA D 107 9.14 -5.76 14.34
CA ALA D 107 10.36 -5.97 15.14
C ALA D 107 10.13 -6.60 16.51
N MET D 108 10.99 -7.55 16.81
CA MET D 108 10.97 -8.26 18.07
C MET D 108 12.42 -8.41 18.51
N GLU D 109 12.59 -8.35 19.83
CA GLU D 109 13.90 -8.40 20.43
C GLU D 109 14.74 -9.63 19.96
N TYR D 110 14.06 -10.74 19.74
CA TYR D 110 14.72 -12.01 19.45
C TYR D 110 15.38 -12.12 18.07
N TYR D 111 14.96 -11.27 17.13
CA TYR D 111 15.65 -11.23 15.82
C TYR D 111 17.12 -10.91 16.02
N PHE D 112 17.38 -10.01 16.95
CA PHE D 112 18.72 -9.48 17.16
C PHE D 112 19.63 -10.55 17.79
N ASP D 113 19.09 -11.32 18.72
CA ASP D 113 19.75 -12.53 19.20
C ASP D 113 20.10 -13.43 18.05
N ASP D 114 19.12 -13.68 17.17
CA ASP D 114 19.34 -14.56 16.02
C ASP D 114 20.36 -13.99 15.04
N PHE D 115 20.25 -12.69 14.77
CA PHE D 115 21.24 -11.99 13.94
C PHE D 115 22.62 -12.08 14.54
N LYS D 116 22.73 -11.83 15.84
CA LYS D 116 24.01 -11.96 16.54
C LYS D 116 24.61 -13.36 16.38
N ALA D 117 23.82 -14.37 16.72
CA ALA D 117 24.28 -15.77 16.62
C ALA D 117 24.64 -16.22 15.21
N ALA D 118 24.09 -15.56 14.18
CA ALA D 118 24.46 -15.87 12.79
C ALA D 118 25.79 -15.31 12.32
N GLY D 119 26.34 -14.31 13.02
CA GLY D 119 27.64 -13.67 12.66
C GLY D 119 27.57 -12.24 12.09
N TYR D 120 26.39 -11.61 12.15
CA TYR D 120 26.15 -10.28 11.62
C TYR D 120 26.74 -9.24 12.57
N LYS D 121 27.58 -8.36 12.05
CA LYS D 121 28.22 -7.30 12.84
C LYS D 121 27.53 -5.93 12.76
N ASN D 122 26.62 -5.76 11.79
CA ASN D 122 25.78 -4.55 11.70
C ASN D 122 24.33 -4.88 11.37
N VAL D 123 23.43 -3.95 11.67
CA VAL D 123 22.05 -4.07 11.29
C VAL D 123 21.49 -2.74 10.78
N ARG D 124 21.05 -2.72 9.52
CA ARG D 124 20.38 -1.53 8.96
C ARG D 124 18.90 -1.64 9.18
N ILE D 125 18.31 -0.57 9.67
CA ILE D 125 16.91 -0.52 10.06
C ILE D 125 16.20 0.57 9.26
N PRO D 126 15.65 0.19 8.09
CA PRO D 126 14.76 1.03 7.33
C PRO D 126 13.62 1.59 8.15
N VAL D 127 13.42 2.91 8.07
CA VAL D 127 12.29 3.60 8.74
C VAL D 127 11.60 4.53 7.75
N ARG D 128 10.27 4.61 7.83
CA ARG D 128 9.50 5.49 6.98
C ARG D 128 8.71 6.32 7.95
N TRP D 129 9.09 7.58 7.99
CA TRP D 129 8.58 8.53 8.98
C TRP D 129 7.26 9.15 8.56
N ASP D 130 6.96 9.09 7.27
CA ASP D 130 5.83 9.78 6.67
C ASP D 130 4.57 9.69 7.49
N ASN D 131 4.09 8.48 7.77
CA ASN D 131 2.77 8.34 8.44
C ASN D 131 2.69 8.71 9.91
N HIS D 132 3.86 8.83 10.54
CA HIS D 132 3.95 9.15 11.95
C HIS D 132 4.14 10.66 12.19
N THR D 133 4.81 11.32 11.25
CA THR D 133 4.97 12.77 11.22
C THR D 133 3.75 13.61 10.78
N MET D 134 3.42 14.68 11.50
CA MET D 134 2.44 15.70 11.01
C MET D 134 2.75 16.26 9.60
N ARG D 135 1.71 16.67 8.90
CA ARG D 135 1.86 17.18 7.53
C ARG D 135 1.65 18.71 7.41
N THR D 136 1.54 19.35 8.57
CA THR D 136 1.43 20.80 8.70
C THR D 136 2.44 21.29 9.75
N TYR D 137 2.45 22.59 10.03
CA TYR D 137 3.42 23.15 10.98
C TYR D 137 3.09 22.72 12.45
N PRO D 138 4.07 22.23 13.25
CA PRO D 138 5.54 22.22 12.97
C PRO D 138 6.15 20.91 12.50
N TYR D 139 5.36 20.07 11.87
CA TYR D 139 5.83 18.81 11.32
C TYR D 139 6.46 17.89 12.42
N THR D 140 5.76 17.76 13.56
CA THR D 140 6.32 17.00 14.70
C THR D 140 6.05 15.49 14.51
N ILE D 141 7.13 14.70 14.63
CA ILE D 141 7.06 13.24 14.65
C ILE D 141 6.39 12.80 15.94
N ASP D 142 5.40 11.92 15.84
CA ASP D 142 4.76 11.32 17.04
C ASP D 142 5.79 10.80 18.07
N LYS D 143 5.62 11.27 19.31
CA LYS D 143 6.40 10.83 20.48
C LYS D 143 6.46 9.29 20.53
N ALA D 144 5.28 8.67 20.47
CA ALA D 144 5.15 7.19 20.57
C ALA D 144 5.89 6.44 19.46
N PHE D 145 5.87 6.97 18.22
CA PHE D 145 6.61 6.31 17.13
C PHE D 145 8.10 6.48 17.31
N LEU D 146 8.53 7.61 17.86
CA LEU D 146 9.97 7.80 18.15
C LEU D 146 10.43 6.83 19.22
N ASP D 147 9.59 6.63 20.23
CA ASP D 147 9.88 5.65 21.30
C ASP D 147 10.11 4.26 20.70
N ARG D 148 9.15 3.81 19.89
CA ARG D 148 9.25 2.52 19.24
C ARG D 148 10.59 2.31 18.54
N VAL D 149 11.09 3.36 17.91
CA VAL D 149 12.34 3.26 17.11
C VAL D 149 13.57 3.29 18.03
N GLU D 150 13.53 4.14 19.05
CA GLU D 150 14.53 4.10 20.11
C GLU D 150 14.61 2.68 20.72
N GLN D 151 13.44 2.18 21.16
CA GLN D 151 13.31 0.81 21.66
C GLN D 151 14.02 -0.21 20.76
N VAL D 152 13.76 -0.17 19.43
CA VAL D 152 14.37 -1.14 18.48
C VAL D 152 15.86 -0.91 18.31
N VAL D 153 16.28 0.35 18.25
CA VAL D 153 17.70 0.68 18.10
C VAL D 153 18.47 0.22 19.34
N ASP D 154 17.95 0.56 20.51
CA ASP D 154 18.55 0.10 21.79
C ASP D 154 18.82 -1.42 21.79
N TRP D 155 17.82 -2.25 21.42
CA TRP D 155 18.04 -3.70 21.27
C TRP D 155 19.28 -3.97 20.44
N SER D 156 19.40 -3.26 19.32
CA SER D 156 20.50 -3.47 18.37
C SER D 156 21.89 -3.09 18.94
N LEU D 157 21.98 -1.90 19.53
CA LEU D 157 23.25 -1.42 20.10
C LEU D 157 23.71 -2.33 21.24
N SER D 158 22.77 -2.61 22.16
CA SER D 158 22.99 -3.53 23.30
C SER D 158 23.80 -4.77 22.97
N ARG D 159 23.64 -5.33 21.78
CA ARG D 159 24.34 -6.56 21.40
C ARG D 159 25.56 -6.25 20.54
N GLY D 160 25.93 -4.96 20.49
CA GLY D 160 27.13 -4.50 19.79
C GLY D 160 27.07 -4.51 18.28
N PHE D 161 25.86 -4.27 17.74
CA PHE D 161 25.74 -4.07 16.31
C PHE D 161 26.06 -2.62 15.99
N VAL D 162 26.78 -2.42 14.88
CA VAL D 162 26.76 -1.13 14.22
C VAL D 162 25.32 -1.04 13.73
N THR D 163 24.58 -0.09 14.27
CA THR D 163 23.18 0.07 14.00
C THR D 163 22.94 1.28 13.11
N ILE D 164 22.35 1.06 11.93
CA ILE D 164 22.08 2.14 11.00
C ILE D 164 20.58 2.40 10.93
N ILE D 165 20.15 3.65 11.12
CA ILE D 165 18.78 4.10 10.81
C ILE D 165 18.75 5.14 9.68
N ASN D 166 17.55 5.47 9.19
CA ASN D 166 17.41 6.27 7.96
C ASN D 166 16.00 6.80 7.71
N SER D 167 15.79 7.33 6.49
CA SER D 167 14.45 7.58 5.89
C SER D 167 14.31 6.66 4.67
N HIS D 168 13.29 5.81 4.73
CA HIS D 168 13.02 4.78 3.73
C HIS D 168 11.59 4.82 3.29
N HIS D 169 11.39 4.95 2.00
CA HIS D 169 10.08 5.01 1.38
C HIS D 169 9.36 6.28 1.65
N ASP D 170 10.07 7.25 2.17
CA ASP D 170 9.52 8.60 2.31
C ASP D 170 9.72 9.18 0.92
N ASP D 171 8.79 8.86 0.02
CA ASP D 171 8.96 9.19 -1.40
C ASP D 171 8.45 10.60 -1.73
N TRP D 172 7.48 11.10 -0.96
CA TRP D 172 7.02 12.51 -1.04
C TRP D 172 8.13 13.56 -1.26
N ILE D 173 9.25 13.42 -0.55
CA ILE D 173 10.40 14.35 -0.65
C ILE D 173 11.11 14.23 -2.01
N LYS D 174 11.17 13.03 -2.56
CA LYS D 174 11.79 12.79 -3.87
C LYS D 174 10.89 13.26 -5.05
N GLU D 175 9.60 13.43 -4.80
CA GLU D 175 8.61 13.75 -5.84
C GLU D 175 8.40 15.26 -6.01
N ASP D 176 8.48 15.97 -4.90
CA ASP D 176 8.41 17.41 -4.86
C ASP D 176 9.42 17.89 -3.81
N TYR D 177 10.69 17.88 -4.17
CA TYR D 177 11.74 18.44 -3.32
C TYR D 177 11.38 19.83 -2.77
N ASN D 178 10.85 20.66 -3.64
CA ASN D 178 10.63 22.05 -3.33
C ASN D 178 9.62 22.30 -2.24
N GLY D 179 8.43 21.77 -2.45
CA GLY D 179 7.31 21.93 -1.51
C GLY D 179 7.44 21.24 -0.15
N ASN D 180 8.26 20.20 -0.05
CA ASN D 180 8.35 19.41 1.18
C ASN D 180 9.64 19.57 1.97
N ILE D 181 10.76 19.96 1.35
CA ILE D 181 12.04 19.99 2.07
C ILE D 181 12.01 20.62 3.48
N GLU D 182 11.24 21.69 3.68
CA GLU D 182 11.07 22.23 5.04
C GLU D 182 10.76 21.07 6.01
N ARG D 183 9.70 20.31 5.69
CA ARG D 183 9.24 19.14 6.47
C ARG D 183 10.29 18.05 6.72
N PHE D 184 11.02 17.68 5.67
CA PHE D 184 12.12 16.73 5.77
C PHE D 184 13.30 17.27 6.59
N GLU D 185 13.45 18.59 6.61
CA GLU D 185 14.43 19.25 7.48
C GLU D 185 14.02 19.07 8.93
N LYS D 186 12.76 19.34 9.26
CA LYS D 186 12.23 19.07 10.59
C LYS D 186 12.34 17.59 11.02
N ILE D 187 12.02 16.63 10.14
CA ILE D 187 12.13 15.21 10.49
C ILE D 187 13.53 14.97 11.03
N TRP D 188 14.52 15.25 10.18
CA TRP D 188 15.91 14.91 10.47
C TRP D 188 16.54 15.74 11.61
N GLU D 189 15.88 16.83 11.99
CA GLU D 189 16.23 17.62 13.15
C GLU D 189 15.81 16.82 14.37
N GLN D 190 14.52 16.48 14.41
CA GLN D 190 13.92 15.71 15.50
C GLN D 190 14.59 14.35 15.74
N ILE D 191 15.07 13.75 14.67
CA ILE D 191 15.75 12.47 14.72
C ILE D 191 17.13 12.64 15.30
N ALA D 192 17.76 13.75 14.94
CA ALA D 192 19.07 14.09 15.50
C ALA D 192 18.94 14.43 17.00
N GLU D 193 17.80 15.00 17.37
CA GLU D 193 17.54 15.45 18.74
C GLU D 193 17.35 14.25 19.68
N ARG D 194 16.39 13.39 19.34
CA ARG D 194 16.11 12.19 20.11
C ARG D 194 17.34 11.30 20.33
N PHE D 195 18.11 11.10 19.29
CA PHE D 195 19.21 10.14 19.30
C PHE D 195 20.59 10.76 19.50
N LYS D 196 20.68 12.01 19.99
CA LYS D 196 21.99 12.67 20.17
C LYS D 196 22.94 11.92 21.12
N ASN D 197 22.40 11.35 22.20
CA ASN D 197 23.21 10.66 23.22
C ASN D 197 23.56 9.20 22.95
N LYS D 198 23.11 8.63 21.85
CA LYS D 198 23.39 7.22 21.58
C LYS D 198 24.83 7.06 21.22
N SER D 199 25.27 5.82 21.34
CA SER D 199 26.62 5.45 21.06
C SER D 199 27.08 5.88 19.67
N GLU D 200 28.38 6.00 19.50
CA GLU D 200 29.00 6.14 18.19
C GLU D 200 28.64 5.00 17.21
N ASN D 201 28.06 3.92 17.73
CA ASN D 201 27.60 2.82 16.90
C ASN D 201 26.36 3.12 16.09
N LEU D 202 25.49 3.98 16.62
CA LEU D 202 24.40 4.53 15.82
C LEU D 202 24.91 5.39 14.63
N LEU D 203 24.49 5.03 13.41
CA LEU D 203 24.82 5.75 12.19
C LEU D 203 23.56 6.38 11.62
N PHE D 204 23.68 7.56 11.00
CA PHE D 204 22.55 8.23 10.33
C PHE D 204 22.74 8.16 8.83
N GLU D 205 21.73 7.69 8.10
CA GLU D 205 21.81 7.64 6.64
C GLU D 205 20.68 8.50 6.14
N ILE D 206 21.00 9.48 5.29
CA ILE D 206 20.05 10.58 5.09
C ILE D 206 18.81 10.15 4.33
N MET D 207 19.00 9.46 3.20
CA MET D 207 17.86 9.09 2.36
C MET D 207 18.15 7.85 1.55
N ASN D 208 17.20 6.94 1.65
CA ASN D 208 17.26 5.70 0.90
C ASN D 208 16.84 6.00 -0.53
N GLU D 209 17.69 5.59 -1.45
CA GLU D 209 17.36 5.44 -2.86
C GLU D 209 16.57 6.60 -3.43
N PRO D 210 17.24 7.77 -3.57
CA PRO D 210 16.65 8.88 -4.33
C PRO D 210 16.35 8.41 -5.74
N PHE D 211 15.17 8.77 -6.24
CA PHE D 211 14.81 8.44 -7.60
C PHE D 211 13.70 9.35 -8.00
N GLY D 212 13.43 9.38 -9.29
CA GLY D 212 12.33 10.15 -9.83
C GLY D 212 12.69 11.62 -10.07
N ASN D 213 11.81 12.48 -9.60
CA ASN D 213 11.79 13.89 -10.01
C ASN D 213 13.00 14.69 -9.51
N ILE D 214 13.33 14.49 -8.23
CA ILE D 214 14.51 15.08 -7.57
C ILE D 214 15.80 14.89 -8.38
N THR D 215 16.57 15.96 -8.48
CA THR D 215 17.74 16.01 -9.39
C THR D 215 19.02 15.82 -8.62
N ASP D 216 20.12 15.65 -9.36
CA ASP D 216 21.44 15.45 -8.76
C ASP D 216 21.91 16.62 -7.90
N GLU D 217 21.48 17.84 -8.28
CA GLU D 217 21.80 19.07 -7.57
C GLU D 217 20.99 19.12 -6.29
N GLN D 218 19.71 18.83 -6.42
CA GLN D 218 18.83 18.77 -5.26
C GLN D 218 19.24 17.69 -4.25
N ILE D 219 19.79 16.58 -4.73
CA ILE D 219 20.31 15.57 -3.86
C ILE D 219 21.50 16.14 -3.08
N ASP D 220 22.52 16.55 -3.82
CA ASP D 220 23.69 17.29 -3.28
C ASP D 220 23.34 18.45 -2.34
N ASP D 221 22.27 19.17 -2.67
CA ASP D 221 21.76 20.22 -1.78
C ASP D 221 21.41 19.54 -0.47
N MET D 222 20.42 18.64 -0.53
CA MET D 222 19.89 17.91 0.64
C MET D 222 20.95 17.32 1.55
N ASN D 223 21.93 16.65 0.97
CA ASN D 223 22.97 16.04 1.77
C ASN D 223 23.64 17.09 2.64
N SER D 224 24.23 18.09 1.99
CA SER D 224 24.83 19.26 2.64
C SER D 224 23.93 19.91 3.70
N ARG D 225 22.67 20.24 3.37
CA ARG D 225 21.78 20.98 4.32
C ARG D 225 21.34 20.12 5.51
N ILE D 226 21.06 18.85 5.23
CA ILE D 226 20.63 17.90 6.25
C ILE D 226 21.79 17.53 7.18
N LEU D 227 22.99 17.37 6.63
CA LEU D 227 24.19 17.20 7.45
C LEU D 227 24.38 18.34 8.46
N LYS D 228 24.14 19.60 8.05
CA LYS D 228 24.18 20.76 8.99
C LYS D 228 23.22 20.59 10.15
N ILE D 229 21.99 20.21 9.82
CA ILE D 229 20.94 20.04 10.82
C ILE D 229 21.35 18.94 11.82
N ILE D 230 22.01 17.92 11.30
CA ILE D 230 22.44 16.80 12.12
C ILE D 230 23.48 17.34 13.08
N ARG D 231 24.57 17.86 12.51
CA ARG D 231 25.75 18.35 13.26
C ARG D 231 25.45 19.35 14.39
N LYS D 232 24.42 20.18 14.23
CA LYS D 232 23.93 21.08 15.29
C LYS D 232 23.79 20.40 16.66
N THR D 233 23.33 19.14 16.66
CA THR D 233 23.21 18.33 17.89
C THR D 233 24.12 17.08 17.94
N ASN D 234 24.67 16.65 16.79
CA ASN D 234 25.45 15.39 16.68
C ASN D 234 26.81 15.66 16.05
N PRO D 235 27.72 16.27 16.82
CA PRO D 235 29.01 16.76 16.34
C PRO D 235 29.83 15.80 15.50
N THR D 236 29.95 14.53 15.90
CA THR D 236 30.85 13.58 15.20
C THR D 236 30.25 12.22 14.82
N ARG D 237 28.95 12.05 15.05
CA ARG D 237 28.23 10.86 14.56
C ARG D 237 28.39 10.69 13.05
N ILE D 238 28.79 9.50 12.63
CA ILE D 238 29.04 9.25 11.20
C ILE D 238 27.74 9.23 10.42
N VAL D 239 27.78 9.85 9.23
CA VAL D 239 26.61 10.02 8.39
C VAL D 239 26.84 9.37 7.04
N ILE D 240 25.77 8.75 6.54
CA ILE D 240 25.85 8.01 5.28
C ILE D 240 25.08 8.75 4.18
N ILE D 241 25.76 8.89 3.05
CA ILE D 241 25.27 9.69 1.94
C ILE D 241 25.49 8.93 0.67
N GLY D 242 24.52 9.02 -0.22
CA GLY D 242 24.65 8.40 -1.53
C GLY D 242 24.01 9.34 -2.51
N GLY D 243 24.02 8.95 -3.79
CA GLY D 243 23.31 9.75 -4.79
C GLY D 243 22.06 9.10 -5.36
N GLY D 244 21.71 9.54 -6.56
CA GLY D 244 20.43 9.22 -7.19
C GLY D 244 20.48 7.89 -7.88
N TYR D 245 19.45 7.61 -8.68
CA TYR D 245 19.26 6.32 -9.33
C TYR D 245 19.31 5.12 -8.36
N TRP D 246 18.52 5.22 -7.30
CA TRP D 246 18.39 4.17 -6.29
C TRP D 246 19.77 3.85 -5.69
N ASN D 247 20.39 4.88 -5.12
CA ASN D 247 21.77 4.84 -4.63
C ASN D 247 22.66 3.96 -5.49
N SER D 248 22.66 4.24 -6.78
CA SER D 248 23.53 3.53 -7.70
C SER D 248 25.01 3.80 -7.39
N TYR D 249 25.90 2.94 -7.87
CA TYR D 249 27.33 3.20 -7.76
C TYR D 249 27.76 4.35 -8.71
N ASN D 250 27.22 4.39 -9.94
CA ASN D 250 27.49 5.45 -10.93
C ASN D 250 27.20 6.81 -10.39
N THR D 251 26.17 6.86 -9.60
CA THR D 251 25.70 8.08 -9.02
C THR D 251 26.65 8.56 -7.89
N LEU D 252 27.13 7.61 -7.09
CA LEU D 252 27.87 7.87 -5.85
C LEU D 252 29.22 8.49 -6.16
N VAL D 253 29.93 7.87 -7.10
CA VAL D 253 31.16 8.39 -7.65
C VAL D 253 31.13 9.91 -8.00
N ASN D 254 29.96 10.45 -8.32
CA ASN D 254 29.84 11.82 -8.82
C ASN D 254 29.12 12.80 -7.91
N ILE D 255 28.88 12.44 -6.66
CA ILE D 255 28.21 13.35 -5.73
C ILE D 255 29.17 14.38 -5.14
N LYS D 256 28.60 15.42 -4.55
CA LYS D 256 29.36 16.48 -3.92
C LYS D 256 29.39 16.25 -2.43
N ILE D 257 30.52 15.69 -2.02
CA ILE D 257 30.82 15.28 -0.65
C ILE D 257 31.06 16.53 0.16
N PRO D 258 30.16 16.87 1.10
CA PRO D 258 30.45 18.04 1.92
C PRO D 258 31.81 17.97 2.63
N ASP D 259 32.31 19.14 3.05
CA ASP D 259 33.59 19.24 3.74
C ASP D 259 33.36 18.83 5.20
N ASP D 260 33.55 17.52 5.47
CA ASP D 260 33.23 16.89 6.77
C ASP D 260 33.96 15.54 6.93
N PRO D 261 34.61 15.29 8.10
CA PRO D 261 35.47 14.09 8.23
C PRO D 261 34.74 12.79 8.66
N TYR D 262 33.46 12.89 9.00
CA TYR D 262 32.69 11.77 9.53
C TYR D 262 31.56 11.37 8.58
N LEU D 263 31.95 10.77 7.45
CA LEU D 263 31.02 10.47 6.37
C LEU D 263 31.31 9.15 5.68
N ILE D 264 30.25 8.43 5.31
CA ILE D 264 30.36 7.22 4.51
C ILE D 264 29.50 7.33 3.26
N GLY D 265 30.00 6.76 2.18
CA GLY D 265 29.34 6.76 0.89
C GLY D 265 28.68 5.42 0.61
N THR D 266 27.39 5.45 0.27
CA THR D 266 26.65 4.21 0.08
C THR D 266 26.09 4.05 -1.31
N ALA D 267 26.38 2.88 -1.90
CA ALA D 267 25.66 2.36 -3.03
C ALA D 267 24.79 1.16 -2.60
N HIS D 268 24.03 0.62 -3.54
CA HIS D 268 23.18 -0.56 -3.34
C HIS D 268 23.36 -1.35 -4.58
N TYR D 269 24.09 -2.46 -4.52
CA TYR D 269 24.37 -3.23 -5.73
C TYR D 269 23.27 -4.26 -5.97
N TYR D 270 22.67 -4.24 -7.16
CA TYR D 270 21.68 -5.23 -7.57
C TYR D 270 21.86 -5.59 -9.05
N ASP D 271 23.09 -5.52 -9.58
CA ASP D 271 23.32 -5.77 -11.02
C ASP D 271 23.59 -7.26 -11.22
N PRO D 272 23.16 -7.86 -12.35
CA PRO D 272 22.28 -7.23 -13.36
C PRO D 272 20.87 -7.13 -12.82
N PHE D 273 20.26 -5.95 -12.84
CA PHE D 273 18.93 -5.76 -12.27
C PHE D 273 17.89 -6.78 -12.78
N GLU D 274 17.96 -7.12 -14.07
CA GLU D 274 17.02 -8.08 -14.63
C GLU D 274 17.19 -9.50 -14.05
N PHE D 275 18.39 -9.83 -13.55
CA PHE D 275 18.64 -11.10 -12.83
C PHE D 275 18.21 -11.06 -11.37
N THR D 276 18.67 -10.07 -10.66
CA THR D 276 18.37 -9.94 -9.27
C THR D 276 16.93 -9.68 -9.00
N HIS D 277 16.24 -9.10 -9.94
CA HIS D 277 14.86 -8.77 -9.73
C HIS D 277 13.86 -9.58 -10.55
N GLN D 278 14.28 -10.66 -11.18
CA GLN D 278 13.37 -11.45 -11.97
C GLN D 278 12.18 -11.90 -11.13
N GLY D 279 10.99 -11.74 -11.65
CA GLY D 279 9.76 -12.07 -10.94
C GLY D 279 9.30 -11.16 -9.82
N ALA D 280 10.12 -10.19 -9.43
CA ALA D 280 9.66 -9.23 -8.43
C ALA D 280 8.33 -8.63 -8.89
N GLU D 281 7.28 -8.83 -8.12
CA GLU D 281 5.94 -8.43 -8.56
C GLU D 281 5.71 -6.95 -8.54
N TRP D 282 6.49 -6.24 -7.72
CA TRP D 282 6.42 -4.79 -7.63
C TRP D 282 7.20 -4.07 -8.77
N VAL D 283 7.86 -4.86 -9.62
CA VAL D 283 8.60 -4.38 -10.77
C VAL D 283 7.91 -4.82 -12.08
N GLU D 284 7.23 -3.86 -12.69
CA GLU D 284 6.55 -4.03 -13.98
C GLU D 284 7.46 -4.67 -15.02
N GLY D 285 6.97 -5.71 -15.70
CA GLY D 285 7.72 -6.41 -16.75
C GLY D 285 8.70 -7.49 -16.32
N SER D 286 8.87 -7.70 -15.01
CA SER D 286 9.89 -8.62 -14.44
C SER D 286 9.68 -10.08 -14.72
N GLU D 287 8.46 -10.47 -15.02
CA GLU D 287 8.17 -11.85 -15.43
C GLU D 287 8.93 -12.25 -16.72
N LYS D 288 9.25 -11.28 -17.57
CA LYS D 288 10.00 -11.55 -18.79
C LYS D 288 11.38 -12.08 -18.46
N TRP D 289 11.93 -11.74 -17.28
CA TRP D 289 13.32 -12.08 -16.97
C TRP D 289 13.48 -13.44 -16.30
N LEU D 290 12.40 -14.13 -15.94
CA LEU D 290 12.51 -15.41 -15.21
C LEU D 290 13.30 -16.43 -16.03
N GLY D 291 14.06 -17.26 -15.33
CA GLY D 291 15.03 -18.16 -15.95
C GLY D 291 16.39 -17.52 -16.21
N ARG D 292 16.57 -16.25 -15.86
CA ARG D 292 17.85 -15.60 -16.11
C ARG D 292 18.82 -16.15 -15.10
N LYS D 293 19.96 -16.59 -15.61
CA LYS D 293 21.02 -17.13 -14.80
C LYS D 293 22.17 -16.14 -14.69
N TRP D 294 23.16 -16.51 -13.90
CA TRP D 294 24.31 -15.66 -13.61
C TRP D 294 25.42 -16.55 -13.14
N GLY D 295 26.65 -16.23 -13.55
CA GLY D 295 27.80 -17.07 -13.23
C GLY D 295 29.02 -16.92 -14.11
N THR D 296 28.85 -16.53 -15.39
CA THR D 296 29.95 -16.53 -16.38
C THR D 296 31.18 -15.73 -15.95
N GLN D 297 32.30 -16.06 -16.60
CA GLN D 297 33.54 -15.29 -16.56
C GLN D 297 33.22 -13.80 -16.69
N GLU D 298 32.45 -13.46 -17.74
CA GLU D 298 32.04 -12.06 -18.04
C GLU D 298 31.27 -11.41 -16.89
N ASP D 299 30.31 -12.16 -16.34
CA ASP D 299 29.46 -11.69 -15.25
C ASP D 299 30.30 -11.29 -14.05
N MET D 300 31.30 -12.13 -13.78
CA MET D 300 32.23 -11.95 -12.67
C MET D 300 33.23 -10.83 -12.93
N ASP D 301 33.76 -10.76 -14.15
CA ASP D 301 34.63 -9.65 -14.59
C ASP D 301 33.95 -8.33 -14.27
N THR D 302 32.72 -8.15 -14.78
CA THR D 302 31.94 -6.89 -14.56
C THR D 302 31.97 -6.45 -13.09
N VAL D 303 31.79 -7.40 -12.18
CA VAL D 303 31.73 -7.07 -10.75
C VAL D 303 33.07 -6.56 -10.24
N VAL D 304 34.15 -7.18 -10.71
CA VAL D 304 35.52 -6.82 -10.32
C VAL D 304 35.76 -5.38 -10.79
N ARG D 305 35.74 -5.22 -12.11
CA ARG D 305 35.86 -3.91 -12.78
C ARG D 305 35.07 -2.80 -12.12
N VAL D 306 33.82 -3.06 -11.76
CA VAL D 306 32.98 -2.04 -11.10
C VAL D 306 33.44 -1.78 -9.68
N PHE D 307 33.78 -2.82 -8.95
CA PHE D 307 34.09 -2.65 -7.52
C PHE D 307 35.42 -1.92 -7.38
N ASP D 308 36.40 -2.34 -8.21
CA ASP D 308 37.65 -1.60 -8.48
C ASP D 308 37.40 -0.12 -8.70
N PHE D 309 36.52 0.16 -9.66
CA PHE D 309 36.13 1.52 -10.01
C PHE D 309 35.65 2.29 -8.77
N VAL D 310 34.88 1.63 -7.90
CA VAL D 310 34.40 2.24 -6.66
C VAL D 310 35.52 2.31 -5.62
N LYS D 311 36.45 1.35 -5.69
CA LYS D 311 37.69 1.37 -4.89
C LYS D 311 38.43 2.72 -5.06
N SER D 312 38.77 3.06 -6.32
CA SER D 312 39.46 4.32 -6.65
C SER D 312 38.78 5.49 -5.98
N TRP D 313 37.50 5.65 -6.26
CA TRP D 313 36.75 6.77 -5.75
C TRP D 313 36.85 6.91 -4.21
N SER D 314 36.90 5.78 -3.50
CA SER D 314 37.06 5.78 -2.04
C SER D 314 38.48 6.24 -1.62
N ASP D 315 39.50 5.74 -2.35
CA ASP D 315 40.89 6.13 -2.14
C ASP D 315 41.05 7.62 -2.48
N ARG D 316 40.86 7.98 -3.76
CA ARG D 316 40.98 9.36 -4.25
C ARG D 316 40.28 10.39 -3.35
N ASN D 317 39.12 10.05 -2.77
CA ASN D 317 38.36 11.00 -1.94
C ASN D 317 38.49 10.76 -0.43
N ASN D 318 39.33 9.80 -0.07
CA ASN D 318 39.48 9.35 1.32
C ASN D 318 38.11 9.31 2.03
N ILE D 319 37.22 8.46 1.49
CA ILE D 319 35.88 8.21 2.06
C ILE D 319 35.50 6.73 1.92
N PRO D 320 34.99 6.10 3.02
CA PRO D 320 34.73 4.68 2.91
C PRO D 320 33.36 4.37 2.25
N VAL D 321 33.27 3.14 1.75
CA VAL D 321 32.17 2.66 0.95
C VAL D 321 31.31 1.65 1.74
N TYR D 322 30.00 1.79 1.62
CA TYR D 322 29.01 0.91 2.26
C TYR D 322 27.94 0.47 1.26
N PHE D 323 28.02 -0.79 0.84
CA PHE D 323 26.88 -1.40 0.14
C PHE D 323 25.75 -1.73 1.11
N GLY D 324 24.83 -0.78 1.29
CA GLY D 324 23.74 -0.92 2.24
C GLY D 324 22.63 -1.88 1.87
N GLU D 325 22.64 -2.38 0.63
CA GLU D 325 21.73 -3.44 0.16
C GLU D 325 22.32 -4.20 -1.01
N PHE D 326 21.96 -5.49 -1.05
CA PHE D 326 22.24 -6.38 -2.16
C PHE D 326 21.45 -7.67 -1.85
N ALA D 327 20.85 -8.26 -2.90
CA ALA D 327 19.97 -9.45 -2.77
C ALA D 327 19.53 -9.97 -4.14
N VAL D 328 18.97 -11.17 -4.14
CA VAL D 328 18.44 -11.80 -5.33
C VAL D 328 17.08 -12.41 -5.01
N MET D 329 16.14 -12.27 -5.95
CA MET D 329 14.82 -12.88 -5.82
C MET D 329 14.99 -14.40 -5.73
N ALA D 330 14.19 -15.02 -4.90
CA ALA D 330 14.23 -16.49 -4.81
C ALA D 330 13.77 -17.18 -6.11
N TYR D 331 13.13 -16.43 -7.02
CA TYR D 331 12.80 -16.94 -8.35
C TYR D 331 14.03 -17.35 -9.17
N ALA D 332 15.17 -16.77 -8.83
CA ALA D 332 16.40 -17.04 -9.56
C ALA D 332 16.89 -18.46 -9.37
N ASP D 333 17.39 -19.04 -10.45
CA ASP D 333 18.07 -20.30 -10.41
C ASP D 333 18.92 -20.39 -9.14
N ARG D 334 18.77 -21.46 -8.37
CA ARG D 334 19.42 -21.57 -7.07
C ARG D 334 20.97 -21.53 -7.17
N THR D 335 21.54 -22.29 -8.11
CA THR D 335 23.00 -22.25 -8.27
C THR D 335 23.37 -20.77 -8.47
N SER D 336 22.76 -20.13 -9.45
CA SER D 336 23.03 -18.73 -9.77
C SER D 336 22.83 -17.76 -8.60
N ARG D 337 21.73 -17.93 -7.85
CA ARG D 337 21.42 -17.07 -6.68
C ARG D 337 22.50 -17.15 -5.59
N VAL D 338 22.95 -18.35 -5.29
CA VAL D 338 23.90 -18.53 -4.21
C VAL D 338 25.23 -17.92 -4.64
N LYS D 339 25.63 -18.21 -5.87
CA LYS D 339 26.91 -17.76 -6.40
C LYS D 339 27.04 -16.23 -6.32
N TRP D 340 25.99 -15.55 -6.77
CA TRP D 340 25.93 -14.10 -6.75
C TRP D 340 26.12 -13.54 -5.35
N TYR D 341 25.36 -14.07 -4.40
CA TYR D 341 25.47 -13.65 -2.98
C TYR D 341 26.93 -13.84 -2.47
N ASP D 342 27.57 -14.91 -2.90
CA ASP D 342 28.92 -15.24 -2.44
C ASP D 342 29.95 -14.28 -3.02
N PHE D 343 29.98 -14.21 -4.34
CA PHE D 343 30.95 -13.41 -5.09
C PHE D 343 30.87 -11.89 -4.82
N ILE D 344 29.66 -11.35 -4.81
CA ILE D 344 29.44 -9.94 -4.47
C ILE D 344 29.95 -9.70 -3.05
N SER D 345 29.66 -10.64 -2.17
CA SER D 345 30.09 -10.55 -0.79
C SER D 345 31.61 -10.58 -0.68
N ASP D 346 32.21 -11.49 -1.44
CA ASP D 346 33.65 -11.70 -1.39
C ASP D 346 34.34 -10.45 -1.95
N ALA D 347 34.00 -10.11 -3.18
CA ALA D 347 34.50 -8.92 -3.87
C ALA D 347 34.37 -7.62 -3.07
N ALA D 348 33.28 -7.43 -2.32
CA ALA D 348 33.08 -6.22 -1.53
C ALA D 348 33.97 -6.18 -0.30
N LEU D 349 33.93 -7.28 0.46
CA LEU D 349 34.68 -7.40 1.71
C LEU D 349 36.19 -7.36 1.46
N GLU D 350 36.61 -7.99 0.38
CA GLU D 350 37.99 -7.91 -0.12
C GLU D 350 38.54 -6.47 -0.29
N ARG D 351 37.71 -5.51 -0.70
CA ARG D 351 38.14 -4.08 -0.87
C ARG D 351 37.99 -3.30 0.42
N GLY D 352 37.36 -3.90 1.44
CA GLY D 352 37.19 -3.23 2.72
C GLY D 352 35.91 -2.45 2.83
N PHE D 353 34.94 -2.71 1.94
CA PHE D 353 33.61 -2.08 2.05
C PHE D 353 32.81 -2.77 3.17
N ALA D 354 31.97 -1.98 3.84
CA ALA D 354 30.92 -2.50 4.70
C ALA D 354 29.69 -2.92 3.88
N CYS D 355 28.85 -3.75 4.49
CA CYS D 355 27.81 -4.51 3.78
C CYS D 355 26.65 -4.82 4.71
N SER D 356 25.44 -4.63 4.17
CA SER D 356 24.23 -5.12 4.81
C SER D 356 23.43 -5.81 3.74
N VAL D 357 23.31 -7.14 3.84
CA VAL D 357 22.47 -7.88 2.92
C VAL D 357 21.04 -7.45 3.14
N TRP D 358 20.27 -7.52 2.06
CA TRP D 358 18.85 -7.19 2.10
C TRP D 358 18.10 -8.51 2.36
N ASP D 359 17.18 -8.44 3.32
CA ASP D 359 16.41 -9.59 3.81
C ASP D 359 15.10 -9.04 4.24
N ASN D 360 14.04 -9.42 3.51
CA ASN D 360 12.65 -9.01 3.83
C ASN D 360 11.83 -10.09 4.56
N GLY D 361 12.42 -11.25 4.80
CA GLY D 361 11.74 -12.31 5.55
C GLY D 361 10.49 -12.86 4.86
N VAL D 362 10.41 -12.72 3.53
CA VAL D 362 9.24 -13.19 2.82
C VAL D 362 9.67 -14.42 2.06
N PHE D 363 8.93 -15.50 2.28
CA PHE D 363 9.21 -16.79 1.66
C PHE D 363 8.10 -17.30 0.74
N GLY D 364 6.89 -16.75 0.83
CA GLY D 364 5.83 -17.10 -0.11
C GLY D 364 4.83 -15.95 -0.27
N SER D 365 4.47 -15.60 -1.50
CA SER D 365 4.90 -16.24 -2.74
C SER D 365 6.35 -15.85 -3.11
N LEU D 366 6.96 -16.55 -4.05
CA LEU D 366 8.29 -16.17 -4.55
C LEU D 366 8.33 -14.74 -5.12
N ASP D 367 7.23 -14.31 -5.70
CA ASP D 367 6.89 -12.90 -5.98
C ASP D 367 7.60 -11.87 -5.17
N ASN D 368 7.58 -12.10 -3.86
CA ASN D 368 7.99 -11.11 -2.92
C ASN D 368 9.19 -11.54 -2.12
N ASP D 369 9.83 -12.65 -2.54
CA ASP D 369 10.81 -13.36 -1.72
C ASP D 369 12.22 -12.86 -2.00
N MET D 370 12.78 -12.15 -1.03
CA MET D 370 14.18 -11.69 -1.06
C MET D 370 14.84 -11.95 0.28
N ALA D 371 14.66 -13.18 0.74
CA ALA D 371 14.77 -13.51 2.14
C ALA D 371 15.92 -14.41 2.44
N ILE D 372 16.23 -14.40 3.73
CA ILE D 372 17.24 -15.26 4.35
C ILE D 372 16.75 -15.78 5.72
N TYR D 373 16.24 -14.88 6.56
CA TYR D 373 15.77 -15.19 7.88
C TYR D 373 14.25 -15.23 7.99
N ASN D 374 13.74 -16.42 8.35
CA ASN D 374 12.35 -16.67 8.68
C ASN D 374 12.12 -16.27 10.11
N ARG D 375 11.21 -15.34 10.33
CA ARG D 375 10.99 -14.77 11.62
C ARG D 375 10.02 -15.60 12.48
N ASP D 376 9.32 -16.54 11.84
CA ASP D 376 8.34 -17.38 12.53
C ASP D 376 9.06 -18.65 13.06
N THR D 377 9.76 -19.35 12.15
CA THR D 377 10.45 -20.58 12.49
C THR D 377 11.82 -20.32 13.08
N ARG D 378 12.27 -19.06 13.06
CA ARG D 378 13.51 -18.64 13.66
C ARG D 378 14.74 -19.18 12.93
N THR D 379 14.63 -19.47 11.64
CA THR D 379 15.73 -20.14 10.88
C THR D 379 16.30 -19.31 9.74
N PHE D 380 17.42 -19.73 9.19
CA PHE D 380 18.17 -18.95 8.22
C PHE D 380 18.47 -19.79 7.00
N ASP D 381 18.57 -19.15 5.83
CA ASP D 381 19.04 -19.85 4.64
C ASP D 381 20.56 -20.06 4.80
N THR D 382 20.88 -21.09 5.59
CA THR D 382 22.24 -21.52 5.95
C THR D 382 23.22 -21.35 4.81
N GLU D 383 22.82 -21.79 3.61
CA GLU D 383 23.73 -21.86 2.46
C GLU D 383 24.09 -20.46 1.94
N ILE D 384 23.15 -19.54 2.07
CA ILE D 384 23.31 -18.17 1.64
C ILE D 384 24.12 -17.43 2.68
N LEU D 385 23.73 -17.59 3.94
CA LEU D 385 24.55 -17.18 5.09
C LEU D 385 26.04 -17.50 4.91
N ASN D 386 26.38 -18.74 4.61
CA ASN D 386 27.78 -19.14 4.45
C ASN D 386 28.50 -18.34 3.39
N ALA D 387 27.79 -18.06 2.30
CA ALA D 387 28.40 -17.38 1.15
C ALA D 387 28.76 -15.90 1.44
N LEU D 388 27.95 -15.30 2.32
CA LEU D 388 28.15 -13.92 2.81
C LEU D 388 29.46 -13.81 3.54
N PHE D 389 29.58 -14.62 4.59
CA PHE D 389 30.71 -14.59 5.49
C PHE D 389 31.98 -15.21 4.94
N ASN D 390 31.88 -16.17 4.02
CA ASN D 390 33.04 -16.97 3.60
C ASN D 390 33.40 -16.80 2.11
N PRO D 391 34.69 -17.02 1.78
CA PRO D 391 35.21 -17.13 0.40
C PRO D 391 34.70 -18.33 -0.42
N GLY D 392 34.41 -18.10 -1.70
CA GLY D 392 33.84 -19.10 -2.59
C GLY D 392 34.86 -19.65 -3.55
N THR D 393 34.40 -20.21 -4.69
CA THR D 393 35.28 -20.81 -5.73
C THR D 393 34.55 -21.08 -7.07
N ALA E 75 -9.01 -13.55 48.01
CA ALA E 75 -9.62 -14.25 46.84
C ALA E 75 -11.03 -13.75 46.64
N VAL E 76 -11.53 -13.91 45.43
CA VAL E 76 -12.67 -13.13 44.96
C VAL E 76 -13.79 -14.04 44.56
N ASP E 77 -14.99 -13.68 45.00
CA ASP E 77 -16.22 -14.31 44.55
C ASP E 77 -16.30 -14.18 43.01
N PRO E 78 -16.59 -15.30 42.28
CA PRO E 78 -16.93 -15.25 40.83
C PRO E 78 -17.92 -14.17 40.41
N PHE E 79 -19.04 -14.05 41.13
CA PHE E 79 -20.04 -13.02 40.86
C PHE E 79 -19.56 -11.58 41.04
N GLU E 80 -18.57 -11.38 41.88
CA GLU E 80 -17.95 -10.06 42.02
C GLU E 80 -17.04 -9.77 40.83
N MET E 81 -16.30 -10.79 40.39
CA MET E 81 -15.40 -10.71 39.22
C MET E 81 -16.14 -10.49 37.90
N VAL E 82 -17.32 -11.10 37.77
CA VAL E 82 -18.17 -10.91 36.60
C VAL E 82 -18.64 -9.47 36.43
N ARG E 83 -18.93 -8.83 37.55
CA ARG E 83 -19.41 -7.46 37.58
C ARG E 83 -18.31 -6.48 37.21
N LYS E 84 -17.12 -6.79 37.71
CA LYS E 84 -15.90 -6.04 37.47
C LYS E 84 -15.41 -6.19 36.01
N MET E 85 -15.75 -7.30 35.39
CA MET E 85 -15.46 -7.58 33.97
C MET E 85 -16.31 -6.72 33.02
N GLY E 86 -17.52 -6.37 33.45
CA GLY E 86 -18.51 -5.68 32.62
C GLY E 86 -18.42 -6.00 31.14
N MET E 87 -17.91 -5.05 30.35
CA MET E 87 -17.77 -5.15 28.89
C MET E 87 -16.33 -4.92 28.52
N GLY E 88 -15.79 -5.86 27.76
CA GLY E 88 -14.37 -5.85 27.37
C GLY E 88 -14.26 -6.29 25.93
N THR E 89 -13.06 -6.69 25.53
CA THR E 89 -12.75 -6.98 24.12
C THR E 89 -11.86 -8.20 24.04
N ASN E 90 -11.94 -8.89 22.91
CA ASN E 90 -10.86 -9.79 22.54
C ASN E 90 -9.73 -9.06 21.84
N LEU E 91 -8.56 -9.67 21.84
CA LEU E 91 -7.38 -9.28 21.07
C LEU E 91 -7.25 -10.32 19.95
N GLY E 92 -8.18 -10.20 19.00
CA GLY E 92 -8.37 -11.21 17.96
C GLY E 92 -7.19 -11.44 17.05
N ASN E 93 -7.12 -12.64 16.51
CA ASN E 93 -6.15 -13.02 15.49
C ASN E 93 -4.70 -12.61 15.76
N THR E 94 -4.31 -12.74 17.01
CA THR E 94 -2.98 -12.33 17.38
C THR E 94 -2.17 -13.51 17.85
N LEU E 95 -2.28 -13.86 19.14
CA LEU E 95 -1.50 -14.93 19.73
C LEU E 95 -2.04 -16.34 19.35
N GLU E 96 -3.35 -16.42 19.11
CA GLU E 96 -4.07 -17.60 18.54
C GLU E 96 -3.70 -18.01 17.11
N ALA E 97 -2.94 -17.19 16.39
CA ALA E 97 -2.56 -17.53 15.02
C ALA E 97 -1.40 -18.53 15.06
N PRO E 98 -1.06 -19.15 13.93
CA PRO E 98 0.01 -20.12 14.02
C PRO E 98 1.23 -19.58 14.73
N TYR E 99 1.66 -18.40 14.29
CA TYR E 99 2.74 -17.64 14.88
C TYR E 99 2.23 -16.22 15.01
N GLU E 100 2.69 -15.50 16.01
CA GLU E 100 2.18 -14.16 16.23
C GLU E 100 2.52 -13.33 15.01
N GLY E 101 1.56 -12.52 14.55
CA GLY E 101 1.79 -11.66 13.39
C GLY E 101 1.52 -12.29 12.04
N SER E 102 1.24 -13.60 12.00
CA SER E 102 0.90 -14.25 10.75
C SER E 102 -0.52 -13.88 10.30
N TRP E 103 -1.37 -13.44 11.22
CA TRP E 103 -2.70 -12.96 10.85
C TRP E 103 -2.78 -11.44 11.07
N SER E 104 -3.54 -11.00 12.07
CA SER E 104 -3.53 -9.61 12.47
C SER E 104 -2.23 -9.25 13.17
N LYS E 105 -2.05 -7.96 13.36
CA LYS E 105 -0.76 -7.43 13.77
C LYS E 105 -0.36 -7.93 15.16
N SER E 106 0.94 -8.18 15.34
CA SER E 106 1.49 -8.59 16.64
C SER E 106 1.04 -7.68 17.77
N ALA E 107 0.87 -8.26 18.96
CA ALA E 107 0.50 -7.47 20.17
C ALA E 107 1.52 -6.34 20.50
N MET E 108 0.97 -5.22 20.93
CA MET E 108 1.73 -3.99 21.21
C MET E 108 1.14 -3.32 22.46
N GLU E 109 2.02 -2.71 23.25
CA GLU E 109 1.61 -2.02 24.46
C GLU E 109 0.52 -0.96 24.25
N TYR E 110 0.61 -0.23 23.15
CA TYR E 110 -0.36 0.85 22.92
C TYR E 110 -1.82 0.40 22.72
N TYR E 111 -2.04 -0.87 22.34
CA TYR E 111 -3.42 -1.40 22.21
C TYR E 111 -4.16 -1.30 23.51
N PHE E 112 -3.46 -1.59 24.61
CA PHE E 112 -4.08 -1.63 25.92
C PHE E 112 -4.41 -0.22 26.43
N ASP E 113 -3.54 0.74 26.09
CA ASP E 113 -3.83 2.17 26.32
C ASP E 113 -5.10 2.58 25.60
N ASP E 114 -5.18 2.24 24.30
CA ASP E 114 -6.37 2.58 23.50
C ASP E 114 -7.63 1.86 23.96
N PHE E 115 -7.49 0.58 24.30
CA PHE E 115 -8.61 -0.19 24.89
C PHE E 115 -9.09 0.46 26.18
N LYS E 116 -8.17 0.95 27.00
CA LYS E 116 -8.54 1.62 28.25
C LYS E 116 -9.34 2.87 27.98
N ALA E 117 -8.80 3.70 27.10
CA ALA E 117 -9.46 4.95 26.70
C ALA E 117 -10.86 4.73 26.10
N ALA E 118 -11.06 3.62 25.38
CA ALA E 118 -12.39 3.29 24.80
C ALA E 118 -13.47 2.90 25.83
N GLY E 119 -13.04 2.59 27.06
CA GLY E 119 -13.92 2.18 28.16
C GLY E 119 -13.97 0.67 28.43
N TYR E 120 -13.06 -0.11 27.82
CA TYR E 120 -13.08 -1.57 28.00
C TYR E 120 -12.65 -1.96 29.40
N LYS E 121 -13.44 -2.83 30.02
CA LYS E 121 -13.17 -3.35 31.37
C LYS E 121 -12.24 -4.57 31.43
N ASN E 122 -12.16 -5.29 30.32
CA ASN E 122 -11.34 -6.51 30.24
C ASN E 122 -10.82 -6.75 28.84
N VAL E 123 -9.77 -7.55 28.79
CA VAL E 123 -9.22 -8.02 27.54
C VAL E 123 -9.07 -9.53 27.64
N ARG E 124 -9.72 -10.25 26.72
CA ARG E 124 -9.47 -11.68 26.48
C ARG E 124 -8.36 -11.80 25.46
N ILE E 125 -7.50 -12.80 25.63
CA ILE E 125 -6.25 -12.93 24.91
C ILE E 125 -6.04 -14.37 24.43
N PRO E 126 -6.58 -14.70 23.25
CA PRO E 126 -6.42 -16.00 22.63
C PRO E 126 -4.97 -16.46 22.52
N VAL E 127 -4.65 -17.69 22.96
CA VAL E 127 -3.28 -18.22 22.78
C VAL E 127 -3.39 -19.61 22.20
N ARG E 128 -2.63 -19.86 21.12
CA ARG E 128 -2.53 -21.17 20.52
C ARG E 128 -1.14 -21.56 20.93
N TRP E 129 -1.05 -22.57 21.80
CA TRP E 129 0.23 -23.07 22.35
C TRP E 129 0.88 -24.07 21.41
N ASP E 130 0.10 -24.60 20.48
CA ASP E 130 0.55 -25.68 19.60
C ASP E 130 1.97 -25.51 19.12
N ASN E 131 2.25 -24.48 18.32
CA ASN E 131 3.59 -24.33 17.67
C ASN E 131 4.74 -23.96 18.59
N HIS E 132 4.45 -23.57 19.83
CA HIS E 132 5.47 -23.20 20.78
C HIS E 132 5.82 -24.31 21.76
N THR E 133 5.15 -25.45 21.62
CA THR E 133 5.27 -26.54 22.55
C THR E 133 5.78 -27.79 21.89
N MET E 134 6.75 -28.45 22.51
CA MET E 134 7.26 -29.73 22.02
C MET E 134 6.12 -30.74 21.77
N ARG E 135 6.35 -31.60 20.79
CA ARG E 135 5.39 -32.62 20.41
C ARG E 135 5.83 -34.02 20.89
N THR E 136 6.85 -34.06 21.76
CA THR E 136 7.31 -35.27 22.41
C THR E 136 7.54 -34.98 23.87
N TYR E 137 7.67 -36.05 24.66
CA TYR E 137 7.86 -35.92 26.11
C TYR E 137 9.14 -35.11 26.35
N PRO E 138 9.17 -34.12 27.26
CA PRO E 138 8.12 -33.77 28.25
C PRO E 138 7.14 -32.67 27.87
N TYR E 139 6.96 -32.40 26.57
CA TYR E 139 5.93 -31.46 26.09
C TYR E 139 6.14 -30.04 26.61
N THR E 140 7.40 -29.61 26.65
CA THR E 140 7.70 -28.33 27.29
C THR E 140 7.35 -27.15 26.31
N ILE E 141 6.70 -26.13 26.87
CA ILE E 141 6.42 -24.89 26.16
C ILE E 141 7.71 -24.07 26.14
N ASP E 142 8.19 -23.69 24.95
CA ASP E 142 9.33 -22.78 24.79
C ASP E 142 9.25 -21.60 25.77
N LYS E 143 10.30 -21.43 26.58
CA LYS E 143 10.38 -20.34 27.56
C LYS E 143 10.14 -18.94 26.95
N ALA E 144 10.75 -18.69 25.79
CA ALA E 144 10.60 -17.40 25.10
C ALA E 144 9.12 -17.08 24.79
N PHE E 145 8.33 -18.08 24.42
CA PHE E 145 6.91 -17.85 24.16
C PHE E 145 6.18 -17.56 25.45
N LEU E 146 6.57 -18.23 26.52
CA LEU E 146 5.95 -17.95 27.81
C LEU E 146 6.29 -16.53 28.25
N ASP E 147 7.54 -16.14 28.06
CA ASP E 147 7.97 -14.75 28.34
C ASP E 147 7.10 -13.79 27.55
N ARG E 148 6.96 -14.10 26.26
CA ARG E 148 6.17 -13.27 25.37
C ARG E 148 4.74 -13.11 25.85
N VAL E 149 4.13 -14.19 26.30
CA VAL E 149 2.72 -14.11 26.73
C VAL E 149 2.59 -13.35 28.04
N GLU E 150 3.55 -13.54 28.96
CA GLU E 150 3.57 -12.85 30.25
C GLU E 150 3.67 -11.32 30.08
N GLN E 151 4.63 -10.90 29.26
CA GLN E 151 4.73 -9.51 28.78
C GLN E 151 3.38 -8.89 28.44
N VAL E 152 2.63 -9.54 27.55
CA VAL E 152 1.35 -9.00 27.08
C VAL E 152 0.37 -9.01 28.22
N VAL E 153 0.35 -10.12 28.95
CA VAL E 153 -0.47 -10.26 30.14
C VAL E 153 -0.19 -9.15 31.17
N ASP E 154 1.10 -8.89 31.43
CA ASP E 154 1.53 -7.78 32.29
C ASP E 154 1.08 -6.39 31.80
N TRP E 155 1.16 -6.14 30.48
CA TRP E 155 0.59 -4.90 29.93
C TRP E 155 -0.90 -4.78 30.28
N SER E 156 -1.66 -5.85 30.17
CA SER E 156 -3.10 -5.79 30.49
C SER E 156 -3.37 -5.59 31.98
N LEU E 157 -2.62 -6.31 32.82
CA LEU E 157 -2.83 -6.26 34.29
C LEU E 157 -2.44 -4.90 34.88
N SER E 158 -1.26 -4.41 34.48
CA SER E 158 -0.79 -3.02 34.74
C SER E 158 -1.85 -1.94 34.72
N ARG E 159 -2.74 -2.03 33.74
CA ARG E 159 -3.76 -1.02 33.51
C ARG E 159 -5.09 -1.39 34.17
N GLY E 160 -5.12 -2.55 34.84
CA GLY E 160 -6.27 -2.94 35.66
C GLY E 160 -7.40 -3.57 34.88
N PHE E 161 -7.06 -4.19 33.76
CA PHE E 161 -8.02 -4.99 33.03
C PHE E 161 -8.16 -6.32 33.76
N VAL E 162 -9.38 -6.81 33.82
CA VAL E 162 -9.58 -8.24 34.03
C VAL E 162 -9.02 -8.90 32.77
N THR E 163 -8.24 -9.96 32.94
CA THR E 163 -7.36 -10.44 31.88
C THR E 163 -7.45 -11.96 31.72
N ILE E 164 -7.91 -12.38 30.55
CA ILE E 164 -8.29 -13.75 30.33
C ILE E 164 -7.35 -14.35 29.30
N ILE E 165 -6.62 -15.39 29.71
CA ILE E 165 -5.83 -16.20 28.79
C ILE E 165 -6.44 -17.57 28.67
N ASN E 166 -6.03 -18.28 27.61
CA ASN E 166 -6.69 -19.49 27.20
C ASN E 166 -5.90 -20.43 26.27
N SER E 167 -6.61 -21.45 25.77
CA SER E 167 -6.12 -22.31 24.66
C SER E 167 -7.10 -22.13 23.49
N HIS E 168 -6.61 -21.49 22.45
CA HIS E 168 -7.39 -21.10 21.30
C HIS E 168 -6.75 -21.66 20.06
N HIS E 169 -7.55 -22.34 19.28
CA HIS E 169 -7.12 -22.96 18.06
C HIS E 169 -6.16 -24.10 18.26
N ASP E 170 -6.13 -24.65 19.47
CA ASP E 170 -5.35 -25.85 19.73
C ASP E 170 -6.37 -26.94 19.47
N ASP E 171 -6.49 -27.31 18.20
CA ASP E 171 -7.53 -28.23 17.73
C ASP E 171 -7.04 -29.69 17.75
N TRP E 172 -5.73 -29.90 17.77
CA TRP E 172 -5.15 -31.22 17.98
C TRP E 172 -5.82 -31.97 19.15
N ILE E 173 -6.02 -31.31 20.26
CA ILE E 173 -6.64 -31.95 21.41
C ILE E 173 -8.10 -32.29 21.17
N LYS E 174 -8.78 -31.54 20.32
CA LYS E 174 -10.21 -31.76 20.06
C LYS E 174 -10.43 -32.88 19.07
N GLU E 175 -9.40 -33.19 18.30
CA GLU E 175 -9.43 -34.12 17.17
C GLU E 175 -9.04 -35.57 17.55
N ASP E 176 -8.14 -35.67 18.51
CA ASP E 176 -7.69 -36.93 19.05
C ASP E 176 -7.48 -36.68 20.55
N TYR E 177 -8.60 -36.50 21.25
CA TYR E 177 -8.60 -36.32 22.70
C TYR E 177 -7.79 -37.36 23.43
N ASN E 178 -8.00 -38.61 23.06
CA ASN E 178 -7.38 -39.74 23.74
C ASN E 178 -5.85 -39.71 23.64
N GLY E 179 -5.36 -39.60 22.42
CA GLY E 179 -3.93 -39.57 22.16
C GLY E 179 -3.17 -38.32 22.60
N ASN E 180 -3.89 -37.21 22.80
CA ASN E 180 -3.26 -35.92 23.02
C ASN E 180 -3.45 -35.32 24.42
N ILE E 181 -4.42 -35.83 25.18
CA ILE E 181 -4.67 -35.31 26.51
C ILE E 181 -3.45 -35.21 27.43
N GLU E 182 -2.49 -36.12 27.35
CA GLU E 182 -1.24 -35.97 28.15
C GLU E 182 -0.56 -34.59 27.86
N ARG E 183 -0.31 -34.31 26.57
CA ARG E 183 0.33 -33.06 26.14
C ARG E 183 -0.52 -31.87 26.53
N PHE E 184 -1.83 -31.95 26.40
CA PHE E 184 -2.69 -30.86 26.82
C PHE E 184 -2.55 -30.58 28.32
N GLU E 185 -2.44 -31.65 29.10
CA GLU E 185 -2.29 -31.57 30.58
C GLU E 185 -0.99 -30.86 30.92
N LYS E 186 0.08 -31.27 30.26
CA LYS E 186 1.38 -30.63 30.43
C LYS E 186 1.43 -29.15 30.03
N ILE E 187 0.68 -28.76 28.98
CA ILE E 187 0.58 -27.36 28.57
C ILE E 187 0.10 -26.64 29.80
N TRP E 188 -1.05 -27.06 30.31
CA TRP E 188 -1.73 -26.30 31.35
C TRP E 188 -1.00 -26.33 32.68
N GLU E 189 -0.27 -27.41 32.95
CA GLU E 189 0.52 -27.49 34.17
C GLU E 189 1.51 -26.32 34.17
N GLN E 190 2.23 -26.19 33.05
CA GLN E 190 3.22 -25.14 32.80
C GLN E 190 2.66 -23.73 32.76
N ILE E 191 1.45 -23.56 32.20
CA ILE E 191 0.82 -22.24 32.19
C ILE E 191 0.63 -21.84 33.64
N ALA E 192 -0.11 -22.67 34.39
CA ALA E 192 -0.41 -22.38 35.80
C ALA E 192 0.86 -22.26 36.66
N GLU E 193 1.94 -22.96 36.30
CA GLU E 193 3.22 -22.76 36.96
C GLU E 193 3.72 -21.30 36.76
N ARG E 194 3.99 -20.91 35.51
CA ARG E 194 4.44 -19.55 35.16
C ARG E 194 3.57 -18.44 35.74
N PHE E 195 2.25 -18.60 35.74
CA PHE E 195 1.34 -17.53 36.12
C PHE E 195 0.76 -17.69 37.51
N LYS E 196 1.40 -18.47 38.38
CA LYS E 196 0.83 -18.73 39.71
C LYS E 196 0.74 -17.49 40.62
N ASN E 197 1.69 -16.56 40.51
CA ASN E 197 1.73 -15.36 41.37
C ASN E 197 1.02 -14.13 40.83
N LYS E 198 0.44 -14.24 39.64
CA LYS E 198 -0.20 -13.10 39.03
C LYS E 198 -1.41 -12.72 39.83
N SER E 199 -1.76 -11.45 39.75
CA SER E 199 -2.99 -10.92 40.32
C SER E 199 -4.18 -11.83 40.02
N GLU E 200 -5.16 -11.82 40.90
CA GLU E 200 -6.37 -12.62 40.72
C GLU E 200 -7.32 -12.08 39.62
N ASN E 201 -6.93 -10.98 39.00
CA ASN E 201 -7.62 -10.51 37.80
C ASN E 201 -7.21 -11.27 36.53
N LEU E 202 -6.08 -11.99 36.58
CA LEU E 202 -5.74 -12.98 35.57
C LEU E 202 -6.63 -14.23 35.72
N LEU E 203 -7.33 -14.57 34.66
CA LEU E 203 -8.29 -15.67 34.63
C LEU E 203 -7.80 -16.73 33.66
N PHE E 204 -8.07 -18.00 33.97
CA PHE E 204 -7.74 -19.11 33.08
C PHE E 204 -9.01 -19.65 32.47
N GLU E 205 -8.96 -19.82 31.16
CA GLU E 205 -10.02 -20.41 30.41
C GLU E 205 -9.40 -21.64 29.72
N ILE E 206 -9.99 -22.80 29.96
CA ILE E 206 -9.35 -24.07 29.64
C ILE E 206 -9.25 -24.27 28.12
N MET E 207 -10.37 -24.17 27.42
CA MET E 207 -10.37 -24.46 25.98
C MET E 207 -11.44 -23.67 25.29
N ASN E 208 -10.98 -22.89 24.33
CA ASN E 208 -11.88 -22.21 23.43
C ASN E 208 -12.51 -23.21 22.47
N GLU E 209 -13.84 -23.19 22.44
CA GLU E 209 -14.64 -23.71 21.32
C GLU E 209 -14.30 -25.15 20.92
N PRO E 210 -14.65 -26.13 21.79
CA PRO E 210 -14.58 -27.52 21.42
C PRO E 210 -15.58 -27.80 20.30
N PHE E 211 -15.19 -28.63 19.35
CA PHE E 211 -16.04 -29.02 18.26
C PHE E 211 -15.45 -30.25 17.61
N GLY E 212 -16.25 -30.93 16.81
CA GLY E 212 -15.80 -32.14 16.10
C GLY E 212 -15.78 -33.40 16.97
N ASN E 213 -14.65 -34.10 16.89
CA ASN E 213 -14.51 -35.46 17.44
C ASN E 213 -14.70 -35.58 18.94
N ILE E 214 -14.13 -34.66 19.71
CA ILE E 214 -14.28 -34.66 21.15
C ILE E 214 -15.75 -34.69 21.60
N THR E 215 -16.07 -35.60 22.53
CA THR E 215 -17.46 -35.83 23.02
C THR E 215 -17.78 -34.97 24.22
N ASP E 216 -19.09 -34.82 24.48
CA ASP E 216 -19.60 -34.12 25.66
C ASP E 216 -19.00 -34.69 26.98
N GLU E 217 -18.78 -36.01 27.00
CA GLU E 217 -18.20 -36.69 28.18
C GLU E 217 -16.73 -36.30 28.34
N GLN E 218 -16.01 -36.33 27.23
CA GLN E 218 -14.60 -35.90 27.19
C GLN E 218 -14.37 -34.42 27.49
N ILE E 219 -15.35 -33.58 27.15
CA ILE E 219 -15.29 -32.16 27.53
C ILE E 219 -15.38 -32.07 29.05
N ASP E 220 -16.45 -32.67 29.61
CA ASP E 220 -16.62 -32.76 31.09
C ASP E 220 -15.38 -33.39 31.80
N ASP E 221 -14.82 -34.41 31.19
CA ASP E 221 -13.63 -35.05 31.70
C ASP E 221 -12.48 -34.04 31.75
N MET E 222 -12.22 -33.42 30.59
CA MET E 222 -11.17 -32.41 30.43
C MET E 222 -11.26 -31.26 31.41
N ASN E 223 -12.47 -30.73 31.59
CA ASN E 223 -12.69 -29.60 32.47
C ASN E 223 -12.31 -29.96 33.88
N SER E 224 -12.68 -31.18 34.28
CA SER E 224 -12.40 -31.69 35.61
C SER E 224 -10.89 -31.97 35.84
N ARG E 225 -10.28 -32.75 34.95
CA ARG E 225 -8.83 -33.05 35.09
C ARG E 225 -7.97 -31.81 35.04
N ILE E 226 -8.25 -30.96 34.06
CA ILE E 226 -7.43 -29.77 33.86
C ILE E 226 -7.60 -28.83 35.06
N LEU E 227 -8.82 -28.70 35.58
CA LEU E 227 -9.05 -27.86 36.77
C LEU E 227 -8.20 -28.32 37.96
N LYS E 228 -8.12 -29.63 38.17
CA LYS E 228 -7.30 -30.16 39.26
C LYS E 228 -5.85 -29.77 39.10
N ILE E 229 -5.34 -29.85 37.87
CA ILE E 229 -3.95 -29.52 37.59
C ILE E 229 -3.67 -28.05 37.91
N ILE E 230 -4.59 -27.19 37.48
CA ILE E 230 -4.49 -25.75 37.75
C ILE E 230 -4.43 -25.51 39.26
N ARG E 231 -5.40 -26.10 39.96
CA ARG E 231 -5.56 -25.97 41.42
C ARG E 231 -4.35 -26.36 42.27
N LYS E 232 -3.55 -27.29 41.76
CA LYS E 232 -2.29 -27.66 42.37
C LYS E 232 -1.44 -26.44 42.68
N THR E 233 -1.25 -25.56 41.69
CA THR E 233 -0.48 -24.29 41.87
C THR E 233 -1.33 -23.00 41.97
N ASN E 234 -2.64 -23.08 41.73
CA ASN E 234 -3.54 -21.90 41.70
C ASN E 234 -4.82 -22.20 42.46
N PRO E 235 -4.76 -22.20 43.79
CA PRO E 235 -5.85 -22.72 44.61
C PRO E 235 -7.15 -22.00 44.41
N THR E 236 -7.09 -20.68 44.25
CA THR E 236 -8.31 -19.85 44.18
C THR E 236 -8.58 -19.11 42.87
N ARG E 237 -7.59 -19.04 41.98
CA ARG E 237 -7.77 -18.32 40.72
C ARG E 237 -9.01 -18.78 39.94
N ILE E 238 -9.81 -17.82 39.49
CA ILE E 238 -11.05 -18.17 38.83
C ILE E 238 -10.78 -18.86 37.47
N VAL E 239 -11.60 -19.86 37.14
CA VAL E 239 -11.37 -20.66 35.95
C VAL E 239 -12.62 -20.69 35.09
N ILE E 240 -12.43 -20.50 33.78
CA ILE E 240 -13.58 -20.35 32.88
C ILE E 240 -13.73 -21.63 32.09
N ILE E 241 -14.94 -22.15 32.09
CA ILE E 241 -15.24 -23.43 31.47
C ILE E 241 -16.51 -23.36 30.65
N GLY E 242 -16.59 -24.22 29.65
CA GLY E 242 -17.81 -24.32 28.86
C GLY E 242 -17.90 -25.61 28.07
N GLY E 243 -18.95 -25.65 27.24
CA GLY E 243 -19.33 -26.85 26.51
C GLY E 243 -18.91 -26.90 25.06
N GLY E 244 -19.36 -27.97 24.40
CA GLY E 244 -19.06 -28.22 22.99
C GLY E 244 -19.90 -27.35 22.07
N TYR E 245 -19.99 -27.75 20.81
CA TYR E 245 -20.62 -26.95 19.77
C TYR E 245 -20.18 -25.48 19.75
N TRP E 246 -18.87 -25.27 19.77
CA TRP E 246 -18.22 -23.95 19.69
C TRP E 246 -18.67 -23.06 20.85
N ASN E 247 -18.58 -23.62 22.05
CA ASN E 247 -19.10 -23.00 23.25
C ASN E 247 -20.50 -22.42 23.08
N SER E 248 -21.40 -23.18 22.47
CA SER E 248 -22.83 -22.81 22.41
C SER E 248 -23.40 -22.63 23.82
N TYR E 249 -24.44 -21.81 23.95
CA TYR E 249 -25.20 -21.67 25.19
C TYR E 249 -25.89 -23.02 25.50
N ASN E 250 -26.37 -23.71 24.46
CA ASN E 250 -27.04 -24.98 24.63
C ASN E 250 -26.19 -26.07 25.25
N THR E 251 -24.88 -26.11 24.97
CA THR E 251 -24.02 -27.04 25.66
C THR E 251 -23.65 -26.54 27.05
N LEU E 252 -23.48 -25.22 27.22
CA LEU E 252 -23.10 -24.65 28.52
C LEU E 252 -24.05 -25.04 29.63
N VAL E 253 -25.34 -24.95 29.35
CA VAL E 253 -26.36 -25.27 30.36
C VAL E 253 -26.44 -26.75 30.73
N ASN E 254 -25.76 -27.61 29.97
CA ASN E 254 -25.77 -29.05 30.17
C ASN E 254 -24.45 -29.60 30.68
N ILE E 255 -23.40 -28.81 30.79
CA ILE E 255 -22.10 -29.32 31.20
C ILE E 255 -22.12 -29.74 32.68
N LYS E 256 -21.22 -30.66 33.03
CA LYS E 256 -21.02 -31.08 34.41
C LYS E 256 -20.13 -30.06 35.04
N ILE E 257 -20.61 -29.42 36.10
CA ILE E 257 -19.83 -28.41 36.77
C ILE E 257 -18.96 -29.09 37.83
N PRO E 258 -17.63 -28.92 37.76
CA PRO E 258 -16.82 -29.41 38.88
C PRO E 258 -17.24 -28.81 40.21
N ASP E 259 -17.10 -29.57 41.29
CA ASP E 259 -17.42 -29.07 42.64
C ASP E 259 -16.25 -28.18 43.07
N ASP E 260 -16.39 -26.88 42.77
CA ASP E 260 -15.33 -25.88 42.98
C ASP E 260 -16.04 -24.53 43.11
N PRO E 261 -15.58 -23.67 44.03
CA PRO E 261 -16.28 -22.38 44.20
C PRO E 261 -15.80 -21.22 43.29
N TYR E 262 -14.69 -21.39 42.55
CA TYR E 262 -14.07 -20.32 41.72
C TYR E 262 -14.15 -20.61 40.22
N LEU E 263 -15.37 -20.61 39.70
CA LEU E 263 -15.65 -20.99 38.31
C LEU E 263 -16.59 -20.03 37.63
N ILE E 264 -16.37 -19.83 36.34
CA ILE E 264 -17.32 -19.10 35.48
C ILE E 264 -17.65 -19.97 34.28
N GLY E 265 -18.92 -20.02 33.91
CA GLY E 265 -19.31 -20.72 32.69
C GLY E 265 -19.31 -19.73 31.52
N THR E 266 -18.99 -20.19 30.32
CA THR E 266 -18.97 -19.30 29.17
C THR E 266 -19.67 -19.84 27.95
N ALA E 267 -20.35 -18.94 27.24
CA ALA E 267 -20.87 -19.21 25.89
C ALA E 267 -20.33 -18.14 24.97
N HIS E 268 -20.36 -18.46 23.69
CA HIS E 268 -20.08 -17.51 22.62
C HIS E 268 -21.39 -17.35 21.95
N TYR E 269 -21.87 -16.12 21.79
CA TYR E 269 -23.16 -15.87 21.10
C TYR E 269 -22.93 -15.32 19.69
N TYR E 270 -23.43 -16.04 18.68
CA TYR E 270 -23.31 -15.67 17.27
C TYR E 270 -24.59 -16.00 16.51
N ASP E 271 -25.72 -16.14 17.21
CA ASP E 271 -26.98 -16.47 16.54
C ASP E 271 -27.70 -15.21 16.03
N PRO E 272 -28.43 -15.32 14.91
CA PRO E 272 -28.37 -16.44 13.97
C PRO E 272 -27.00 -16.49 13.34
N PHE E 273 -26.51 -17.70 13.07
CA PHE E 273 -25.13 -17.89 12.61
C PHE E 273 -24.96 -17.35 11.20
N GLU E 274 -25.91 -17.74 10.35
CA GLU E 274 -25.92 -17.34 8.96
C GLU E 274 -25.94 -15.82 8.82
N PHE E 275 -26.59 -15.13 9.74
CA PHE E 275 -26.51 -13.67 9.80
C PHE E 275 -25.13 -13.17 10.25
N THR E 276 -24.67 -13.61 11.43
CA THR E 276 -23.41 -13.09 11.97
C THR E 276 -22.20 -13.48 11.14
N HIS E 277 -22.32 -14.55 10.37
CA HIS E 277 -21.21 -15.07 9.57
C HIS E 277 -21.40 -14.96 8.04
N GLN E 278 -22.34 -14.13 7.58
CA GLN E 278 -22.50 -14.02 6.11
C GLN E 278 -21.16 -13.59 5.47
N GLY E 279 -20.71 -14.37 4.49
CA GLY E 279 -19.50 -14.07 3.75
C GLY E 279 -18.16 -14.27 4.43
N ALA E 280 -18.14 -14.78 5.66
CA ALA E 280 -16.86 -15.18 6.29
C ALA E 280 -16.22 -16.13 5.32
N GLU E 281 -15.00 -15.83 4.87
CA GLU E 281 -14.36 -16.69 3.88
C GLU E 281 -14.00 -18.08 4.41
N TRP E 282 -13.70 -18.16 5.69
CA TRP E 282 -13.31 -19.41 6.33
C TRP E 282 -14.52 -20.34 6.59
N VAL E 283 -15.73 -19.82 6.43
CA VAL E 283 -16.97 -20.62 6.46
C VAL E 283 -17.47 -20.97 5.06
N GLU E 284 -17.58 -22.27 4.80
CA GLU E 284 -18.00 -22.82 3.53
C GLU E 284 -19.50 -22.63 3.35
N GLY E 285 -19.91 -22.16 2.17
CA GLY E 285 -21.29 -21.78 1.87
C GLY E 285 -21.75 -20.41 2.35
N SER E 286 -20.85 -19.65 2.98
CA SER E 286 -21.23 -18.40 3.66
C SER E 286 -21.72 -17.32 2.71
N GLU E 287 -21.31 -17.38 1.45
CA GLU E 287 -21.74 -16.41 0.43
C GLU E 287 -23.22 -16.43 0.17
N LYS E 288 -23.86 -17.57 0.35
CA LYS E 288 -25.31 -17.69 0.15
C LYS E 288 -26.13 -16.86 1.14
N TRP E 289 -25.53 -16.41 2.24
CA TRP E 289 -26.27 -15.69 3.29
C TRP E 289 -26.09 -14.17 3.22
N LEU E 290 -25.32 -13.67 2.25
CA LEU E 290 -25.12 -12.22 2.11
C LEU E 290 -26.45 -11.50 1.90
N GLY E 291 -26.70 -10.45 2.69
CA GLY E 291 -27.92 -9.65 2.55
C GLY E 291 -28.97 -9.98 3.58
N ARG E 292 -28.73 -11.02 4.37
CA ARG E 292 -29.57 -11.33 5.52
C ARG E 292 -29.54 -10.14 6.47
N LYS E 293 -30.72 -9.67 6.85
CA LYS E 293 -30.86 -8.57 7.76
C LYS E 293 -31.36 -9.12 9.09
N TRP E 294 -31.11 -8.35 10.13
CA TRP E 294 -31.47 -8.73 11.49
C TRP E 294 -32.16 -7.56 12.16
N GLY E 295 -33.24 -7.85 12.87
CA GLY E 295 -33.83 -6.88 13.79
C GLY E 295 -35.31 -6.91 14.02
N THR E 296 -36.00 -7.99 13.65
CA THR E 296 -37.47 -8.06 13.77
C THR E 296 -37.86 -8.16 15.25
N GLN E 297 -39.17 -8.16 15.48
CA GLN E 297 -39.75 -8.49 16.78
C GLN E 297 -39.21 -9.88 17.22
N GLU E 298 -39.57 -10.92 16.46
CA GLU E 298 -39.10 -12.30 16.63
C GLU E 298 -37.60 -12.41 16.96
N ASP E 299 -36.77 -11.73 16.15
CA ASP E 299 -35.31 -11.79 16.27
C ASP E 299 -34.84 -11.39 17.67
N MET E 300 -35.53 -10.41 18.24
CA MET E 300 -35.22 -9.88 19.57
C MET E 300 -35.86 -10.73 20.65
N ASP E 301 -37.08 -11.18 20.42
CA ASP E 301 -37.75 -12.11 21.34
C ASP E 301 -36.88 -13.30 21.61
N THR E 302 -36.35 -13.90 20.53
CA THR E 302 -35.46 -15.07 20.58
C THR E 302 -34.24 -14.83 21.46
N VAL E 303 -33.63 -13.64 21.33
CA VAL E 303 -32.46 -13.28 22.14
C VAL E 303 -32.80 -13.29 23.62
N VAL E 304 -33.94 -12.66 23.93
CA VAL E 304 -34.49 -12.60 25.29
C VAL E 304 -34.76 -13.99 25.85
N ARG E 305 -35.58 -14.78 25.15
CA ARG E 305 -35.83 -16.18 25.54
C ARG E 305 -34.54 -16.93 25.94
N VAL E 306 -33.51 -16.82 25.12
CA VAL E 306 -32.26 -17.56 25.30
C VAL E 306 -31.43 -17.01 26.45
N PHE E 307 -31.31 -15.69 26.50
CA PHE E 307 -30.55 -15.04 27.55
C PHE E 307 -31.23 -15.23 28.94
N ASP E 308 -32.55 -15.39 28.93
CA ASP E 308 -33.31 -15.81 30.12
C ASP E 308 -32.97 -17.23 30.49
N PHE E 309 -33.07 -18.13 29.53
CA PHE E 309 -32.69 -19.54 29.70
C PHE E 309 -31.33 -19.66 30.40
N VAL E 310 -30.39 -18.85 29.96
CA VAL E 310 -29.06 -18.85 30.54
C VAL E 310 -29.09 -18.29 31.96
N LYS E 311 -29.94 -17.28 32.17
CA LYS E 311 -30.19 -16.69 33.49
C LYS E 311 -30.56 -17.74 34.54
N SER E 312 -31.61 -18.53 34.29
CA SER E 312 -32.07 -19.59 35.20
C SER E 312 -30.95 -20.52 35.58
N TRP E 313 -30.24 -21.00 34.57
CA TRP E 313 -29.09 -21.84 34.77
C TRP E 313 -28.02 -21.17 35.64
N SER E 314 -27.78 -19.87 35.46
CA SER E 314 -26.80 -19.16 36.32
C SER E 314 -27.23 -19.09 37.81
N ASP E 315 -28.46 -18.65 38.04
CA ASP E 315 -29.06 -18.60 39.38
C ASP E 315 -29.16 -20.02 40.02
N ARG E 316 -29.75 -20.96 39.29
CA ARG E 316 -29.95 -22.34 39.71
C ARG E 316 -28.65 -23.05 40.13
N ASN E 317 -27.54 -22.86 39.41
CA ASN E 317 -26.30 -23.63 39.67
C ASN E 317 -25.26 -22.79 40.39
N ASN E 318 -25.67 -21.59 40.79
CA ASN E 318 -24.78 -20.61 41.40
C ASN E 318 -23.43 -20.42 40.71
N ILE E 319 -23.49 -20.22 39.39
CA ILE E 319 -22.29 -19.96 38.59
C ILE E 319 -22.52 -18.77 37.62
N PRO E 320 -21.54 -17.83 37.51
CA PRO E 320 -21.73 -16.67 36.64
C PRO E 320 -21.50 -16.98 35.16
N VAL E 321 -22.07 -16.14 34.31
CA VAL E 321 -22.01 -16.32 32.86
C VAL E 321 -21.16 -15.23 32.20
N TYR E 322 -20.18 -15.66 31.41
CA TYR E 322 -19.29 -14.80 30.63
C TYR E 322 -19.50 -15.10 29.16
N PHE E 323 -20.01 -14.13 28.41
CA PHE E 323 -20.03 -14.22 26.94
C PHE E 323 -18.72 -13.68 26.41
N GLY E 324 -17.77 -14.58 26.22
CA GLY E 324 -16.40 -14.21 25.83
C GLY E 324 -16.14 -13.94 24.36
N GLU E 325 -17.15 -14.16 23.51
CA GLU E 325 -17.15 -13.71 22.13
C GLU E 325 -18.58 -13.41 21.70
N PHE E 326 -18.69 -12.40 20.85
CA PHE E 326 -19.87 -12.07 20.09
C PHE E 326 -19.42 -10.97 19.10
N ALA E 327 -19.89 -11.04 17.87
CA ALA E 327 -19.53 -10.09 16.80
C ALA E 327 -20.34 -10.39 15.53
N VAL E 328 -20.19 -9.55 14.53
CA VAL E 328 -20.91 -9.67 13.25
C VAL E 328 -19.95 -9.37 12.11
N MET E 329 -20.11 -10.11 11.02
CA MET E 329 -19.38 -9.83 9.79
C MET E 329 -19.72 -8.42 9.26
N ALA E 330 -18.70 -7.69 8.84
CA ALA E 330 -18.89 -6.36 8.25
C ALA E 330 -19.62 -6.39 6.90
N TYR E 331 -19.74 -7.56 6.25
CA TYR E 331 -20.65 -7.73 5.14
C TYR E 331 -22.12 -7.46 5.51
N ALA E 332 -22.45 -7.48 6.78
CA ALA E 332 -23.85 -7.35 7.19
C ALA E 332 -24.33 -5.94 6.98
N ASP E 333 -25.53 -5.81 6.40
CA ASP E 333 -26.27 -4.54 6.34
C ASP E 333 -25.95 -3.74 7.61
N ARG E 334 -25.43 -2.54 7.42
CA ARG E 334 -24.92 -1.69 8.51
C ARG E 334 -25.90 -1.50 9.67
N THR E 335 -27.17 -1.29 9.34
CA THR E 335 -28.19 -1.09 10.36
C THR E 335 -28.31 -2.37 11.20
N SER E 336 -28.51 -3.50 10.53
CA SER E 336 -28.62 -4.79 11.19
C SER E 336 -27.40 -5.04 12.07
N ARG E 337 -26.20 -4.90 11.50
CA ARG E 337 -24.95 -5.08 12.24
C ARG E 337 -24.87 -4.29 13.56
N VAL E 338 -25.11 -2.98 13.50
CA VAL E 338 -24.93 -2.12 14.67
C VAL E 338 -25.97 -2.48 15.73
N LYS E 339 -27.21 -2.69 15.29
CA LYS E 339 -28.32 -3.02 16.19
C LYS E 339 -28.10 -4.32 16.98
N TRP E 340 -27.52 -5.31 16.30
CA TRP E 340 -27.29 -6.63 16.87
C TRP E 340 -26.26 -6.50 17.95
N TYR E 341 -25.15 -5.85 17.63
CA TYR E 341 -24.12 -5.58 18.61
C TYR E 341 -24.71 -4.91 19.84
N ASP E 342 -25.63 -3.97 19.64
CA ASP E 342 -26.15 -3.16 20.73
C ASP E 342 -27.10 -3.93 21.60
N PHE E 343 -28.02 -4.65 20.95
CA PHE E 343 -29.09 -5.38 21.64
C PHE E 343 -28.55 -6.55 22.47
N ILE E 344 -27.70 -7.37 21.85
CA ILE E 344 -27.02 -8.44 22.55
C ILE E 344 -26.30 -7.87 23.79
N SER E 345 -25.45 -6.88 23.57
CA SER E 345 -24.73 -6.20 24.67
C SER E 345 -25.67 -5.80 25.80
N ASP E 346 -26.78 -5.16 25.43
CA ASP E 346 -27.72 -4.63 26.40
C ASP E 346 -28.31 -5.79 27.18
N ALA E 347 -28.78 -6.80 26.45
CA ALA E 347 -29.40 -8.00 27.03
C ALA E 347 -28.45 -8.82 27.92
N ALA E 348 -27.16 -8.86 27.59
CA ALA E 348 -26.14 -9.57 28.38
C ALA E 348 -25.86 -8.87 29.70
N LEU E 349 -25.57 -7.58 29.63
CA LEU E 349 -25.21 -6.76 30.78
C LEU E 349 -26.41 -6.51 31.70
N GLU E 350 -27.60 -6.49 31.13
CA GLU E 350 -28.85 -6.41 31.89
C GLU E 350 -29.02 -7.56 32.88
N ARG E 351 -28.47 -8.74 32.58
CA ARG E 351 -28.62 -9.93 33.46
C ARG E 351 -27.32 -10.26 34.17
N GLY E 352 -26.42 -9.29 34.24
CA GLY E 352 -25.22 -9.41 35.02
C GLY E 352 -24.13 -10.21 34.36
N PHE E 353 -24.27 -10.56 33.06
CA PHE E 353 -23.22 -11.33 32.38
C PHE E 353 -21.99 -10.46 32.09
N ALA E 354 -20.81 -11.07 32.13
CA ALA E 354 -19.61 -10.43 31.61
C ALA E 354 -19.64 -10.60 30.09
N CYS E 355 -18.85 -9.79 29.38
CA CYS E 355 -18.79 -9.79 27.91
C CYS E 355 -17.39 -9.41 27.42
N SER E 356 -16.91 -10.12 26.40
CA SER E 356 -15.79 -9.66 25.61
C SER E 356 -16.24 -9.70 24.16
N VAL E 357 -16.34 -8.52 23.55
CA VAL E 357 -16.64 -8.40 22.13
C VAL E 357 -15.51 -9.01 21.33
N TRP E 358 -15.89 -9.68 20.24
CA TRP E 358 -14.88 -10.19 19.32
C TRP E 358 -14.46 -9.07 18.37
N ASP E 359 -13.15 -8.90 18.24
CA ASP E 359 -12.51 -7.87 17.41
C ASP E 359 -11.23 -8.45 16.86
N ASN E 360 -11.15 -8.66 15.54
CA ASN E 360 -9.92 -9.14 14.87
C ASN E 360 -9.07 -8.08 14.15
N GLY E 361 -9.49 -6.81 14.22
CA GLY E 361 -8.75 -5.72 13.56
C GLY E 361 -8.60 -5.87 12.05
N VAL E 362 -9.58 -6.48 11.39
CA VAL E 362 -9.48 -6.74 9.97
C VAL E 362 -10.57 -5.98 9.30
N PHE E 363 -10.16 -5.06 8.45
CA PHE E 363 -11.09 -4.18 7.74
C PHE E 363 -11.13 -4.45 6.23
N GLY E 364 -10.13 -5.17 5.69
CA GLY E 364 -10.16 -5.51 4.27
C GLY E 364 -9.35 -6.76 3.97
N SER E 365 -9.91 -7.72 3.23
CA SER E 365 -11.25 -7.65 2.65
C SER E 365 -12.38 -7.88 3.67
N LEU E 366 -13.61 -7.57 3.26
CA LEU E 366 -14.79 -7.78 4.09
C LEU E 366 -15.00 -9.26 4.41
N ASP E 367 -14.55 -10.14 3.51
CA ASP E 367 -14.22 -11.55 3.77
C ASP E 367 -13.91 -11.90 5.22
N ASN E 368 -12.96 -11.16 5.80
CA ASN E 368 -12.42 -11.49 7.11
C ASN E 368 -12.71 -10.45 8.17
N ASP E 369 -13.70 -9.57 7.96
CA ASP E 369 -13.86 -8.38 8.81
C ASP E 369 -14.92 -8.60 9.89
N MET E 370 -14.45 -8.76 11.12
CA MET E 370 -15.30 -8.68 12.34
C MET E 370 -14.63 -7.72 13.30
N ALA E 371 -14.49 -6.49 12.84
CA ALA E 371 -13.56 -5.55 13.45
C ALA E 371 -14.23 -4.38 14.11
N ILE E 372 -13.44 -3.75 14.97
CA ILE E 372 -13.75 -2.48 15.64
C ILE E 372 -12.52 -1.55 15.67
N TYR E 373 -11.37 -2.07 16.09
CA TYR E 373 -10.19 -1.28 16.36
C TYR E 373 -9.11 -1.50 15.31
N ASN E 374 -8.60 -0.38 14.77
CA ASN E 374 -7.59 -0.35 13.74
C ASN E 374 -6.23 -0.11 14.40
N ARG E 375 -5.34 -1.08 14.25
CA ARG E 375 -4.07 -1.08 14.96
C ARG E 375 -3.00 -0.28 14.24
N ASP E 376 -3.24 0.04 12.98
CA ASP E 376 -2.40 0.96 12.24
C ASP E 376 -2.73 2.44 12.60
N THR E 377 -4.02 2.77 12.65
CA THR E 377 -4.48 4.16 12.83
C THR E 377 -4.97 4.47 14.25
N ARG E 378 -4.93 3.48 15.14
CA ARG E 378 -5.43 3.63 16.51
C ARG E 378 -6.81 4.29 16.55
N THR E 379 -7.76 3.82 15.73
CA THR E 379 -9.16 4.31 15.74
C THR E 379 -10.17 3.19 16.04
N PHE E 380 -11.39 3.55 16.43
CA PHE E 380 -12.43 2.59 16.78
C PHE E 380 -13.69 2.91 15.98
N ASP E 381 -14.40 1.87 15.55
CA ASP E 381 -15.73 2.04 14.97
C ASP E 381 -16.61 2.51 16.13
N THR E 382 -16.62 3.83 16.28
CA THR E 382 -17.25 4.55 17.38
C THR E 382 -18.71 4.20 17.55
N GLU E 383 -19.39 3.97 16.44
CA GLU E 383 -20.85 3.74 16.46
C GLU E 383 -21.18 2.40 17.16
N ILE E 384 -20.29 1.42 16.97
CA ILE E 384 -20.40 0.11 17.61
C ILE E 384 -19.94 0.15 19.07
N LEU E 385 -18.82 0.81 19.32
CA LEU E 385 -18.38 1.14 20.67
C LEU E 385 -19.55 1.57 21.56
N ASN E 386 -20.32 2.55 21.10
CA ASN E 386 -21.47 3.05 21.85
C ASN E 386 -22.58 2.04 22.02
N ALA E 387 -22.73 1.15 21.04
CA ALA E 387 -23.73 0.06 21.14
C ALA E 387 -23.47 -0.92 22.31
N LEU E 388 -22.18 -1.17 22.50
CA LEU E 388 -21.68 -2.08 23.52
C LEU E 388 -21.96 -1.50 24.90
N PHE E 389 -21.43 -0.30 25.13
CA PHE E 389 -21.50 0.35 26.45
C PHE E 389 -22.88 0.90 26.85
N ASN E 390 -23.65 1.38 25.87
CA ASN E 390 -24.86 2.16 26.19
C ASN E 390 -26.15 1.43 25.81
N PRO E 391 -27.23 1.74 26.55
CA PRO E 391 -28.52 1.18 26.18
C PRO E 391 -29.04 1.82 24.92
N GLY E 392 -29.21 1.02 23.87
CA GLY E 392 -29.97 1.45 22.72
C GLY E 392 -31.43 1.61 23.07
N THR E 393 -32.15 2.22 22.15
CA THR E 393 -33.60 2.36 22.25
C THR E 393 -34.13 1.78 20.93
N TYR E 394 -35.16 0.94 21.02
CA TYR E 394 -35.60 0.11 19.89
C TYR E 394 -37.06 0.41 19.64
N PRO E 395 -37.37 1.27 18.64
CA PRO E 395 -38.74 1.79 18.54
C PRO E 395 -39.88 0.79 18.29
N SER E 396 -39.61 -0.47 17.93
CA SER E 396 -40.71 -1.41 17.61
C SER E 396 -40.63 -2.74 18.39
N TYR E 397 -40.89 -2.71 19.70
CA TYR E 397 -40.64 -3.87 20.62
C TYR E 397 -41.26 -3.71 22.06
#